data_7X2U
#
_entry.id   7X2U
#
_cell.length_a   1.00
_cell.length_b   1.00
_cell.length_c   1.00
_cell.angle_alpha   90.00
_cell.angle_beta   90.00
_cell.angle_gamma   90.00
#
_symmetry.space_group_name_H-M   'P 1'
#
loop_
_entity.id
_entity.type
_entity.pdbx_description
1 polymer 'Sodium/hydrogen exchanger 3'
2 polymer 'Calcineurin B homologous protein 1'
3 non-polymer '[(2~{R})-2-hexadecanoyloxy-3-[oxidanyl-[(2~{S},3~{S},5~{R},6~{S})-2,3,4,5,6-pentakis(oxidanyl)cyclohexyl]oxy-phosphoryl]oxy-propyl] hexadecanoate'
4 non-polymer '(1S)-2-{[{[(2R)-2,3-DIHYDROXYPROPYL]OXY}(HYDROXY)PHOSPHORYL]OXY}-1-[(PALMITOYLOXY)METHYL]ETHYL STEARATE'
#
loop_
_entity_poly.entity_id
_entity_poly.type
_entity_poly.pdbx_seq_one_letter_code
_entity_poly.pdbx_strand_id
1 'polypeptide(L)'
;GGFQVVTFEWAHVQDPYVIALWILVASLAKIGFHLSHKVTSVVPESALLIVLGLVLGGIVWAADHIASFTLTPTVFFFYL
LPPIVLDAGYFMPNRLFFGNLGTILLYAVVGTVWNAATTGLSLYGVFLSGLMGDLQIGLLDFLLFGSLMAAVDPVAVLAV
FEEVHVNEVLFIIVFGESLLNDAVTVVLYNVFESFVALGGDNVTGVDCVKGIVSFFVVSLGGTLVGVVFAFLLSLVTRFT
KHVRIIEPGFVFIISYLSYLTSEMLSLSAILAITFCGICCQKYVKANISEQSATTVRYTMKMLASSAETIIFMFLGISAV
NPFIWTWNTAFVLLTLVFISVYRAIGVVLQTWLLNRYRMVQLEPIDQVVLSYGGLRGAVAFALVVLLDGDKVKEKNLFVS
TTIIVVFFTVIFQGLTIKPLVQWLKVKRSEHREPRLNEKLHGRAFDHILSAIEDISGQIGHNYLRDKWSHFDRKFLSRVL
MRRSAQKSRDRILNVFHELNLKDAISYVAEGERRGSLAFIRSPSTDNVVNVDFTPRSSTVEASVSYLLRENVSAVCLDMQ
SLEQRRRSIRDAEDMVTHHTLQQYLYKPRQEYKHLYSRHELTPTEDEKQDREIFHRTMRKRLESFK
;
A,B
2 'polypeptide(L)'
;DEELEEIKKETGFSHSQITRLYSRFTSLDKGENGTLSREDFQRIPELAINPLGDRIINAFFPEGEDQVNFRGFMRTLAHF
RPIEDNEKSKDVNGPEPLNSRSNKLHFAFRLYDLDKDEKISRDELLQVLRMMVGVNISDEQLGSIADRTIQEADQDGDSI
ASFTEFVKVLEKVDVEQKMSIRFLH
;
C,D
#
loop_
_chem_comp.id
_chem_comp.type
_chem_comp.name
_chem_comp.formula
85R non-polymer '[(2~{R})-2-hexadecanoyloxy-3-[oxidanyl-[(2~{S},3~{S},5~{R},6~{S})-2,3,4,5,6-pentakis(oxidanyl)cyclohexyl]oxy-phosphoryl]oxy-propyl] hexadecanoate' 'C41 H79 O13 P'
PGT non-polymer '(1S)-2-{[{[(2R)-2,3-DIHYDROXYPROPYL]OXY}(HYDROXY)PHOSPHORYL]OXY}-1-[(PALMITOYLOXY)METHYL]ETHYL STEARATE' 'C40 H79 O10 P'
#
# COMPACT_ATOMS: atom_id res chain seq x y z
N GLY A 1 22.89 41.74 6.67
CA GLY A 1 22.15 42.02 7.88
C GLY A 1 20.70 42.41 7.63
N GLY A 2 20.33 42.50 6.35
CA GLY A 2 18.98 42.86 5.99
C GLY A 2 18.12 41.67 5.64
N PHE A 3 17.68 41.59 4.39
CA PHE A 3 16.90 40.45 3.90
C PHE A 3 17.82 39.53 3.12
N GLN A 4 17.86 38.27 3.50
CA GLN A 4 18.76 37.30 2.89
C GLN A 4 18.02 36.53 1.82
N VAL A 5 18.61 36.48 0.62
CA VAL A 5 17.98 35.77 -0.49
C VAL A 5 17.84 34.28 -0.15
N VAL A 6 18.92 33.65 0.27
CA VAL A 6 18.92 32.25 0.66
C VAL A 6 19.76 32.08 1.92
N THR A 7 19.29 31.25 2.84
CA THR A 7 19.98 30.97 4.08
C THR A 7 20.07 29.47 4.26
N PHE A 8 21.27 28.94 4.37
CA PHE A 8 21.42 27.53 4.70
C PHE A 8 20.98 27.31 6.13
N GLU A 9 19.91 26.55 6.31
CA GLU A 9 19.30 26.36 7.62
C GLU A 9 19.19 24.86 7.88
N TRP A 10 20.26 24.28 8.40
CA TRP A 10 20.28 22.86 8.70
C TRP A 10 19.70 22.55 10.07
N ALA A 11 19.81 23.48 11.03
CA ALA A 11 19.24 23.20 12.35
C ALA A 11 17.72 23.07 12.27
N HIS A 12 17.10 23.74 11.30
CA HIS A 12 15.68 23.64 11.06
C HIS A 12 15.27 22.23 10.68
N VAL A 13 15.75 21.74 9.54
CA VAL A 13 15.44 20.39 9.07
C VAL A 13 16.56 19.51 9.58
N GLN A 14 16.45 19.12 10.82
CA GLN A 14 17.54 18.34 11.37
C GLN A 14 17.07 17.06 12.02
N ASP A 15 15.95 17.10 12.72
CA ASP A 15 15.41 15.89 13.27
C ASP A 15 14.77 15.06 12.15
N PRO A 16 13.79 15.60 11.42
CA PRO A 16 13.21 14.78 10.35
C PRO A 16 14.21 14.41 9.28
N TYR A 17 15.18 15.27 9.00
CA TYR A 17 16.17 14.96 7.99
C TYR A 17 17.01 13.76 8.38
N VAL A 18 17.47 13.73 9.63
CA VAL A 18 18.30 12.62 10.06
C VAL A 18 17.48 11.34 10.19
N ILE A 19 16.23 11.45 10.63
CA ILE A 19 15.40 10.25 10.71
C ILE A 19 15.14 9.68 9.33
N ALA A 20 14.81 10.54 8.37
CA ALA A 20 14.62 10.08 7.01
C ALA A 20 15.90 9.55 6.39
N LEU A 21 17.04 10.14 6.74
CA LEU A 21 18.32 9.61 6.26
C LEU A 21 18.57 8.23 6.84
N TRP A 22 18.25 8.03 8.12
CA TRP A 22 18.36 6.71 8.71
C TRP A 22 17.56 5.69 7.91
N ILE A 23 16.28 6.00 7.67
CA ILE A 23 15.42 5.06 6.97
C ILE A 23 15.93 4.82 5.56
N LEU A 24 16.36 5.87 4.86
CA LEU A 24 16.85 5.72 3.50
C LEU A 24 18.10 4.88 3.44
N VAL A 25 19.05 5.14 4.34
CA VAL A 25 20.31 4.40 4.33
C VAL A 25 20.07 2.95 4.68
N ALA A 26 19.13 2.69 5.60
CA ALA A 26 18.80 1.30 5.89
C ALA A 26 18.16 0.62 4.69
N SER A 27 17.33 1.33 3.94
CA SER A 27 16.72 0.75 2.75
C SER A 27 17.76 0.47 1.68
N LEU A 28 18.72 1.36 1.50
CA LEU A 28 19.81 1.10 0.55
C LEU A 28 20.65 -0.09 1.00
N ALA A 29 20.94 -0.18 2.29
CA ALA A 29 21.65 -1.34 2.79
C ALA A 29 20.84 -2.61 2.62
N LYS A 30 19.52 -2.51 2.59
CA LYS A 30 18.69 -3.67 2.28
C LYS A 30 18.75 -4.01 0.80
N ILE A 31 18.91 -3.00 -0.05
CA ILE A 31 19.14 -3.27 -1.47
C ILE A 31 20.41 -4.09 -1.65
N GLY A 32 21.47 -3.70 -0.94
CA GLY A 32 22.70 -4.46 -0.99
C GLY A 32 22.59 -5.82 -0.32
N PHE A 33 21.89 -5.88 0.81
CA PHE A 33 21.83 -7.10 1.62
C PHE A 33 21.16 -8.23 0.87
N HIS A 34 19.96 -7.99 0.36
CA HIS A 34 19.17 -9.02 -0.27
C HIS A 34 19.60 -9.32 -1.69
N LEU A 35 20.69 -8.71 -2.14
CA LEU A 35 21.14 -8.92 -3.50
C LEU A 35 21.53 -10.36 -3.74
N SER A 36 22.22 -10.97 -2.79
CA SER A 36 22.73 -12.33 -2.93
C SER A 36 22.12 -13.22 -1.86
N HIS A 37 21.56 -14.35 -2.28
CA HIS A 37 21.03 -15.33 -1.35
C HIS A 37 22.13 -15.93 -0.48
N LYS A 38 23.39 -15.85 -0.92
CA LYS A 38 24.50 -16.32 -0.10
C LYS A 38 24.69 -15.50 1.17
N VAL A 39 24.05 -14.33 1.27
CA VAL A 39 24.13 -13.50 2.46
C VAL A 39 22.89 -13.62 3.32
N THR A 40 21.71 -13.46 2.72
CA THR A 40 20.47 -13.49 3.48
C THR A 40 20.19 -14.86 4.07
N SER A 41 20.84 -15.90 3.56
CA SER A 41 20.72 -17.23 4.15
C SER A 41 21.71 -17.48 5.27
N VAL A 42 22.60 -16.52 5.55
CA VAL A 42 23.65 -16.67 6.55
C VAL A 42 23.54 -15.62 7.63
N VAL A 43 23.29 -14.38 7.26
CA VAL A 43 23.25 -13.26 8.20
C VAL A 43 21.78 -12.94 8.50
N PRO A 44 21.37 -12.94 9.77
CA PRO A 44 20.06 -12.38 10.10
C PRO A 44 20.04 -10.89 9.81
N GLU A 45 18.89 -10.41 9.33
CA GLU A 45 18.81 -9.02 8.91
C GLU A 45 18.93 -8.08 10.10
N SER A 46 18.58 -8.56 11.28
CA SER A 46 18.82 -7.77 12.49
C SER A 46 20.29 -7.44 12.65
N ALA A 47 21.16 -8.37 12.27
CA ALA A 47 22.59 -8.11 12.32
C ALA A 47 22.98 -7.01 11.35
N LEU A 48 22.39 -7.00 10.16
CA LEU A 48 22.63 -5.91 9.23
C LEU A 48 22.23 -4.58 9.85
N LEU A 49 21.05 -4.52 10.46
CA LEU A 49 20.61 -3.26 11.03
C LEU A 49 21.49 -2.82 12.18
N ILE A 50 21.97 -3.76 12.99
CA ILE A 50 22.83 -3.40 14.11
C ILE A 50 24.19 -2.91 13.63
N VAL A 51 24.79 -3.59 12.65
CA VAL A 51 26.05 -3.10 12.11
C VAL A 51 25.88 -1.74 11.45
N LEU A 52 24.79 -1.56 10.71
CA LEU A 52 24.54 -0.28 10.07
C LEU A 52 24.30 0.82 11.09
N GLY A 53 23.60 0.51 12.17
CA GLY A 53 23.44 1.47 13.24
C GLY A 53 24.76 1.84 13.88
N LEU A 54 25.66 0.86 14.02
CA LEU A 54 27.00 1.16 14.51
C LEU A 54 27.72 2.12 13.59
N VAL A 55 27.65 1.87 12.28
CA VAL A 55 28.37 2.72 11.33
C VAL A 55 27.81 4.13 11.34
N LEU A 56 26.49 4.26 11.31
CA LEU A 56 25.88 5.58 11.35
C LEU A 56 26.10 6.28 12.69
N GLY A 57 26.15 5.53 13.79
CA GLY A 57 26.53 6.11 15.04
C GLY A 57 27.98 6.55 15.07
N GLY A 58 28.84 5.84 14.36
CA GLY A 58 30.21 6.30 14.22
C GLY A 58 30.27 7.61 13.47
N ILE A 59 29.43 7.76 12.45
CA ILE A 59 29.34 9.05 11.76
C ILE A 59 28.83 10.13 12.70
N VAL A 60 27.83 9.80 13.51
CA VAL A 60 27.28 10.78 14.46
C VAL A 60 28.34 11.20 15.47
N TRP A 61 29.11 10.23 15.97
CA TRP A 61 30.19 10.54 16.91
C TRP A 61 31.27 11.39 16.25
N ALA A 62 31.60 11.09 14.99
CA ALA A 62 32.56 11.92 14.27
C ALA A 62 32.05 13.35 14.13
N ALA A 63 30.78 13.52 13.81
CA ALA A 63 30.18 14.85 13.74
C ALA A 63 29.95 15.45 15.12
N ASP A 64 30.18 14.68 16.19
CA ASP A 64 30.04 15.15 17.57
C ASP A 64 28.61 15.61 17.85
N HIS A 65 27.66 14.76 17.53
CA HIS A 65 26.26 15.03 17.78
C HIS A 65 25.62 13.88 18.55
N ILE A 66 26.36 13.28 19.46
CA ILE A 66 25.81 12.17 20.23
C ILE A 66 24.72 12.65 21.16
N ALA A 67 24.91 13.82 21.78
CA ALA A 67 23.95 14.32 22.75
C ALA A 67 22.68 14.82 22.10
N SER A 68 22.65 14.96 20.78
CA SER A 68 21.46 15.37 20.07
C SER A 68 20.44 14.25 19.96
N PHE A 69 20.84 13.00 20.17
CA PHE A 69 19.99 11.84 19.99
C PHE A 69 19.64 11.26 21.35
N THR A 70 18.36 11.29 21.69
CA THR A 70 17.85 10.61 22.85
C THR A 70 16.57 9.90 22.48
N LEU A 71 16.43 8.66 22.92
CA LEU A 71 15.20 7.90 22.72
C LEU A 71 14.31 8.15 23.92
N THR A 72 13.21 8.74 23.70
CA THR A 72 12.40 9.08 24.84
C THR A 72 11.23 8.11 24.98
N PRO A 73 10.76 7.87 26.21
CA PRO A 73 9.69 6.88 26.38
C PRO A 73 8.44 7.18 25.58
N THR A 74 8.05 8.45 25.44
CA THR A 74 6.85 8.75 24.68
C THR A 74 7.05 8.48 23.20
N VAL A 75 8.28 8.36 22.74
CA VAL A 75 8.52 8.05 21.33
C VAL A 75 8.57 6.57 21.08
N PHE A 76 9.31 5.83 21.91
CA PHE A 76 9.36 4.39 21.74
C PHE A 76 7.99 3.77 22.00
N PHE A 77 7.34 4.15 23.08
CA PHE A 77 6.14 3.47 23.48
C PHE A 77 4.91 3.88 22.69
N PHE A 78 4.96 4.97 21.93
CA PHE A 78 3.81 5.43 21.19
C PHE A 78 4.00 5.41 19.68
N TYR A 79 5.22 5.43 19.18
CA TYR A 79 5.41 5.55 17.74
C TYR A 79 6.34 4.48 17.21
N LEU A 80 7.29 4.02 18.01
CA LEU A 80 8.24 3.03 17.52
C LEU A 80 7.84 1.61 17.84
N LEU A 81 7.19 1.38 18.96
CA LEU A 81 6.78 0.03 19.31
C LEU A 81 5.48 -0.42 18.65
N PRO A 82 4.44 0.40 18.54
CA PRO A 82 3.19 -0.08 17.96
C PRO A 82 3.35 -0.66 16.57
N PRO A 83 4.09 -0.03 15.65
CA PRO A 83 4.21 -0.64 14.31
C PRO A 83 4.83 -2.03 14.34
N ILE A 84 5.86 -2.23 15.15
CA ILE A 84 6.53 -3.53 15.21
C ILE A 84 5.57 -4.60 15.69
N VAL A 85 4.85 -4.32 16.77
CA VAL A 85 3.95 -5.30 17.34
C VAL A 85 2.76 -5.55 16.44
N LEU A 86 2.24 -4.49 15.81
CA LEU A 86 1.12 -4.69 14.90
C LEU A 86 1.53 -5.52 13.70
N ASP A 87 2.73 -5.28 13.17
CA ASP A 87 3.22 -6.10 12.08
C ASP A 87 3.34 -7.55 12.49
N ALA A 88 3.90 -7.81 13.67
CA ALA A 88 4.04 -9.18 14.12
C ALA A 88 2.69 -9.84 14.31
N GLY A 89 1.75 -9.14 14.92
CA GLY A 89 0.45 -9.73 15.20
C GLY A 89 -0.46 -9.85 14.00
N TYR A 90 -0.21 -9.08 12.94
CA TYR A 90 -1.04 -9.14 11.77
C TYR A 90 -0.62 -10.21 10.77
N PHE A 91 0.62 -10.68 10.86
CA PHE A 91 1.11 -11.75 10.01
C PHE A 91 1.21 -13.07 10.76
N MET A 92 0.62 -13.15 11.93
CA MET A 92 0.62 -14.38 12.70
C MET A 92 -0.31 -15.39 12.06
N PRO A 93 0.16 -16.56 11.66
CA PRO A 93 -0.76 -17.59 11.18
C PRO A 93 -1.73 -17.99 12.27
N ASN A 94 -3.01 -17.66 12.10
CA ASN A 94 -3.94 -17.79 13.21
C ASN A 94 -4.14 -19.23 13.61
N ARG A 95 -4.22 -20.14 12.64
CA ARG A 95 -4.47 -21.53 12.98
C ARG A 95 -3.34 -22.11 13.81
N LEU A 96 -2.10 -21.83 13.43
CA LEU A 96 -0.96 -22.31 14.21
C LEU A 96 -0.87 -21.61 15.55
N PHE A 97 -1.16 -20.31 15.58
CA PHE A 97 -1.06 -19.58 16.83
C PHE A 97 -2.04 -20.10 17.86
N PHE A 98 -3.27 -20.32 17.45
CA PHE A 98 -4.29 -20.74 18.39
C PHE A 98 -4.30 -22.24 18.62
N GLY A 99 -3.83 -23.03 17.67
CA GLY A 99 -3.64 -24.43 17.96
C GLY A 99 -2.49 -24.73 18.86
N ASN A 100 -1.61 -23.75 19.07
CA ASN A 100 -0.47 -23.87 19.97
C ASN A 100 -0.45 -22.74 20.97
N LEU A 101 -1.62 -22.26 21.37
CA LEU A 101 -1.67 -21.10 22.25
C LEU A 101 -1.02 -21.38 23.58
N GLY A 102 -1.28 -22.54 24.17
CA GLY A 102 -0.71 -22.84 25.46
C GLY A 102 0.81 -22.98 25.43
N THR A 103 1.34 -23.61 24.39
CA THR A 103 2.78 -23.76 24.27
C THR A 103 3.45 -22.40 24.11
N ILE A 104 2.88 -21.54 23.27
CA ILE A 104 3.41 -20.19 23.09
C ILE A 104 3.34 -19.42 24.39
N LEU A 105 2.22 -19.53 25.12
CA LEU A 105 2.08 -18.84 26.39
C LEU A 105 3.11 -19.32 27.40
N LEU A 106 3.34 -20.63 27.45
CA LEU A 106 4.33 -21.15 28.39
C LEU A 106 5.73 -20.67 28.04
N TYR A 107 6.09 -20.67 26.76
CA TYR A 107 7.41 -20.19 26.38
C TYR A 107 7.54 -18.68 26.47
N ALA A 108 6.43 -17.95 26.50
CA ALA A 108 6.46 -16.51 26.39
C ALA A 108 6.13 -15.80 27.69
N VAL A 109 5.36 -16.42 28.57
CA VAL A 109 5.03 -15.83 29.86
C VAL A 109 5.83 -16.48 30.97
N VAL A 110 5.77 -17.80 31.09
CA VAL A 110 6.60 -18.49 32.07
C VAL A 110 8.06 -18.42 31.64
N GLY A 111 8.32 -18.56 30.34
CA GLY A 111 9.69 -18.45 29.87
C GLY A 111 10.28 -17.08 30.12
N THR A 112 9.48 -16.03 29.96
CA THR A 112 9.97 -14.69 30.25
C THR A 112 10.11 -14.46 31.74
N VAL A 113 9.10 -14.86 32.52
CA VAL A 113 9.19 -14.69 33.96
C VAL A 113 10.32 -15.54 34.53
N TRP A 114 10.50 -16.74 33.99
CA TRP A 114 11.65 -17.55 34.42
C TRP A 114 12.96 -16.84 34.09
N ASN A 115 13.13 -16.44 32.84
CA ASN A 115 14.37 -15.78 32.45
C ASN A 115 14.59 -14.52 33.26
N ALA A 116 13.56 -13.69 33.38
CA ALA A 116 13.70 -12.43 34.10
C ALA A 116 14.04 -12.67 35.55
N ALA A 117 13.25 -13.49 36.24
CA ALA A 117 13.48 -13.72 37.65
C ALA A 117 14.83 -14.37 37.90
N THR A 118 15.21 -15.37 37.10
CA THR A 118 16.46 -16.05 37.34
C THR A 118 17.66 -15.16 37.05
N THR A 119 17.65 -14.45 35.92
CA THR A 119 18.77 -13.56 35.64
C THR A 119 18.87 -12.46 36.68
N GLY A 120 17.74 -11.84 37.04
CA GLY A 120 17.79 -10.79 38.03
C GLY A 120 18.27 -11.28 39.38
N LEU A 121 17.72 -12.39 39.84
CA LEU A 121 18.09 -12.92 41.15
C LEU A 121 19.52 -13.46 41.16
N SER A 122 19.97 -14.04 40.06
CA SER A 122 21.33 -14.56 40.00
C SER A 122 22.34 -13.44 39.97
N LEU A 123 22.05 -12.38 39.22
CA LEU A 123 22.90 -11.20 39.25
C LEU A 123 22.91 -10.58 40.62
N TYR A 124 21.75 -10.53 41.29
CA TYR A 124 21.70 -9.97 42.64
C TYR A 124 22.49 -10.81 43.62
N GLY A 125 22.38 -12.14 43.50
CA GLY A 125 23.15 -13.00 44.38
C GLY A 125 24.63 -12.88 44.14
N VAL A 126 25.04 -12.71 42.88
CA VAL A 126 26.44 -12.44 42.60
C VAL A 126 26.86 -11.11 43.22
N PHE A 127 26.01 -10.10 43.11
CA PHE A 127 26.32 -8.78 43.64
C PHE A 127 26.49 -8.82 45.15
N LEU A 128 25.63 -9.58 45.83
CA LEU A 128 25.76 -9.71 47.28
C LEU A 128 27.06 -10.37 47.70
N SER A 129 27.66 -11.16 46.81
CA SER A 129 28.93 -11.82 47.12
C SER A 129 30.13 -10.92 46.90
N GLY A 130 29.91 -9.69 46.43
CA GLY A 130 30.98 -8.75 46.26
C GLY A 130 31.78 -8.90 44.98
N LEU A 131 31.43 -9.84 44.11
CA LEU A 131 32.19 -10.02 42.89
C LEU A 131 32.09 -8.77 42.01
N MET A 132 30.90 -8.22 41.86
CA MET A 132 30.76 -7.01 41.06
C MET A 132 31.45 -5.83 41.72
N GLY A 133 31.15 -5.59 42.99
CA GLY A 133 31.92 -4.66 43.78
C GLY A 133 31.47 -3.23 43.67
N ASP A 134 31.06 -2.66 44.81
CA ASP A 134 30.82 -1.22 44.95
C ASP A 134 29.91 -0.68 43.85
N LEU A 135 28.81 -1.38 43.64
CA LEU A 135 27.72 -0.89 42.79
C LEU A 135 26.62 -0.37 43.69
N GLN A 136 26.20 0.86 43.46
CA GLN A 136 25.06 1.40 44.21
C GLN A 136 23.82 0.91 43.48
N ILE A 137 23.34 -0.26 43.90
CA ILE A 137 22.29 -0.99 43.19
C ILE A 137 21.50 -1.79 44.20
N GLY A 138 20.25 -2.08 43.86
CA GLY A 138 19.39 -2.81 44.76
C GLY A 138 18.76 -4.03 44.12
N LEU A 139 17.84 -4.69 44.83
CA LEU A 139 17.17 -5.84 44.24
C LEU A 139 16.25 -5.43 43.11
N LEU A 140 15.51 -4.34 43.28
CA LEU A 140 14.57 -3.95 42.25
C LEU A 140 15.26 -3.53 40.97
N ASP A 141 16.44 -2.93 41.06
CA ASP A 141 17.19 -2.61 39.86
C ASP A 141 17.59 -3.88 39.11
N PHE A 142 18.03 -4.89 39.86
CA PHE A 142 18.40 -6.16 39.22
C PHE A 142 17.19 -6.83 38.60
N LEU A 143 16.04 -6.77 39.26
CA LEU A 143 14.85 -7.36 38.70
C LEU A 143 14.39 -6.61 37.46
N LEU A 144 14.54 -5.29 37.47
CA LEU A 144 14.24 -4.50 36.28
C LEU A 144 15.15 -4.87 35.12
N PHE A 145 16.44 -5.03 35.41
CA PHE A 145 17.37 -5.46 34.38
C PHE A 145 16.99 -6.84 33.85
N GLY A 146 16.73 -7.78 34.74
CA GLY A 146 16.34 -9.11 34.31
C GLY A 146 15.08 -9.09 33.47
N SER A 147 14.13 -8.23 33.83
CA SER A 147 12.88 -8.15 33.10
C SER A 147 13.11 -7.61 31.70
N LEU A 148 13.82 -6.50 31.57
CA LEU A 148 14.10 -5.99 30.23
C LEU A 148 15.00 -6.93 29.45
N MET A 149 15.80 -7.74 30.15
CA MET A 149 16.78 -8.59 29.49
C MET A 149 16.16 -9.88 29.00
N ALA A 150 14.90 -10.14 29.33
CA ALA A 150 14.19 -11.32 28.88
C ALA A 150 13.46 -11.07 27.57
N ALA A 151 13.66 -9.89 26.97
CA ALA A 151 12.96 -9.52 25.74
C ALA A 151 13.72 -10.08 24.55
N VAL A 152 13.71 -11.41 24.45
CA VAL A 152 14.38 -12.09 23.36
C VAL A 152 13.57 -11.92 22.07
N ASP A 153 14.25 -12.06 20.94
CA ASP A 153 13.64 -11.96 19.63
C ASP A 153 14.10 -13.12 18.76
N PRO A 154 13.69 -14.35 19.09
CA PRO A 154 14.14 -15.50 18.30
C PRO A 154 13.63 -15.52 16.88
N VAL A 155 12.59 -14.75 16.55
CA VAL A 155 12.12 -14.72 15.17
C VAL A 155 13.06 -13.94 14.27
N ALA A 156 13.98 -13.18 14.86
CA ALA A 156 14.97 -12.47 14.08
C ALA A 156 15.94 -13.40 13.41
N VAL A 157 16.09 -14.61 13.96
CA VAL A 157 17.03 -15.58 13.44
C VAL A 157 16.29 -16.70 12.72
N LEU A 158 15.00 -16.51 12.45
CA LEU A 158 14.17 -17.56 11.88
C LEU A 158 14.55 -17.84 10.42
N ALA A 159 14.77 -16.80 9.65
CA ALA A 159 15.04 -17.00 8.22
C ALA A 159 16.34 -17.73 7.98
N VAL A 160 17.22 -17.80 8.97
CA VAL A 160 18.51 -18.42 8.74
C VAL A 160 18.56 -19.82 9.34
N PHE A 161 17.92 -20.06 10.48
CA PHE A 161 17.96 -21.43 10.99
C PHE A 161 16.96 -22.31 10.27
N GLU A 162 16.05 -21.74 9.50
CA GLU A 162 15.12 -22.55 8.71
C GLU A 162 15.68 -22.90 7.35
N GLU A 163 16.90 -22.49 7.04
CA GLU A 163 17.60 -23.09 5.92
C GLU A 163 17.99 -24.53 6.22
N VAL A 164 18.13 -24.88 7.50
CA VAL A 164 18.62 -26.19 7.88
C VAL A 164 17.65 -26.97 8.75
N HIS A 165 16.62 -26.35 9.31
CA HIS A 165 15.66 -27.07 10.16
C HIS A 165 14.32 -26.36 10.09
N VAL A 166 13.35 -26.98 9.41
CA VAL A 166 12.02 -26.41 9.26
C VAL A 166 11.06 -27.24 10.08
N ASN A 167 10.25 -26.56 10.89
CA ASN A 167 9.21 -27.22 11.69
C ASN A 167 8.17 -26.17 12.01
N GLU A 168 6.97 -26.31 11.47
CA GLU A 168 6.01 -25.22 11.53
C GLU A 168 5.47 -24.98 12.93
N VAL A 169 5.62 -25.93 13.85
CA VAL A 169 5.25 -25.67 15.23
C VAL A 169 6.35 -24.91 15.94
N LEU A 170 7.60 -25.28 15.70
CA LEU A 170 8.71 -24.51 16.23
C LEU A 170 8.70 -23.10 15.67
N PHE A 171 8.28 -22.93 14.41
CA PHE A 171 8.16 -21.59 13.88
C PHE A 171 7.16 -20.76 14.67
N ILE A 172 6.04 -21.36 15.03
CA ILE A 172 5.02 -20.57 15.74
C ILE A 172 5.43 -20.35 17.17
N ILE A 173 6.22 -21.24 17.75
CA ILE A 173 6.75 -20.99 19.08
C ILE A 173 7.72 -19.83 19.05
N VAL A 174 8.66 -19.85 18.11
CA VAL A 174 9.64 -18.79 17.97
C VAL A 174 8.96 -17.46 17.65
N PHE A 175 7.99 -17.49 16.75
CA PHE A 175 7.30 -16.28 16.33
C PHE A 175 6.32 -15.82 17.40
N GLY A 176 5.63 -16.75 18.03
CA GLY A 176 4.74 -16.37 19.12
C GLY A 176 5.50 -15.84 20.32
N GLU A 177 6.60 -16.49 20.68
CA GLU A 177 7.37 -16.04 21.83
C GLU A 177 8.03 -14.70 21.58
N SER A 178 8.52 -14.47 20.36
CA SER A 178 9.09 -13.18 20.01
C SER A 178 8.11 -12.05 20.25
N LEU A 179 6.84 -12.30 19.99
CA LEU A 179 5.82 -11.28 20.01
C LEU A 179 5.16 -11.16 21.39
N LEU A 180 4.82 -12.29 21.99
CA LEU A 180 4.14 -12.25 23.27
C LEU A 180 5.08 -11.96 24.43
N ASN A 181 6.39 -12.12 24.29
CA ASN A 181 7.23 -11.74 25.41
C ASN A 181 7.65 -10.29 25.35
N ASP A 182 7.52 -9.64 24.20
CA ASP A 182 7.59 -8.18 24.20
C ASP A 182 6.51 -7.63 25.12
N ALA A 183 5.31 -8.19 25.05
CA ALA A 183 4.24 -7.80 25.95
C ALA A 183 4.60 -8.11 27.39
N VAL A 184 5.02 -9.34 27.66
CA VAL A 184 5.28 -9.76 29.02
C VAL A 184 6.50 -9.04 29.59
N THR A 185 7.51 -8.79 28.77
CA THR A 185 8.65 -8.02 29.23
C THR A 185 8.26 -6.60 29.55
N VAL A 186 7.45 -5.97 28.70
CA VAL A 186 7.03 -4.60 28.96
C VAL A 186 6.13 -4.54 30.18
N VAL A 187 5.33 -5.59 30.40
CA VAL A 187 4.52 -5.65 31.61
C VAL A 187 5.41 -5.73 32.84
N LEU A 188 6.37 -6.65 32.82
CA LEU A 188 7.31 -6.76 33.93
C LEU A 188 8.15 -5.50 34.07
N TYR A 189 8.53 -4.91 32.94
CA TYR A 189 9.28 -3.67 32.97
C TYR A 189 8.51 -2.58 33.70
N ASN A 190 7.23 -2.42 33.36
CA ASN A 190 6.42 -1.40 33.99
C ASN A 190 6.21 -1.69 35.47
N VAL A 191 5.98 -2.96 35.82
CA VAL A 191 5.77 -3.31 37.22
C VAL A 191 7.00 -2.99 38.04
N PHE A 192 8.17 -3.46 37.59
CA PHE A 192 9.37 -3.23 38.37
C PHE A 192 9.84 -1.78 38.29
N GLU A 193 9.44 -1.04 37.27
CA GLU A 193 9.78 0.38 37.26
C GLU A 193 8.90 1.16 38.21
N SER A 194 7.63 0.76 38.36
CA SER A 194 6.81 1.31 39.42
C SER A 194 7.38 0.99 40.79
N PHE A 195 7.89 -0.24 40.96
CA PHE A 195 8.54 -0.58 42.23
C PHE A 195 9.78 0.27 42.46
N VAL A 196 10.57 0.50 41.42
CA VAL A 196 11.76 1.33 41.55
C VAL A 196 11.37 2.75 41.91
N ALA A 197 10.20 3.22 41.44
CA ALA A 197 9.71 4.52 41.88
C ALA A 197 9.47 4.54 43.39
N LEU A 198 8.84 3.49 43.92
CA LEU A 198 8.58 3.43 45.35
C LEU A 198 9.87 3.24 46.14
N GLY A 199 10.69 2.28 45.74
CA GLY A 199 11.95 2.03 46.42
C GLY A 199 11.94 0.69 47.15
N GLY A 200 13.14 0.21 47.47
CA GLY A 200 13.30 -1.09 48.09
C GLY A 200 12.75 -1.19 49.50
N ASP A 201 12.41 -0.05 50.11
CA ASP A 201 11.79 -0.04 51.42
C ASP A 201 10.31 0.29 51.37
N ASN A 202 9.86 1.05 50.37
CA ASN A 202 8.45 1.37 50.27
C ASN A 202 7.62 0.19 49.79
N VAL A 203 8.22 -0.77 49.09
CA VAL A 203 7.47 -1.91 48.60
C VAL A 203 7.16 -2.84 49.77
N THR A 204 5.88 -3.04 50.04
CA THR A 204 5.44 -3.91 51.10
C THR A 204 4.93 -5.23 50.50
N GLY A 205 4.41 -6.10 51.35
CA GLY A 205 3.86 -7.34 50.86
C GLY A 205 2.63 -7.12 49.99
N VAL A 206 1.76 -6.21 50.41
CA VAL A 206 0.57 -5.92 49.61
C VAL A 206 0.97 -5.24 48.30
N ASP A 207 2.07 -4.49 48.29
CA ASP A 207 2.53 -3.91 47.04
C ASP A 207 2.96 -5.00 46.07
N CYS A 208 3.64 -6.04 46.56
CA CYS A 208 4.03 -7.14 45.68
C CYS A 208 2.82 -7.97 45.23
N VAL A 209 1.85 -8.16 46.12
CA VAL A 209 0.64 -8.88 45.71
C VAL A 209 -0.10 -8.10 44.65
N LYS A 210 -0.18 -6.78 44.81
CA LYS A 210 -0.75 -5.96 43.75
C LYS A 210 0.11 -5.98 42.50
N GLY A 211 1.42 -6.19 42.64
CA GLY A 211 2.24 -6.36 41.45
C GLY A 211 1.86 -7.60 40.67
N ILE A 212 1.66 -8.72 41.37
CA ILE A 212 1.25 -9.94 40.70
C ILE A 212 -0.14 -9.80 40.08
N VAL A 213 -1.07 -9.24 40.85
CA VAL A 213 -2.42 -8.99 40.34
C VAL A 213 -2.36 -8.07 39.14
N SER A 214 -1.48 -7.07 39.18
CA SER A 214 -1.33 -6.15 38.07
C SER A 214 -0.79 -6.84 36.84
N PHE A 215 0.15 -7.77 37.02
CA PHE A 215 0.63 -8.53 35.87
C PHE A 215 -0.54 -9.18 35.15
N PHE A 216 -1.37 -9.90 35.88
CA PHE A 216 -2.44 -10.64 35.22
C PHE A 216 -3.53 -9.72 34.70
N VAL A 217 -3.92 -8.71 35.49
CA VAL A 217 -4.97 -7.78 35.06
C VAL A 217 -4.53 -7.03 33.82
N VAL A 218 -3.28 -6.55 33.80
CA VAL A 218 -2.77 -5.81 32.66
C VAL A 218 -2.74 -6.68 31.42
N SER A 219 -2.18 -7.89 31.54
CA SER A 219 -2.11 -8.77 30.37
C SER A 219 -3.49 -9.09 29.82
N LEU A 220 -4.39 -9.55 30.69
CA LEU A 220 -5.69 -9.99 30.22
C LEU A 220 -6.54 -8.82 29.74
N GLY A 221 -6.46 -7.67 30.41
CA GLY A 221 -7.21 -6.51 29.97
C GLY A 221 -6.72 -5.98 28.64
N GLY A 222 -5.41 -6.00 28.42
CA GLY A 222 -4.90 -5.62 27.12
C GLY A 222 -5.37 -6.57 26.04
N THR A 223 -5.37 -7.86 26.32
CA THR A 223 -5.85 -8.82 25.34
C THR A 223 -7.33 -8.57 25.02
N LEU A 224 -8.12 -8.29 26.05
CA LEU A 224 -9.55 -8.07 25.85
C LEU A 224 -9.80 -6.80 25.06
N VAL A 225 -9.07 -5.73 25.36
CA VAL A 225 -9.19 -4.50 24.59
C VAL A 225 -8.83 -4.76 23.14
N GLY A 226 -7.79 -5.56 22.92
CA GLY A 226 -7.40 -5.89 21.55
C GLY A 226 -8.48 -6.65 20.82
N VAL A 227 -9.13 -7.58 21.50
CA VAL A 227 -10.19 -8.35 20.87
C VAL A 227 -11.39 -7.47 20.55
N VAL A 228 -11.74 -6.57 21.46
CA VAL A 228 -12.84 -5.64 21.21
C VAL A 228 -12.52 -4.76 20.00
N PHE A 229 -11.30 -4.24 19.92
CA PHE A 229 -10.96 -3.38 18.81
C PHE A 229 -10.76 -4.15 17.51
N ALA A 230 -10.42 -5.43 17.58
CA ALA A 230 -10.39 -6.24 16.37
C ALA A 230 -11.80 -6.50 15.88
N PHE A 231 -12.75 -6.65 16.80
CA PHE A 231 -14.14 -6.70 16.39
C PHE A 231 -14.56 -5.41 15.71
N LEU A 232 -14.20 -4.28 16.30
CA LEU A 232 -14.58 -2.99 15.73
C LEU A 232 -13.93 -2.76 14.38
N LEU A 233 -12.67 -3.16 14.22
CA LEU A 233 -11.97 -3.00 12.96
C LEU A 233 -12.54 -3.93 11.89
N SER A 234 -12.85 -5.17 12.27
CA SER A 234 -13.49 -6.08 11.33
C SER A 234 -14.86 -5.55 10.93
N LEU A 235 -15.55 -4.89 11.85
CA LEU A 235 -16.88 -4.39 11.57
C LEU A 235 -16.84 -3.19 10.63
N VAL A 236 -15.90 -2.27 10.84
CA VAL A 236 -15.89 -1.05 10.05
C VAL A 236 -15.47 -1.32 8.62
N THR A 237 -14.65 -2.33 8.38
CA THR A 237 -14.29 -2.68 7.01
C THR A 237 -15.42 -3.37 6.28
N ARG A 238 -16.44 -3.82 7.00
CA ARG A 238 -17.62 -4.38 6.36
C ARG A 238 -18.35 -3.33 5.53
N PHE A 239 -18.23 -2.07 5.92
CA PHE A 239 -18.99 -0.98 5.33
C PHE A 239 -18.18 -0.15 4.35
N THR A 240 -17.02 -0.63 3.94
CA THR A 240 -16.15 0.09 3.03
C THR A 240 -16.11 -0.55 1.66
N LYS A 241 -17.22 -1.12 1.20
CA LYS A 241 -17.23 -1.67 -0.14
C LYS A 241 -17.09 -0.59 -1.19
N HIS A 242 -17.62 0.59 -0.93
CA HIS A 242 -17.56 1.70 -1.86
C HIS A 242 -16.31 2.54 -1.67
N VAL A 243 -16.08 3.02 -0.46
CA VAL A 243 -14.91 3.86 -0.19
C VAL A 243 -13.78 2.91 0.23
N ARG A 244 -13.12 2.36 -0.77
CA ARG A 244 -12.09 1.35 -0.56
C ARG A 244 -10.73 1.94 -0.25
N ILE A 245 -10.58 3.26 -0.38
CA ILE A 245 -9.27 3.87 -0.20
C ILE A 245 -8.91 4.01 1.26
N ILE A 246 -9.92 4.10 2.14
CA ILE A 246 -9.66 4.34 3.56
C ILE A 246 -9.48 3.07 4.35
N GLU A 247 -9.55 1.91 3.69
CA GLU A 247 -9.42 0.64 4.41
C GLU A 247 -8.04 0.44 5.02
N PRO A 248 -6.94 0.65 4.31
CA PRO A 248 -5.65 0.57 4.99
C PRO A 248 -5.51 1.58 6.10
N GLY A 249 -6.14 2.74 5.96
CA GLY A 249 -6.13 3.71 7.04
C GLY A 249 -6.85 3.22 8.27
N PHE A 250 -7.91 2.43 8.09
CA PHE A 250 -8.65 1.91 9.22
C PHE A 250 -7.84 0.86 9.97
N VAL A 251 -7.13 0.00 9.24
CA VAL A 251 -6.41 -1.08 9.87
C VAL A 251 -5.33 -0.54 10.79
N PHE A 252 -4.73 0.59 10.43
CA PHE A 252 -3.67 1.17 11.23
C PHE A 252 -4.18 2.12 12.28
N ILE A 253 -5.23 2.88 11.96
CA ILE A 253 -5.75 3.82 12.94
C ILE A 253 -6.47 3.09 14.06
N ILE A 254 -7.23 2.06 13.74
CA ILE A 254 -7.99 1.38 14.79
C ILE A 254 -7.09 0.47 15.61
N SER A 255 -6.09 -0.16 14.99
CA SER A 255 -5.10 -0.89 15.77
C SER A 255 -4.34 0.05 16.69
N TYR A 256 -3.97 1.22 16.19
CA TYR A 256 -3.30 2.21 17.02
C TYR A 256 -4.20 2.67 18.15
N LEU A 257 -5.50 2.82 17.88
CA LEU A 257 -6.42 3.24 18.92
C LEU A 257 -6.58 2.16 19.97
N SER A 258 -6.53 0.89 19.60
CA SER A 258 -6.50 -0.17 20.59
C SER A 258 -5.25 -0.08 21.45
N TYR A 259 -4.11 0.15 20.81
CA TYR A 259 -2.87 0.32 21.55
C TYR A 259 -2.99 1.44 22.57
N LEU A 260 -3.46 2.59 22.14
CA LEU A 260 -3.52 3.74 23.03
C LEU A 260 -4.63 3.62 24.06
N THR A 261 -5.72 2.92 23.73
CA THR A 261 -6.77 2.70 24.69
C THR A 261 -6.31 1.81 25.82
N SER A 262 -5.51 0.78 25.51
CA SER A 262 -4.90 0.02 26.58
C SER A 262 -3.88 0.86 27.34
N GLU A 263 -3.07 1.63 26.63
CA GLU A 263 -2.13 2.51 27.33
C GLU A 263 -2.88 3.54 28.16
N MET A 264 -4.10 3.89 27.77
CA MET A 264 -4.92 4.81 28.55
C MET A 264 -5.47 4.16 29.80
N LEU A 265 -5.93 2.92 29.69
CA LEU A 265 -6.42 2.16 30.83
C LEU A 265 -5.30 1.49 31.60
N SER A 266 -4.05 1.79 31.29
CA SER A 266 -2.88 1.21 31.94
C SER A 266 -2.79 -0.29 31.76
N LEU A 267 -3.44 -0.80 30.73
CA LEU A 267 -3.40 -2.21 30.42
C LEU A 267 -2.19 -2.48 29.53
N SER A 268 -2.06 -3.72 29.07
CA SER A 268 -0.97 -4.08 28.17
C SER A 268 -1.29 -3.52 26.80
N ALA A 269 -0.65 -2.43 26.42
CA ALA A 269 -0.89 -1.86 25.10
C ALA A 269 -0.36 -2.78 24.01
N ILE A 270 0.72 -3.49 24.28
CA ILE A 270 1.29 -4.39 23.28
C ILE A 270 0.34 -5.54 22.99
N LEU A 271 -0.25 -6.11 24.03
CA LEU A 271 -1.19 -7.22 23.81
C LEU A 271 -2.44 -6.75 23.12
N ALA A 272 -2.83 -5.49 23.30
CA ALA A 272 -4.00 -4.98 22.60
C ALA A 272 -3.77 -4.91 21.11
N ILE A 273 -2.66 -4.31 20.69
CA ILE A 273 -2.39 -4.22 19.27
C ILE A 273 -1.87 -5.54 18.71
N THR A 274 -1.35 -6.43 19.57
CA THR A 274 -1.07 -7.78 19.14
C THR A 274 -2.36 -8.49 18.74
N PHE A 275 -3.35 -8.47 19.61
CA PHE A 275 -4.59 -9.19 19.34
C PHE A 275 -5.55 -8.39 18.48
N CYS A 276 -5.35 -7.09 18.34
CA CYS A 276 -6.08 -6.38 17.31
C CYS A 276 -5.62 -6.78 15.93
N GLY A 277 -4.46 -7.40 15.81
CA GLY A 277 -3.98 -7.87 14.53
C GLY A 277 -4.22 -9.34 14.35
N ILE A 278 -4.05 -10.10 15.43
CA ILE A 278 -4.30 -11.54 15.37
C ILE A 278 -5.77 -11.81 15.09
N CYS A 279 -6.66 -11.07 15.75
CA CYS A 279 -8.08 -11.35 15.63
C CYS A 279 -8.71 -10.67 14.42
N CYS A 280 -8.23 -9.49 14.03
CA CYS A 280 -8.81 -8.84 12.86
C CYS A 280 -8.43 -9.55 11.58
N GLN A 281 -7.53 -10.51 11.65
CA GLN A 281 -6.89 -11.05 10.46
C GLN A 281 -7.90 -11.69 9.53
N LYS A 282 -8.88 -12.41 10.06
CA LYS A 282 -9.78 -13.18 9.21
C LYS A 282 -10.74 -12.27 8.46
N TYR A 283 -11.33 -11.30 9.16
CA TYR A 283 -12.44 -10.55 8.58
C TYR A 283 -11.98 -9.30 7.88
N VAL A 284 -11.10 -8.53 8.50
CA VAL A 284 -10.23 -7.66 7.72
C VAL A 284 -9.52 -8.58 6.73
N LYS A 285 -9.25 -8.09 5.53
CA LYS A 285 -8.65 -8.84 4.44
C LYS A 285 -9.60 -9.90 3.92
N ALA A 286 -10.80 -9.98 4.46
CA ALA A 286 -11.93 -10.57 3.76
C ALA A 286 -12.88 -9.52 3.24
N ASN A 287 -13.06 -8.45 3.99
CA ASN A 287 -13.84 -7.29 3.58
C ASN A 287 -13.03 -6.30 2.76
N ILE A 288 -11.75 -6.11 3.11
CA ILE A 288 -10.86 -5.28 2.33
C ILE A 288 -10.67 -5.86 0.93
N SER A 289 -10.49 -4.98 -0.04
CA SER A 289 -10.23 -5.40 -1.40
C SER A 289 -8.83 -5.99 -1.51
N GLU A 290 -8.60 -6.68 -2.62
CA GLU A 290 -7.27 -7.21 -2.88
C GLU A 290 -6.25 -6.09 -3.00
N GLN A 291 -6.62 -5.00 -3.66
CA GLN A 291 -5.69 -3.89 -3.85
C GLN A 291 -5.42 -3.16 -2.55
N SER A 292 -6.40 -3.11 -1.67
CA SER A 292 -6.24 -2.42 -0.40
C SER A 292 -5.63 -3.30 0.67
N ALA A 293 -5.52 -4.61 0.41
CA ALA A 293 -4.88 -5.50 1.37
C ALA A 293 -3.39 -5.59 1.14
N THR A 294 -2.92 -5.33 -0.08
CA THR A 294 -1.49 -5.24 -0.30
C THR A 294 -0.94 -3.96 0.30
N THR A 295 -1.72 -2.89 0.31
CA THR A 295 -1.32 -1.67 0.99
C THR A 295 -1.18 -1.91 2.48
N VAL A 296 -2.11 -2.67 3.06
CA VAL A 296 -2.08 -2.92 4.50
C VAL A 296 -0.82 -3.68 4.87
N ARG A 297 -0.38 -4.59 4.01
CA ARG A 297 0.74 -5.44 4.38
C ARG A 297 2.07 -4.94 3.83
N TYR A 298 2.05 -4.11 2.78
CA TYR A 298 3.28 -3.41 2.43
C TYR A 298 3.57 -2.29 3.42
N THR A 299 2.53 -1.66 3.93
CA THR A 299 2.72 -0.58 4.90
C THR A 299 3.10 -1.11 6.26
N MET A 300 2.73 -2.34 6.59
CA MET A 300 3.10 -2.88 7.88
C MET A 300 4.57 -3.24 7.94
N LYS A 301 5.11 -3.81 6.86
CA LYS A 301 6.55 -3.99 6.80
C LYS A 301 7.25 -2.65 6.62
N MET A 302 6.56 -1.68 6.02
CA MET A 302 7.11 -0.34 5.89
C MET A 302 7.24 0.33 7.24
N LEU A 303 6.24 0.20 8.10
CA LEU A 303 6.27 0.84 9.40
C LEU A 303 7.09 0.07 10.40
N ALA A 304 7.07 -1.26 10.33
CA ALA A 304 7.82 -2.07 11.28
C ALA A 304 9.31 -2.05 10.97
N SER A 305 9.68 -2.17 9.70
CA SER A 305 11.09 -2.12 9.34
C SER A 305 11.68 -0.76 9.65
N SER A 306 10.90 0.30 9.45
CA SER A 306 11.40 1.64 9.76
C SER A 306 11.53 1.85 11.25
N ALA A 307 10.56 1.39 12.04
CA ALA A 307 10.64 1.55 13.48
C ALA A 307 11.81 0.77 14.06
N GLU A 308 11.99 -0.46 13.60
CA GLU A 308 13.12 -1.26 14.06
C GLU A 308 14.44 -0.65 13.61
N THR A 309 14.49 -0.14 12.39
CA THR A 309 15.66 0.60 11.93
C THR A 309 15.97 1.77 12.84
N ILE A 310 14.93 2.59 13.15
CA ILE A 310 15.17 3.74 14.00
C ILE A 310 15.65 3.32 15.39
N ILE A 311 15.12 2.18 16.10
CA ILE A 311 15.61 1.71 17.40
C ILE A 311 17.04 1.22 17.27
N PHE A 312 17.37 0.60 16.14
CA PHE A 312 18.74 0.11 15.96
C PHE A 312 19.71 1.23 15.67
N MET A 313 19.27 2.32 15.05
CA MET A 313 20.13 3.49 14.91
C MET A 313 20.41 4.11 16.26
N PHE A 314 19.42 4.12 17.14
CA PHE A 314 19.67 4.59 18.50
C PHE A 314 20.59 3.65 19.25
N LEU A 315 20.49 2.35 19.00
CA LEU A 315 21.45 1.41 19.56
C LEU A 315 22.86 1.72 19.10
N GLY A 316 23.02 2.00 17.81
CA GLY A 316 24.33 2.36 17.30
C GLY A 316 24.86 3.64 17.92
N ILE A 317 24.01 4.64 18.08
CA ILE A 317 24.45 5.90 18.67
C ILE A 317 24.84 5.70 20.13
N SER A 318 24.04 4.96 20.89
CA SER A 318 24.38 4.71 22.28
C SER A 318 25.60 3.82 22.43
N ALA A 319 25.89 2.99 21.44
CA ALA A 319 27.03 2.08 21.52
C ALA A 319 28.34 2.77 21.27
N VAL A 320 28.31 3.96 20.65
CA VAL A 320 29.56 4.72 20.36
C VAL A 320 29.67 5.88 21.35
N ASN A 321 28.68 6.05 22.23
CA ASN A 321 28.74 7.11 23.26
C ASN A 321 29.76 6.71 24.32
N PRO A 322 30.90 7.43 24.49
CA PRO A 322 31.93 7.02 25.43
C PRO A 322 31.60 7.38 26.88
N PHE A 323 30.48 8.07 27.11
CA PHE A 323 30.10 8.51 28.48
C PHE A 323 29.08 7.53 29.06
N ILE A 324 28.53 6.65 28.23
CA ILE A 324 27.58 5.61 28.73
C ILE A 324 28.39 4.33 28.99
N TRP A 325 29.60 4.25 28.44
CA TRP A 325 30.40 3.00 28.56
C TRP A 325 30.82 2.73 30.00
N THR A 326 30.19 1.74 30.65
CA THR A 326 30.59 1.34 32.02
C THR A 326 30.81 -0.17 31.98
N TRP A 327 32.06 -0.64 32.10
CA TRP A 327 32.30 -2.09 31.94
C TRP A 327 32.62 -2.76 33.28
N ASN A 328 31.65 -3.43 33.88
CA ASN A 328 31.92 -4.22 35.12
C ASN A 328 32.17 -5.65 34.67
N THR A 329 33.39 -6.15 34.82
CA THR A 329 33.74 -7.52 34.36
C THR A 329 32.68 -8.52 34.81
N ALA A 330 32.41 -8.58 36.12
CA ALA A 330 31.49 -9.59 36.63
C ALA A 330 30.10 -9.40 36.05
N PHE A 331 29.62 -8.15 36.04
CA PHE A 331 28.26 -7.91 35.57
C PHE A 331 28.08 -8.33 34.13
N VAL A 332 28.99 -7.91 33.25
CA VAL A 332 28.84 -8.20 31.83
C VAL A 332 29.02 -9.69 31.57
N LEU A 333 30.10 -10.28 32.08
CA LEU A 333 30.38 -11.67 31.76
C LEU A 333 29.46 -12.63 32.48
N LEU A 334 28.71 -12.17 33.47
CA LEU A 334 27.74 -13.04 34.08
C LEU A 334 26.35 -12.80 33.53
N THR A 335 26.06 -11.59 33.05
CA THR A 335 24.85 -11.41 32.29
C THR A 335 24.88 -12.26 31.04
N LEU A 336 26.02 -12.31 30.35
CA LEU A 336 26.12 -13.16 29.18
C LEU A 336 25.95 -14.62 29.55
N VAL A 337 26.53 -15.05 30.66
CA VAL A 337 26.43 -16.44 31.08
C VAL A 337 25.03 -16.77 31.58
N PHE A 338 24.45 -15.88 32.39
CA PHE A 338 23.17 -16.19 33.01
C PHE A 338 22.05 -16.21 31.99
N ILE A 339 21.98 -15.19 31.12
CA ILE A 339 20.91 -15.16 30.14
C ILE A 339 21.03 -16.31 29.16
N SER A 340 22.18 -16.96 29.07
CA SER A 340 22.36 -18.07 28.16
C SER A 340 22.13 -19.41 28.83
N VAL A 341 22.60 -19.56 30.06
CA VAL A 341 22.38 -20.80 30.80
C VAL A 341 20.93 -20.91 31.22
N TYR A 342 20.37 -19.84 31.76
CA TYR A 342 19.00 -19.90 32.26
C TYR A 342 18.00 -19.99 31.13
N ARG A 343 18.29 -19.38 29.99
CA ARG A 343 17.47 -19.58 28.81
C ARG A 343 17.50 -21.02 28.37
N ALA A 344 18.68 -21.65 28.41
CA ALA A 344 18.81 -23.03 27.98
C ALA A 344 18.05 -23.97 28.89
N ILE A 345 18.20 -23.84 30.21
CA ILE A 345 17.52 -24.77 31.10
C ILE A 345 16.08 -24.36 31.31
N GLY A 346 15.72 -23.11 31.05
CA GLY A 346 14.32 -22.75 31.02
C GLY A 346 13.58 -23.40 29.87
N VAL A 347 14.20 -23.42 28.70
CA VAL A 347 13.60 -24.10 27.56
C VAL A 347 13.57 -25.60 27.78
N VAL A 348 14.65 -26.16 28.32
CA VAL A 348 14.71 -27.59 28.56
C VAL A 348 13.63 -28.02 29.54
N LEU A 349 13.40 -27.23 30.58
CA LEU A 349 12.39 -27.58 31.57
C LEU A 349 10.98 -27.41 31.02
N GLN A 350 10.72 -26.29 30.34
CA GLN A 350 9.39 -26.09 29.76
C GLN A 350 9.09 -27.10 28.68
N THR A 351 10.07 -27.41 27.84
CA THR A 351 9.83 -28.40 26.79
C THR A 351 9.56 -29.77 27.38
N TRP A 352 10.26 -30.12 28.46
CA TRP A 352 9.98 -31.38 29.12
C TRP A 352 8.55 -31.39 29.65
N LEU A 353 8.10 -30.28 30.20
CA LEU A 353 6.73 -30.22 30.73
C LEU A 353 5.70 -30.28 29.63
N LEU A 354 5.94 -29.59 28.52
CA LEU A 354 4.99 -29.61 27.42
C LEU A 354 4.94 -30.98 26.76
N ASN A 355 6.11 -31.61 26.61
CA ASN A 355 6.17 -32.90 25.93
C ASN A 355 5.40 -33.98 26.66
N ARG A 356 5.10 -33.78 27.93
CA ARG A 356 4.26 -34.73 28.66
C ARG A 356 2.83 -34.74 28.18
N TYR A 357 2.40 -33.72 27.45
CA TYR A 357 1.01 -33.57 27.07
C TYR A 357 0.89 -33.21 25.60
N ARG A 358 1.78 -33.75 24.78
CA ARG A 358 1.80 -33.42 23.36
C ARG A 358 1.74 -34.69 22.53
N MET A 359 1.21 -34.54 21.33
CA MET A 359 1.20 -35.64 20.36
C MET A 359 2.45 -35.61 19.50
N VAL A 360 2.96 -34.42 19.14
CA VAL A 360 4.25 -34.32 18.46
C VAL A 360 5.22 -33.71 19.46
N GLN A 361 6.20 -34.49 19.87
CA GLN A 361 7.18 -33.98 20.83
C GLN A 361 8.01 -32.87 20.20
N LEU A 362 8.48 -31.95 21.03
CA LEU A 362 9.46 -30.97 20.59
C LEU A 362 10.84 -31.60 20.75
N GLU A 363 11.44 -31.97 19.63
CA GLU A 363 12.68 -32.70 19.66
C GLU A 363 13.81 -31.83 20.19
N PRO A 364 14.90 -32.44 20.66
CA PRO A 364 15.99 -31.62 21.23
C PRO A 364 16.54 -30.59 20.27
N ILE A 365 16.41 -30.83 18.96
CA ILE A 365 16.87 -29.85 17.94
C ILE A 365 16.01 -28.58 18.03
N ASP A 366 14.71 -28.73 18.29
CA ASP A 366 13.80 -27.56 18.43
C ASP A 366 14.20 -26.77 19.67
N GLN A 367 14.46 -27.47 20.78
CA GLN A 367 14.87 -26.80 22.04
C GLN A 367 16.18 -26.06 21.82
N VAL A 368 17.07 -26.60 20.98
CA VAL A 368 18.38 -25.94 20.70
C VAL A 368 18.13 -24.57 20.07
N VAL A 369 17.28 -24.48 19.04
CA VAL A 369 17.09 -23.17 18.35
C VAL A 369 16.37 -22.20 19.30
N LEU A 370 15.61 -22.72 20.27
CA LEU A 370 14.95 -21.84 21.27
C LEU A 370 16.01 -21.31 22.25
N SER A 371 16.86 -22.20 22.76
CA SER A 371 17.92 -21.81 23.73
C SER A 371 18.93 -20.87 23.08
N TYR A 372 19.33 -21.14 21.83
CA TYR A 372 20.33 -20.32 21.12
C TYR A 372 19.63 -19.15 20.42
N GLY A 373 18.30 -19.09 20.52
CA GLY A 373 17.54 -17.99 19.90
C GLY A 373 17.29 -16.86 20.88
N GLY A 374 18.33 -16.44 21.62
CA GLY A 374 18.16 -15.25 22.48
C GLY A 374 17.94 -14.06 21.57
N LEU A 375 18.96 -13.68 20.80
CA LEU A 375 18.81 -12.58 19.80
C LEU A 375 18.14 -11.37 20.45
N ARG A 376 18.54 -11.00 21.68
CA ARG A 376 18.00 -9.79 22.33
C ARG A 376 18.27 -8.61 21.39
N GLY A 377 17.27 -7.77 21.10
CA GLY A 377 17.51 -6.71 20.11
C GLY A 377 16.81 -5.40 20.41
N ALA A 378 15.95 -4.93 19.50
CA ALA A 378 15.28 -3.62 19.62
C ALA A 378 14.61 -3.41 20.98
N VAL A 379 13.54 -4.15 21.28
CA VAL A 379 12.77 -3.93 22.55
C VAL A 379 13.72 -3.95 23.75
N ALA A 380 14.49 -5.02 23.93
CA ALA A 380 15.44 -5.12 25.06
C ALA A 380 16.23 -3.83 25.18
N PHE A 381 16.96 -3.44 24.14
CA PHE A 381 17.80 -2.23 24.18
C PHE A 381 16.96 -1.00 24.53
N ALA A 382 15.82 -0.81 23.86
CA ALA A 382 15.08 0.42 24.07
C ALA A 382 14.64 0.54 25.52
N LEU A 383 14.18 -0.56 26.11
CA LEU A 383 13.76 -0.53 27.51
C LEU A 383 14.89 -0.16 28.44
N VAL A 384 16.14 -0.28 28.02
CA VAL A 384 17.24 0.07 28.91
C VAL A 384 17.53 1.56 28.82
N VAL A 385 17.61 2.10 27.61
CA VAL A 385 17.85 3.53 27.50
C VAL A 385 16.67 4.34 27.99
N LEU A 386 15.48 3.74 28.07
CA LEU A 386 14.37 4.48 28.63
C LEU A 386 14.35 4.46 30.15
N LEU A 387 15.28 3.76 30.78
CA LEU A 387 15.33 3.74 32.24
C LEU A 387 15.53 5.14 32.79
N ASP A 388 15.02 5.37 33.99
CA ASP A 388 15.26 6.65 34.65
C ASP A 388 16.68 6.68 35.16
N GLY A 389 17.46 7.65 34.68
CA GLY A 389 18.89 7.69 34.97
C GLY A 389 19.21 7.97 36.42
N ASP A 390 18.29 8.55 37.19
CA ASP A 390 18.50 8.82 38.59
C ASP A 390 17.77 7.87 39.51
N LYS A 391 16.65 7.29 39.07
CA LYS A 391 16.00 6.26 39.88
C LYS A 391 16.76 4.96 39.83
N VAL A 392 17.46 4.69 38.73
CA VAL A 392 18.33 3.53 38.60
C VAL A 392 19.76 4.07 38.58
N LYS A 393 20.47 3.92 39.70
CA LYS A 393 21.78 4.55 39.83
C LYS A 393 22.76 4.01 38.79
N GLU A 394 22.80 2.69 38.64
CA GLU A 394 23.72 2.08 37.68
C GLU A 394 23.05 1.86 36.34
N LYS A 395 22.46 2.90 35.77
CA LYS A 395 21.80 2.74 34.47
C LYS A 395 22.82 2.62 33.35
N ASN A 396 23.94 3.34 33.44
CA ASN A 396 24.93 3.27 32.37
C ASN A 396 25.51 1.88 32.25
N LEU A 397 25.70 1.20 33.37
CA LEU A 397 26.17 -0.18 33.33
C LEU A 397 25.12 -1.09 32.70
N PHE A 398 23.84 -0.85 33.00
CA PHE A 398 22.79 -1.61 32.35
C PHE A 398 22.79 -1.40 30.85
N VAL A 399 22.94 -0.15 30.41
CA VAL A 399 22.93 0.14 28.98
C VAL A 399 24.12 -0.51 28.31
N SER A 400 25.29 -0.45 28.95
CA SER A 400 26.49 -1.06 28.36
C SER A 400 26.34 -2.56 28.26
N THR A 401 25.85 -3.21 29.32
CA THR A 401 25.68 -4.65 29.28
C THR A 401 24.63 -5.05 28.28
N THR A 402 23.54 -4.27 28.17
CA THR A 402 22.51 -4.60 27.20
C THR A 402 23.01 -4.43 25.78
N ILE A 403 23.81 -3.40 25.52
CA ILE A 403 24.41 -3.25 24.20
C ILE A 403 25.32 -4.43 23.91
N ILE A 404 26.14 -4.80 24.88
CA ILE A 404 27.06 -5.92 24.68
C ILE A 404 26.28 -7.20 24.41
N VAL A 405 25.19 -7.42 25.14
CA VAL A 405 24.39 -8.63 24.96
C VAL A 405 23.65 -8.59 23.64
N VAL A 406 23.13 -7.44 23.24
CA VAL A 406 22.48 -7.33 21.94
C VAL A 406 23.46 -7.71 20.84
N PHE A 407 24.68 -7.19 20.92
CA PHE A 407 25.67 -7.53 19.91
C PHE A 407 26.07 -8.99 19.98
N PHE A 408 26.31 -9.51 21.18
CA PHE A 408 26.71 -10.90 21.31
C PHE A 408 25.63 -11.83 20.78
N THR A 409 24.38 -11.64 21.20
CA THR A 409 23.31 -12.51 20.75
C THR A 409 23.07 -12.37 19.26
N VAL A 410 22.88 -11.15 18.77
CA VAL A 410 22.46 -11.00 17.38
C VAL A 410 23.60 -11.38 16.43
N ILE A 411 24.82 -11.01 16.74
CA ILE A 411 25.91 -11.24 15.82
C ILE A 411 26.57 -12.59 16.05
N PHE A 412 26.89 -12.95 17.29
CA PHE A 412 27.51 -14.24 17.50
C PHE A 412 26.49 -15.38 17.43
N GLN A 413 25.41 -15.28 18.20
CA GLN A 413 24.42 -16.35 18.16
C GLN A 413 23.58 -16.30 16.90
N GLY A 414 23.28 -15.11 16.39
CA GLY A 414 22.51 -15.03 15.17
C GLY A 414 23.22 -15.56 13.96
N LEU A 415 24.55 -15.51 13.96
CA LEU A 415 25.31 -15.99 12.82
C LEU A 415 25.71 -17.44 12.94
N THR A 416 25.89 -17.94 14.16
CA THR A 416 26.34 -19.30 14.38
C THR A 416 25.21 -20.24 14.76
N ILE A 417 23.95 -19.82 14.65
CA ILE A 417 22.87 -20.76 14.88
C ILE A 417 22.63 -21.65 13.68
N LYS A 418 23.02 -21.21 12.50
CA LYS A 418 22.85 -22.05 11.32
C LYS A 418 23.94 -23.11 11.27
N PRO A 419 25.22 -22.76 11.47
CA PRO A 419 26.22 -23.83 11.59
C PRO A 419 25.95 -24.78 12.73
N LEU A 420 25.50 -24.26 13.88
CA LEU A 420 25.29 -25.11 15.04
C LEU A 420 24.17 -26.11 14.80
N VAL A 421 23.02 -25.63 14.36
CA VAL A 421 21.90 -26.53 14.11
C VAL A 421 22.27 -27.54 13.04
N GLN A 422 22.87 -27.06 11.95
CA GLN A 422 23.29 -27.97 10.89
C GLN A 422 24.35 -28.95 11.36
N TRP A 423 25.13 -28.60 12.38
CA TRP A 423 26.07 -29.55 12.95
C TRP A 423 25.37 -30.56 13.83
N LEU A 424 24.32 -30.15 14.55
CA LEU A 424 23.67 -31.05 15.48
C LEU A 424 22.81 -32.08 14.76
N LYS A 425 22.20 -31.72 13.65
CA LYS A 425 21.47 -32.70 12.85
C LYS A 425 22.35 -33.28 11.74
N VAL A 426 23.52 -33.77 12.14
CA VAL A 426 24.41 -34.53 11.28
C VAL A 426 25.05 -35.64 12.09
N ARG A 435 19.44 -45.00 -1.43
CA ARG A 435 19.04 -43.80 -0.70
C ARG A 435 17.79 -43.19 -1.33
N LEU A 436 17.59 -43.44 -2.61
CA LEU A 436 16.38 -42.98 -3.28
C LEU A 436 15.14 -43.59 -2.66
N ASN A 437 15.14 -44.91 -2.49
CA ASN A 437 14.02 -45.56 -1.81
C ASN A 437 13.92 -45.10 -0.37
N GLU A 438 15.06 -44.90 0.28
CA GLU A 438 15.06 -44.39 1.65
C GLU A 438 14.26 -43.09 1.72
N LYS A 439 14.56 -42.14 0.83
CA LYS A 439 13.90 -40.85 0.91
C LYS A 439 12.43 -40.93 0.50
N LEU A 440 12.12 -41.70 -0.54
CA LEU A 440 10.73 -41.82 -0.96
C LEU A 440 9.87 -42.42 0.15
N HIS A 441 10.33 -43.51 0.75
CA HIS A 441 9.54 -44.12 1.79
C HIS A 441 9.56 -43.33 3.09
N GLY A 442 10.62 -42.56 3.34
CA GLY A 442 10.58 -41.65 4.47
C GLY A 442 9.54 -40.57 4.31
N ARG A 443 9.43 -40.00 3.10
CA ARG A 443 8.39 -39.02 2.85
C ARG A 443 7.01 -39.65 2.95
N ALA A 444 6.87 -40.90 2.48
CA ALA A 444 5.60 -41.60 2.67
C ALA A 444 5.28 -41.78 4.15
N PHE A 445 6.28 -42.14 4.95
CA PHE A 445 6.05 -42.28 6.39
C PHE A 445 5.60 -40.96 6.99
N ASP A 446 6.24 -39.87 6.59
CA ASP A 446 5.85 -38.56 7.10
C ASP A 446 4.43 -38.22 6.71
N HIS A 447 4.03 -38.53 5.49
CA HIS A 447 2.67 -38.23 5.05
C HIS A 447 1.65 -39.10 5.75
N ILE A 448 2.01 -40.34 6.06
CA ILE A 448 1.12 -41.20 6.82
C ILE A 448 0.92 -40.64 8.22
N LEU A 449 2.00 -40.22 8.86
CA LEU A 449 1.90 -39.73 10.22
C LEU A 449 1.03 -38.47 10.29
N SER A 450 1.25 -37.53 9.38
CA SER A 450 0.47 -36.31 9.40
C SER A 450 -1.00 -36.55 9.08
N ALA A 451 -1.34 -37.74 8.61
CA ALA A 451 -2.73 -38.14 8.50
C ALA A 451 -3.24 -38.77 9.79
N ILE A 452 -2.44 -39.61 10.41
CA ILE A 452 -2.84 -40.24 11.67
C ILE A 452 -2.91 -39.20 12.79
N GLU A 453 -1.93 -38.30 12.84
CA GLU A 453 -1.99 -37.17 13.76
C GLU A 453 -3.22 -36.31 13.50
N ASP A 454 -3.74 -36.32 12.27
CA ASP A 454 -4.90 -35.56 11.87
C ASP A 454 -6.21 -36.30 12.13
N ILE A 455 -6.26 -37.58 11.79
CA ILE A 455 -7.48 -38.37 12.01
C ILE A 455 -7.83 -38.38 13.49
N SER A 456 -6.83 -38.66 14.33
CA SER A 456 -7.05 -38.72 15.77
C SER A 456 -7.38 -37.35 16.36
N GLY A 457 -7.09 -36.27 15.64
CA GLY A 457 -7.57 -34.96 16.04
C GLY A 457 -7.09 -34.52 17.40
N GLN A 458 -5.86 -34.84 17.75
CA GLN A 458 -5.27 -34.39 19.00
C GLN A 458 -4.17 -33.37 18.78
N ILE A 459 -3.94 -32.94 17.54
CA ILE A 459 -2.86 -32.00 17.29
C ILE A 459 -3.31 -30.60 17.61
N GLY A 460 -4.25 -30.06 16.86
CA GLY A 460 -4.66 -28.71 17.15
C GLY A 460 -5.48 -28.68 18.42
N HIS A 461 -6.12 -27.53 18.64
CA HIS A 461 -7.25 -27.49 19.55
C HIS A 461 -8.50 -27.76 18.72
N ASN A 462 -8.62 -29.01 18.31
CA ASN A 462 -9.60 -29.37 17.29
C ASN A 462 -11.02 -29.16 17.78
N TYR A 463 -11.29 -29.51 19.04
CA TYR A 463 -12.63 -29.31 19.58
C TYR A 463 -12.98 -27.83 19.64
N LEU A 464 -12.03 -26.99 20.04
CA LEU A 464 -12.28 -25.57 20.08
C LEU A 464 -12.24 -24.93 18.69
N ARG A 465 -11.42 -25.47 17.79
CA ARG A 465 -11.49 -25.02 16.40
C ARG A 465 -12.83 -25.34 15.78
N ASP A 466 -13.36 -26.53 16.06
CA ASP A 466 -14.69 -26.87 15.59
C ASP A 466 -15.73 -25.95 16.21
N LYS A 467 -15.66 -25.74 17.53
CA LYS A 467 -16.63 -24.88 18.18
C LYS A 467 -16.55 -23.47 17.64
N TRP A 468 -15.34 -22.95 17.43
CA TRP A 468 -15.21 -21.61 16.88
C TRP A 468 -15.77 -21.53 15.47
N SER A 469 -15.42 -22.50 14.63
CA SER A 469 -15.87 -22.47 13.24
C SER A 469 -17.38 -22.52 13.15
N HIS A 470 -18.02 -23.30 14.02
CA HIS A 470 -19.48 -23.22 14.13
C HIS A 470 -19.93 -21.83 14.53
N PHE A 471 -19.32 -21.26 15.56
CA PHE A 471 -19.72 -19.94 16.02
C PHE A 471 -19.34 -18.87 15.00
N ASP A 472 -18.21 -19.04 14.33
CA ASP A 472 -17.80 -18.05 13.34
C ASP A 472 -18.74 -18.04 12.14
N ARG A 473 -19.10 -19.22 11.62
CA ARG A 473 -19.89 -19.28 10.41
C ARG A 473 -21.35 -18.94 10.65
N LYS A 474 -21.86 -19.19 11.84
CA LYS A 474 -23.28 -18.98 12.07
C LYS A 474 -23.58 -17.62 12.68
N PHE A 475 -22.72 -17.12 13.57
CA PHE A 475 -22.99 -15.89 14.30
C PHE A 475 -22.03 -14.77 13.93
N LEU A 476 -20.72 -14.99 14.07
CA LEU A 476 -19.78 -13.90 13.89
C LEU A 476 -19.76 -13.41 12.46
N SER A 477 -19.80 -14.32 11.48
CA SER A 477 -19.77 -13.90 10.10
C SER A 477 -21.01 -13.13 9.70
N ARG A 478 -22.10 -13.26 10.44
CA ARG A 478 -23.31 -12.52 10.12
C ARG A 478 -23.16 -11.04 10.40
N VAL A 479 -22.25 -10.65 11.29
CA VAL A 479 -22.09 -9.25 11.64
C VAL A 479 -20.78 -8.66 11.15
N LEU A 480 -19.77 -9.47 10.86
CA LEU A 480 -18.47 -8.97 10.47
C LEU A 480 -18.19 -9.11 8.99
N MET A 481 -19.03 -9.83 8.25
CA MET A 481 -18.85 -10.02 6.82
C MET A 481 -20.07 -9.49 6.09
N ARG A 482 -19.85 -8.95 4.90
CA ARG A 482 -20.92 -8.35 4.14
C ARG A 482 -21.97 -9.39 3.75
N ARG A 483 -23.22 -8.93 3.57
CA ARG A 483 -24.32 -9.84 3.26
C ARG A 483 -24.01 -10.66 2.01
N SER A 484 -23.68 -9.98 0.91
CA SER A 484 -23.36 -10.68 -0.32
C SER A 484 -22.16 -11.59 -0.15
N ALA A 485 -21.21 -11.20 0.70
CA ALA A 485 -20.11 -12.09 1.03
C ALA A 485 -20.61 -13.30 1.81
N GLN A 486 -21.58 -13.11 2.72
CA GLN A 486 -22.16 -14.25 3.41
C GLN A 486 -22.86 -15.19 2.44
N LYS A 487 -23.62 -14.63 1.49
CA LYS A 487 -24.30 -15.45 0.51
C LYS A 487 -23.31 -16.23 -0.35
N SER A 488 -22.25 -15.55 -0.81
CA SER A 488 -21.24 -16.23 -1.61
C SER A 488 -20.53 -17.31 -0.80
N ARG A 489 -20.22 -17.01 0.46
CA ARG A 489 -19.54 -17.98 1.32
C ARG A 489 -20.40 -19.21 1.55
N ASP A 490 -21.70 -19.01 1.80
CA ASP A 490 -22.56 -20.16 2.02
C ASP A 490 -22.81 -20.93 0.73
N ARG A 491 -22.85 -20.25 -0.42
CA ARG A 491 -22.94 -20.98 -1.68
C ARG A 491 -21.71 -21.84 -1.92
N ILE A 492 -20.53 -21.30 -1.63
CA ILE A 492 -19.29 -22.07 -1.79
C ILE A 492 -19.28 -23.25 -0.84
N LEU A 493 -19.69 -23.03 0.41
CA LEU A 493 -19.75 -24.13 1.37
C LEU A 493 -20.76 -25.18 0.96
N ASN A 494 -21.86 -24.78 0.34
CA ASN A 494 -22.84 -25.74 -0.15
C ASN A 494 -22.30 -26.57 -1.31
N VAL A 495 -21.64 -25.91 -2.27
CA VAL A 495 -21.12 -26.66 -3.41
C VAL A 495 -19.93 -27.53 -3.02
N PHE A 496 -19.23 -27.18 -1.94
CA PHE A 496 -18.15 -28.03 -1.47
C PHE A 496 -18.57 -29.02 -0.40
N HIS A 497 -19.82 -28.92 0.08
CA HIS A 497 -20.32 -29.88 1.06
C HIS A 497 -20.69 -31.21 0.40
N GLU A 498 -21.18 -31.16 -0.84
CA GLU A 498 -21.44 -32.40 -1.55
C GLU A 498 -20.15 -33.20 -1.74
N LEU A 499 -19.03 -32.49 -1.90
CA LEU A 499 -17.71 -33.11 -1.98
C LEU A 499 -17.05 -33.13 -0.61
N ASN A 500 -17.75 -33.62 0.41
CA ASN A 500 -17.28 -33.46 1.78
C ASN A 500 -15.94 -34.18 2.00
N HIS A 578 19.42 -38.03 -6.25
CA HIS A 578 18.80 -38.08 -4.92
C HIS A 578 18.23 -36.72 -4.55
N HIS A 579 19.05 -35.67 -4.65
CA HIS A 579 18.56 -34.33 -4.34
C HIS A 579 17.48 -33.89 -5.31
N THR A 580 17.51 -34.39 -6.54
CA THR A 580 16.42 -34.14 -7.48
C THR A 580 15.09 -34.60 -6.90
N LEU A 581 15.05 -35.86 -6.45
CA LEU A 581 13.89 -36.40 -5.76
C LEU A 581 13.49 -35.52 -4.58
N GLN A 582 14.46 -35.05 -3.81
CA GLN A 582 14.15 -34.17 -2.68
C GLN A 582 13.42 -32.93 -3.15
N GLN A 583 13.88 -32.30 -4.22
CA GLN A 583 13.20 -31.11 -4.70
C GLN A 583 11.88 -31.43 -5.38
N TYR A 584 11.60 -32.70 -5.67
CA TYR A 584 10.35 -33.05 -6.31
C TYR A 584 9.22 -33.40 -5.35
N LEU A 585 9.52 -34.06 -4.23
CA LEU A 585 8.47 -34.56 -3.34
C LEU A 585 7.68 -33.44 -2.69
N TYR A 586 6.43 -33.75 -2.39
CA TYR A 586 5.60 -32.86 -1.59
C TYR A 586 6.17 -32.74 -0.19
N LYS A 587 6.05 -31.60 0.36
CA LYS A 587 6.56 -31.61 1.72
C LYS A 587 5.42 -31.91 2.68
N PRO A 588 5.70 -32.58 3.79
CA PRO A 588 4.65 -32.83 4.78
C PRO A 588 4.22 -31.52 5.42
N ARG A 589 2.96 -31.48 5.84
CA ARG A 589 2.38 -30.27 6.40
C ARG A 589 3.20 -29.74 7.57
N GLN A 590 3.87 -30.64 8.29
CA GLN A 590 4.66 -30.24 9.44
C GLN A 590 5.93 -29.49 9.08
N GLU A 591 6.34 -29.53 7.81
CA GLU A 591 7.62 -29.01 7.39
C GLU A 591 7.52 -27.83 6.46
N TYR A 592 6.38 -27.13 6.47
CA TYR A 592 6.25 -25.94 5.65
C TYR A 592 7.18 -24.85 6.16
N LYS A 593 7.84 -24.17 5.23
CA LYS A 593 8.84 -23.16 5.57
C LYS A 593 8.12 -21.82 5.71
N HIS A 594 7.55 -21.61 6.90
CA HIS A 594 6.98 -20.33 7.24
C HIS A 594 8.08 -19.35 7.57
N LEU A 595 7.91 -18.10 7.13
CA LEU A 595 8.89 -17.08 7.45
C LEU A 595 8.16 -15.81 7.88
N TYR A 596 8.73 -15.13 8.87
CA TYR A 596 8.34 -13.79 9.24
C TYR A 596 9.62 -12.96 9.33
N SER A 597 9.64 -11.83 8.65
CA SER A 597 10.89 -11.06 8.55
C SER A 597 10.84 -9.71 9.21
N ARG A 598 9.70 -9.03 9.20
CA ARG A 598 9.55 -7.65 9.69
C ARG A 598 10.20 -6.67 8.74
N HIS A 599 10.94 -7.18 7.76
CA HIS A 599 11.63 -6.35 6.80
C HIS A 599 11.31 -6.70 5.36
N GLU A 600 10.67 -7.83 5.12
CA GLU A 600 10.22 -8.18 3.78
C GLU A 600 8.99 -9.04 3.90
N LEU A 601 8.21 -9.07 2.84
CA LEU A 601 7.03 -9.93 2.78
C LEU A 601 7.48 -11.32 2.37
N THR A 602 7.14 -12.31 3.19
CA THR A 602 7.56 -13.69 2.98
C THR A 602 6.32 -14.56 3.00
N PRO A 603 5.55 -14.59 1.92
CA PRO A 603 4.41 -15.50 1.87
C PRO A 603 4.90 -16.94 1.81
N THR A 604 4.25 -17.79 2.61
CA THR A 604 4.59 -19.20 2.65
C THR A 604 4.43 -19.79 1.26
N GLU A 605 5.53 -20.17 0.63
CA GLU A 605 5.46 -20.69 -0.73
C GLU A 605 5.13 -22.17 -0.76
N ASP A 606 4.97 -22.80 0.39
CA ASP A 606 4.53 -24.19 0.44
C ASP A 606 3.03 -24.34 0.53
N GLU A 607 2.29 -23.25 0.74
CA GLU A 607 0.84 -23.34 0.66
C GLU A 607 0.36 -23.60 -0.75
N LYS A 608 1.23 -23.42 -1.74
CA LYS A 608 0.89 -23.80 -3.11
C LYS A 608 0.70 -25.31 -3.21
N GLN A 609 1.52 -26.06 -2.49
CA GLN A 609 1.33 -27.51 -2.39
C GLN A 609 -0.06 -27.85 -1.88
N ASP A 610 -0.53 -27.15 -0.84
CA ASP A 610 -1.83 -27.46 -0.28
C ASP A 610 -2.91 -27.31 -1.34
N ARG A 611 -2.88 -26.20 -2.08
CA ARG A 611 -3.92 -25.95 -3.07
C ARG A 611 -3.82 -26.93 -4.23
N GLU A 612 -2.61 -27.28 -4.64
CA GLU A 612 -2.44 -28.26 -5.71
C GLU A 612 -3.05 -29.60 -5.33
N ILE A 613 -2.71 -30.10 -4.14
CA ILE A 613 -3.24 -31.38 -3.72
C ILE A 613 -4.73 -31.31 -3.48
N PHE A 614 -5.22 -30.18 -2.99
CA PHE A 614 -6.66 -30.05 -2.78
C PHE A 614 -7.38 -30.16 -4.11
N HIS A 615 -6.84 -29.52 -5.15
CA HIS A 615 -7.45 -29.63 -6.46
C HIS A 615 -7.40 -31.06 -6.97
N ARG A 616 -6.27 -31.74 -6.75
CA ARG A 616 -6.16 -33.12 -7.22
C ARG A 616 -7.17 -34.03 -6.53
N THR A 617 -7.36 -33.86 -5.22
CA THR A 617 -8.32 -34.70 -4.53
C THR A 617 -9.76 -34.33 -4.90
N MET A 618 -10.03 -33.04 -5.11
CA MET A 618 -11.37 -32.65 -5.52
C MET A 618 -11.70 -33.17 -6.91
N ARG A 619 -10.73 -33.11 -7.84
CA ARG A 619 -10.89 -33.80 -9.11
C ARG A 619 -11.06 -35.30 -8.91
N LYS A 620 -10.45 -35.86 -7.86
CA LYS A 620 -10.76 -37.22 -7.48
C LYS A 620 -12.10 -37.34 -6.77
N ARG A 621 -12.56 -36.25 -6.13
CA ARG A 621 -13.87 -36.28 -5.50
C ARG A 621 -14.99 -36.10 -6.51
N LEU A 622 -14.67 -35.63 -7.72
CA LEU A 622 -15.66 -35.63 -8.79
C LEU A 622 -15.82 -36.99 -9.43
N GLU A 623 -14.91 -37.93 -9.16
CA GLU A 623 -15.04 -39.26 -9.72
C GLU A 623 -16.30 -39.96 -9.25
N SER A 624 -16.73 -39.69 -8.01
CA SER A 624 -18.01 -40.19 -7.55
C SER A 624 -19.17 -39.54 -8.27
N PHE A 625 -18.94 -38.38 -8.91
CA PHE A 625 -19.97 -37.62 -9.61
C PHE A 625 -21.04 -37.11 -8.63
N LYS A 626 -20.59 -36.58 -7.50
CA LYS A 626 -21.51 -36.10 -6.48
C LYS A 626 -21.47 -34.59 -6.36
N GLY B 1 -1.93 4.91 47.85
CA GLY B 1 -0.71 5.70 47.88
C GLY B 1 0.54 4.88 47.62
N GLY B 2 0.36 3.57 47.47
CA GLY B 2 1.48 2.68 47.22
C GLY B 2 1.64 2.33 45.76
N PHE B 3 1.47 1.05 45.44
CA PHE B 3 1.54 0.59 44.05
C PHE B 3 0.11 0.40 43.54
N GLN B 4 -0.20 1.04 42.43
CA GLN B 4 -1.55 1.02 41.87
C GLN B 4 -1.63 -0.06 40.80
N VAL B 5 -2.64 -0.91 40.92
CA VAL B 5 -2.81 -2.00 39.95
C VAL B 5 -3.08 -1.42 38.56
N VAL B 6 -4.03 -0.50 38.45
CA VAL B 6 -4.36 0.16 37.19
C VAL B 6 -4.61 1.64 37.47
N THR B 7 -4.13 2.49 36.57
CA THR B 7 -4.30 3.92 36.69
C THR B 7 -4.82 4.45 35.36
N PHE B 8 -5.98 5.09 35.39
CA PHE B 8 -6.46 5.75 34.18
C PHE B 8 -5.58 6.95 33.90
N GLU B 9 -4.88 6.92 32.78
CA GLU B 9 -3.89 7.93 32.44
C GLU B 9 -4.21 8.45 31.04
N TRP B 10 -5.11 9.43 30.98
CA TRP B 10 -5.49 10.03 29.71
C TRP B 10 -4.55 11.14 29.29
N ALA B 11 -3.92 11.84 30.23
CA ALA B 11 -3.01 12.90 29.84
C ALA B 11 -1.81 12.33 29.09
N HIS B 12 -1.45 11.08 29.38
CA HIS B 12 -0.38 10.38 28.70
C HIS B 12 -0.69 10.22 27.21
N VAL B 13 -1.73 9.45 26.91
CA VAL B 13 -2.14 9.22 25.52
C VAL B 13 -3.17 10.28 25.21
N GLN B 14 -2.71 11.43 24.89
CA GLN B 14 -3.67 12.49 24.65
C GLN B 14 -3.46 13.21 23.34
N ASP B 15 -2.21 13.43 22.96
CA ASP B 15 -1.96 14.02 21.66
C ASP B 15 -2.16 12.96 20.59
N PRO B 16 -1.45 11.82 20.62
CA PRO B 16 -1.68 10.82 19.58
C PRO B 16 -3.09 10.29 19.59
N TYR B 17 -3.72 10.20 20.74
CA TYR B 17 -5.09 9.69 20.80
C TYR B 17 -6.04 10.61 20.08
N VAL B 18 -5.93 11.91 20.31
CA VAL B 18 -6.85 12.83 19.67
C VAL B 18 -6.55 12.94 18.19
N ILE B 19 -5.28 12.89 17.80
CA ILE B 19 -4.96 12.94 16.38
C ILE B 19 -5.51 11.72 15.66
N ALA B 20 -5.33 10.53 16.25
CA ALA B 20 -5.88 9.32 15.66
C ALA B 20 -7.40 9.33 15.66
N LEU B 21 -8.02 9.92 16.69
CA LEU B 21 -9.47 10.05 16.69
C LEU B 21 -9.94 10.97 15.57
N TRP B 22 -9.20 12.06 15.35
CA TRP B 22 -9.51 12.93 14.22
C TRP B 22 -9.51 12.15 12.92
N ILE B 23 -8.44 11.41 12.67
CA ILE B 23 -8.34 10.68 11.41
C ILE B 23 -9.43 9.62 11.32
N LEU B 24 -9.70 8.91 12.41
CA LEU B 24 -10.71 7.87 12.38
C LEU B 24 -12.10 8.45 12.12
N VAL B 25 -12.44 9.54 12.80
CA VAL B 25 -13.75 10.13 12.64
C VAL B 25 -13.91 10.69 11.25
N ALA B 26 -12.85 11.26 10.68
CA ALA B 26 -12.93 11.71 9.30
C ALA B 26 -13.12 10.55 8.35
N SER B 27 -12.47 9.42 8.61
CA SER B 27 -12.65 8.25 7.75
C SER B 27 -14.07 7.70 7.85
N LEU B 28 -14.65 7.68 9.05
CA LEU B 28 -16.04 7.25 9.19
C LEU B 28 -16.98 8.21 8.47
N ALA B 29 -16.72 9.52 8.59
CA ALA B 29 -17.52 10.47 7.86
C ALA B 29 -17.36 10.32 6.37
N LYS B 30 -16.22 9.80 5.92
CA LYS B 30 -16.06 9.49 4.51
C LYS B 30 -16.83 8.24 4.12
N ILE B 31 -16.97 7.30 5.06
CA ILE B 31 -17.83 6.14 4.81
C ILE B 31 -19.26 6.62 4.57
N GLY B 32 -19.72 7.53 5.41
CA GLY B 32 -21.05 8.09 5.21
C GLY B 32 -21.15 8.96 3.98
N PHE B 33 -20.13 9.76 3.71
CA PHE B 33 -20.17 10.75 2.63
C PHE B 33 -20.31 10.08 1.27
N HIS B 34 -19.41 9.15 0.97
CA HIS B 34 -19.37 8.52 -0.35
C HIS B 34 -20.42 7.45 -0.53
N LEU B 35 -21.30 7.28 0.45
CA LEU B 35 -22.32 6.25 0.36
C LEU B 35 -23.25 6.49 -0.82
N SER B 36 -23.66 7.73 -1.02
CA SER B 36 -24.61 8.08 -2.07
C SER B 36 -23.97 9.03 -3.06
N HIS B 37 -24.07 8.71 -4.34
CA HIS B 37 -23.59 9.59 -5.39
C HIS B 37 -24.37 10.90 -5.43
N LYS B 38 -25.58 10.92 -4.87
CA LYS B 38 -26.35 12.16 -4.80
C LYS B 38 -25.69 13.19 -3.89
N VAL B 39 -24.71 12.81 -3.09
CA VAL B 39 -24.00 13.73 -2.21
C VAL B 39 -22.65 14.10 -2.78
N THR B 40 -21.84 13.10 -3.14
CA THR B 40 -20.50 13.37 -3.63
C THR B 40 -20.50 14.11 -4.96
N SER B 41 -21.61 14.11 -5.67
CA SER B 41 -21.74 14.90 -6.90
C SER B 41 -22.20 16.31 -6.64
N VAL B 42 -22.50 16.68 -5.40
CA VAL B 42 -23.03 17.98 -5.05
C VAL B 42 -22.12 18.71 -4.06
N VAL B 43 -21.63 18.00 -3.05
CA VAL B 43 -20.81 18.58 -1.99
C VAL B 43 -19.35 18.28 -2.28
N PRO B 44 -18.49 19.29 -2.36
CA PRO B 44 -17.05 19.02 -2.37
C PRO B 44 -16.62 18.42 -1.05
N GLU B 45 -15.69 17.46 -1.11
CA GLU B 45 -15.31 16.74 0.09
C GLU B 45 -14.60 17.65 1.09
N SER B 46 -13.98 18.72 0.59
CA SER B 46 -13.41 19.73 1.47
C SER B 46 -14.48 20.32 2.38
N ALA B 47 -15.70 20.49 1.87
CA ALA B 47 -16.79 20.97 2.70
C ALA B 47 -17.12 19.98 3.80
N LEU B 48 -17.11 18.69 3.48
CA LEU B 48 -17.30 17.69 4.52
C LEU B 48 -16.26 17.83 5.61
N LEU B 49 -15.00 17.95 5.22
CA LEU B 49 -13.94 18.03 6.22
C LEU B 49 -14.07 19.30 7.06
N ILE B 50 -14.47 20.40 6.44
CA ILE B 50 -14.61 21.64 7.19
C ILE B 50 -15.78 21.58 8.16
N VAL B 51 -16.92 21.04 7.73
CA VAL B 51 -18.04 20.89 8.65
C VAL B 51 -17.69 19.93 9.79
N LEU B 52 -17.01 18.84 9.46
CA LEU B 52 -16.61 17.88 10.47
C LEU B 52 -15.61 18.49 11.45
N GLY B 53 -14.68 19.29 10.94
CA GLY B 53 -13.77 20.00 11.83
C GLY B 53 -14.49 20.96 12.74
N LEU B 54 -15.53 21.61 12.22
CA LEU B 54 -16.36 22.47 13.07
C LEU B 54 -17.01 21.66 14.19
N VAL B 55 -17.58 20.50 13.85
CA VAL B 55 -18.28 19.70 14.84
C VAL B 55 -17.31 19.21 15.91
N LEU B 56 -16.15 18.70 15.48
CA LEU B 56 -15.17 18.22 16.44
C LEU B 56 -14.56 19.36 17.25
N GLY B 57 -14.42 20.54 16.65
CA GLY B 57 -14.02 21.70 17.43
C GLY B 57 -15.08 22.13 18.42
N GLY B 58 -16.35 21.94 18.08
CA GLY B 58 -17.39 22.19 19.05
C GLY B 58 -17.29 21.24 20.22
N ILE B 59 -16.95 19.99 19.95
CA ILE B 59 -16.71 19.03 21.03
C ILE B 59 -15.51 19.48 21.87
N VAL B 60 -14.45 19.94 21.22
CA VAL B 60 -13.26 20.39 21.95
C VAL B 60 -13.59 21.60 22.82
N TRP B 61 -14.38 22.53 22.30
CA TRP B 61 -14.79 23.69 23.07
C TRP B 61 -15.68 23.28 24.24
N ALA B 62 -16.57 22.32 24.03
CA ALA B 62 -17.38 21.82 25.13
C ALA B 62 -16.51 21.19 26.22
N ALA B 63 -15.51 20.42 25.82
CA ALA B 63 -14.58 19.86 26.78
C ALA B 63 -13.61 20.90 27.33
N ASP B 64 -13.63 22.11 26.79
CA ASP B 64 -12.79 23.22 27.25
C ASP B 64 -11.31 22.87 27.11
N HIS B 65 -10.94 22.44 25.91
CA HIS B 65 -9.55 22.12 25.61
C HIS B 65 -9.10 22.84 24.35
N ILE B 66 -9.57 24.07 24.16
CA ILE B 66 -9.18 24.82 22.98
C ILE B 66 -7.70 25.18 23.04
N ALA B 67 -7.21 25.55 24.21
CA ALA B 67 -5.82 25.99 24.33
C ALA B 67 -4.84 24.83 24.23
N SER B 68 -5.31 23.59 24.26
CA SER B 68 -4.45 22.44 24.09
C SER B 68 -4.03 22.23 22.65
N PHE B 69 -4.72 22.84 21.70
CA PHE B 69 -4.48 22.64 20.28
C PHE B 69 -3.83 23.87 19.70
N THR B 70 -2.60 23.73 19.23
CA THR B 70 -1.94 24.77 18.47
C THR B 70 -1.25 24.13 17.28
N LEU B 71 -1.39 24.76 16.12
CA LEU B 71 -0.71 24.31 14.92
C LEU B 71 0.63 25.04 14.85
N THR B 72 1.67 24.31 14.94
CA THR B 72 2.94 25.01 14.99
C THR B 72 3.64 24.94 13.64
N PRO B 73 4.46 25.94 13.31
CA PRO B 73 5.08 25.94 11.97
C PRO B 73 5.92 24.71 11.68
N THR B 74 6.62 24.17 12.67
CA THR B 74 7.43 22.98 12.41
C THR B 74 6.57 21.76 12.15
N VAL B 75 5.30 21.80 12.50
CA VAL B 75 4.42 20.67 12.24
C VAL B 75 3.75 20.80 10.88
N PHE B 76 3.21 21.97 10.57
CA PHE B 76 2.60 22.15 9.27
C PHE B 76 3.63 22.03 8.16
N PHE B 77 4.76 22.72 8.32
CA PHE B 77 5.70 22.81 7.23
C PHE B 77 6.55 21.57 7.05
N PHE B 78 6.57 20.66 8.01
CA PHE B 78 7.40 19.47 7.91
C PHE B 78 6.64 18.17 7.87
N TYR B 79 5.40 18.14 8.37
CA TYR B 79 4.69 16.88 8.46
C TYR B 79 3.31 16.95 7.83
N LEU B 80 2.68 18.11 7.85
CA LEU B 80 1.33 18.22 7.32
C LEU B 80 1.30 18.67 5.87
N LEU B 81 2.23 19.52 5.47
CA LEU B 81 2.25 20.00 4.10
C LEU B 81 2.91 19.04 3.10
N PRO B 82 4.03 18.40 3.43
CA PRO B 82 4.69 17.54 2.44
C PRO B 82 3.78 16.46 1.89
N PRO B 83 3.00 15.73 2.70
CA PRO B 83 2.14 14.70 2.10
C PRO B 83 1.14 15.25 1.11
N ILE B 84 0.53 16.39 1.39
CA ILE B 84 -0.47 16.96 0.49
C ILE B 84 0.17 17.30 -0.85
N VAL B 85 1.32 17.97 -0.81
CA VAL B 85 1.97 18.40 -2.03
C VAL B 85 2.52 17.21 -2.80
N LEU B 86 3.06 16.22 -2.11
CA LEU B 86 3.57 15.04 -2.79
C LEU B 86 2.43 14.28 -3.46
N ASP B 87 1.29 14.16 -2.80
CA ASP B 87 0.15 13.52 -3.41
C ASP B 87 -0.29 14.26 -4.66
N ALA B 88 -0.37 15.59 -4.58
CA ALA B 88 -0.79 16.35 -5.74
C ALA B 88 0.20 16.19 -6.89
N GLY B 89 1.49 16.27 -6.59
CA GLY B 89 2.49 16.19 -7.64
C GLY B 89 2.72 14.82 -8.20
N TYR B 90 2.35 13.77 -7.46
CA TYR B 90 2.55 12.42 -7.94
C TYR B 90 1.42 11.90 -8.79
N PHE B 91 0.24 12.51 -8.71
CA PHE B 91 -0.89 12.15 -9.54
C PHE B 91 -1.13 13.16 -10.65
N MET B 92 -0.19 14.03 -10.90
CA MET B 92 -0.30 15.02 -11.97
C MET B 92 -0.12 14.33 -13.31
N PRO B 93 -1.10 14.39 -14.21
CA PRO B 93 -0.88 13.84 -15.56
C PRO B 93 0.24 14.59 -16.24
N ASN B 94 1.37 13.92 -16.47
CA ASN B 94 2.56 14.63 -16.90
C ASN B 94 2.39 15.24 -18.27
N ARG B 95 1.74 14.54 -19.19
CA ARG B 95 1.60 15.07 -20.54
C ARG B 95 0.79 16.34 -20.56
N LEU B 96 -0.32 16.36 -19.81
CA LEU B 96 -1.12 17.58 -19.74
C LEU B 96 -0.40 18.67 -18.97
N PHE B 97 0.30 18.31 -17.91
CA PHE B 97 0.98 19.34 -17.11
C PHE B 97 2.05 20.04 -17.93
N PHE B 98 2.85 19.28 -18.66
CA PHE B 98 3.94 19.87 -19.40
C PHE B 98 3.53 20.41 -20.75
N GLY B 99 2.46 19.88 -21.34
CA GLY B 99 1.94 20.52 -22.53
C GLY B 99 1.22 21.82 -22.26
N ASN B 100 0.91 22.11 -21.00
CA ASN B 100 0.28 23.35 -20.60
C ASN B 100 1.06 24.01 -19.49
N LEU B 101 2.39 23.86 -19.50
CA LEU B 101 3.20 24.38 -18.41
C LEU B 101 3.09 25.89 -18.31
N GLY B 102 3.14 26.59 -19.45
CA GLY B 102 3.08 28.03 -19.40
C GLY B 102 1.75 28.56 -18.91
N THR B 103 0.65 27.94 -19.33
CA THR B 103 -0.66 28.37 -18.88
C THR B 103 -0.82 28.15 -17.38
N ILE B 104 -0.38 27.00 -16.88
CA ILE B 104 -0.43 26.73 -15.46
C ILE B 104 0.44 27.72 -14.70
N LEU B 105 1.63 28.01 -15.21
CA LEU B 105 2.51 28.96 -14.54
C LEU B 105 1.89 30.35 -14.50
N LEU B 106 1.25 30.76 -15.60
CA LEU B 106 0.63 32.08 -15.61
C LEU B 106 -0.53 32.15 -14.62
N TYR B 107 -1.35 31.12 -14.56
CA TYR B 107 -2.46 31.12 -13.61
C TYR B 107 -1.99 30.93 -12.17
N ALA B 108 -0.80 30.39 -11.97
CA ALA B 108 -0.36 29.98 -10.64
C ALA B 108 0.69 30.91 -10.05
N VAL B 109 1.49 31.56 -10.87
CA VAL B 109 2.49 32.50 -10.39
C VAL B 109 2.05 33.93 -10.58
N VAL B 110 1.70 34.31 -11.80
CA VAL B 110 1.15 35.64 -12.02
C VAL B 110 -0.23 35.74 -11.40
N GLY B 111 -1.03 34.69 -11.50
CA GLY B 111 -2.34 34.71 -10.87
C GLY B 111 -2.26 34.84 -9.37
N THR B 112 -1.28 34.19 -8.75
CA THR B 112 -1.11 34.32 -7.30
C THR B 112 -0.53 35.69 -6.95
N VAL B 113 0.49 36.13 -7.67
CA VAL B 113 1.06 37.43 -7.38
C VAL B 113 0.06 38.53 -7.67
N TRP B 114 -0.75 38.37 -8.72
CA TRP B 114 -1.81 39.34 -8.96
C TRP B 114 -2.80 39.34 -7.81
N ASN B 115 -3.32 38.17 -7.45
CA ASN B 115 -4.29 38.12 -6.37
C ASN B 115 -3.71 38.65 -5.08
N ALA B 116 -2.50 38.21 -4.73
CA ALA B 116 -1.89 38.63 -3.48
C ALA B 116 -1.66 40.13 -3.46
N ALA B 117 -1.01 40.66 -4.49
CA ALA B 117 -0.69 42.08 -4.52
C ALA B 117 -1.96 42.93 -4.54
N THR B 118 -2.96 42.55 -5.35
CA THR B 118 -4.16 43.36 -5.45
C THR B 118 -4.97 43.32 -4.16
N THR B 119 -5.17 42.13 -3.60
CA THR B 119 -5.92 42.07 -2.34
C THR B 119 -5.19 42.81 -1.23
N GLY B 120 -3.89 42.60 -1.10
CA GLY B 120 -3.14 43.29 -0.06
C GLY B 120 -3.17 44.79 -0.23
N LEU B 121 -2.91 45.27 -1.44
CA LEU B 121 -2.87 46.70 -1.68
C LEU B 121 -4.25 47.32 -1.60
N SER B 122 -5.30 46.61 -2.01
CA SER B 122 -6.63 47.16 -1.92
C SER B 122 -7.11 47.23 -0.49
N LEU B 123 -6.81 46.21 0.31
CA LEU B 123 -7.11 46.28 1.72
C LEU B 123 -6.33 47.40 2.39
N TYR B 124 -5.06 47.58 2.00
CA TYR B 124 -4.27 48.66 2.57
C TYR B 124 -4.83 50.02 2.18
N GLY B 125 -5.25 50.18 0.94
CA GLY B 125 -5.84 51.43 0.51
C GLY B 125 -7.15 51.72 1.22
N VAL B 126 -7.95 50.67 1.46
CA VAL B 126 -9.15 50.84 2.26
C VAL B 126 -8.79 51.25 3.67
N PHE B 127 -7.76 50.63 4.24
CA PHE B 127 -7.34 50.94 5.60
C PHE B 127 -6.89 52.38 5.73
N LEU B 128 -6.14 52.87 4.74
CA LEU B 128 -5.70 54.26 4.76
C LEU B 128 -6.86 55.24 4.72
N SER B 129 -8.00 54.82 4.19
CA SER B 129 -9.17 55.70 4.13
C SER B 129 -9.96 55.71 5.43
N GLY B 130 -9.54 54.94 6.42
CA GLY B 130 -10.19 54.94 7.71
C GLY B 130 -11.43 54.09 7.82
N LEU B 131 -11.82 53.39 6.76
CA LEU B 131 -13.03 52.58 6.83
C LEU B 131 -12.87 51.47 7.87
N MET B 132 -11.73 50.80 7.88
CA MET B 132 -11.51 49.76 8.86
C MET B 132 -11.42 50.34 10.26
N GLY B 133 -10.57 51.34 10.44
CA GLY B 133 -10.56 52.12 11.65
C GLY B 133 -9.72 51.54 12.76
N ASP B 134 -8.71 52.30 13.19
CA ASP B 134 -7.96 52.04 14.41
C ASP B 134 -7.45 50.60 14.46
N LEU B 135 -6.85 50.17 13.36
CA LEU B 135 -6.11 48.91 13.30
C LEU B 135 -4.64 49.22 13.39
N GLN B 136 -3.94 48.60 14.32
CA GLN B 136 -2.50 48.76 14.40
C GLN B 136 -1.91 47.77 13.40
N ILE B 137 -1.74 48.24 12.16
CA ILE B 137 -1.41 47.39 11.03
C ILE B 137 -0.61 48.22 10.03
N GLY B 138 0.20 47.53 9.24
CA GLY B 138 1.05 48.21 8.27
C GLY B 138 0.88 47.68 6.87
N LEU B 139 1.72 48.14 5.95
CA LEU B 139 1.65 47.63 4.58
C LEU B 139 2.10 46.18 4.50
N LEU B 140 3.17 45.84 5.22
CA LEU B 140 3.69 44.49 5.11
C LEU B 140 2.72 43.47 5.69
N ASP B 141 1.98 43.84 6.74
CA ASP B 141 0.96 42.93 7.25
C ASP B 141 -0.13 42.68 6.22
N PHE B 142 -0.54 43.72 5.51
CA PHE B 142 -1.55 43.56 4.48
C PHE B 142 -1.03 42.72 3.33
N LEU B 143 0.23 42.91 2.96
CA LEU B 143 0.80 42.10 1.89
C LEU B 143 0.94 40.65 2.32
N LEU B 144 1.29 40.42 3.58
CA LEU B 144 1.33 39.06 4.10
C LEU B 144 -0.04 38.41 4.06
N PHE B 145 -1.07 39.15 4.45
CA PHE B 145 -2.43 38.63 4.38
C PHE B 145 -2.81 38.32 2.94
N GLY B 146 -2.55 39.26 2.03
CA GLY B 146 -2.87 39.01 0.64
C GLY B 146 -2.13 37.81 0.09
N SER B 147 -0.88 37.62 0.50
CA SER B 147 -0.10 36.49 0.02
C SER B 147 -0.69 35.17 0.51
N LEU B 148 -0.94 35.06 1.81
CA LEU B 148 -1.55 33.84 2.30
C LEU B 148 -2.96 33.65 1.77
N MET B 149 -3.63 34.73 1.39
CA MET B 149 -5.01 34.67 0.97
C MET B 149 -5.16 34.30 -0.48
N ALA B 150 -4.05 34.21 -1.21
CA ALA B 150 -4.05 33.81 -2.60
C ALA B 150 -3.88 32.31 -2.76
N ALA B 151 -3.88 31.57 -1.65
CA ALA B 151 -3.66 30.13 -1.67
C ALA B 151 -4.99 29.43 -1.94
N VAL B 152 -5.49 29.63 -3.15
CA VAL B 152 -6.74 29.02 -3.57
C VAL B 152 -6.53 27.54 -3.83
N ASP B 153 -7.61 26.78 -3.76
CA ASP B 153 -7.59 25.34 -4.00
C ASP B 153 -8.75 24.97 -4.92
N PRO B 154 -8.69 25.39 -6.19
CA PRO B 154 -9.79 25.09 -7.10
C PRO B 154 -9.95 23.62 -7.42
N VAL B 155 -8.95 22.78 -7.17
CA VAL B 155 -9.10 21.36 -7.42
C VAL B 155 -9.99 20.70 -6.39
N ALA B 156 -10.26 21.40 -5.28
CA ALA B 156 -11.16 20.86 -4.27
C ALA B 156 -12.58 20.81 -4.78
N VAL B 157 -12.91 21.63 -5.77
CA VAL B 157 -14.25 21.70 -6.31
C VAL B 157 -14.31 21.03 -7.67
N LEU B 158 -13.27 20.29 -8.05
CA LEU B 158 -13.17 19.71 -9.37
C LEU B 158 -14.18 18.59 -9.58
N ALA B 159 -14.33 17.73 -8.58
CA ALA B 159 -15.20 16.57 -8.75
C ALA B 159 -16.65 16.96 -8.90
N VAL B 160 -17.01 18.18 -8.54
CA VAL B 160 -18.41 18.58 -8.59
C VAL B 160 -18.70 19.44 -9.82
N PHE B 161 -17.78 20.32 -10.21
CA PHE B 161 -18.08 21.09 -11.41
C PHE B 161 -17.84 20.27 -12.67
N GLU B 162 -17.17 19.13 -12.57
CA GLU B 162 -17.01 18.27 -13.73
C GLU B 162 -18.15 17.30 -13.92
N GLU B 163 -19.16 17.36 -13.06
CA GLU B 163 -20.43 16.71 -13.39
C GLU B 163 -21.14 17.44 -14.53
N VAL B 164 -20.86 18.73 -14.71
CA VAL B 164 -21.57 19.54 -15.68
C VAL B 164 -20.67 20.16 -16.72
N HIS B 165 -19.35 20.18 -16.54
CA HIS B 165 -18.45 20.77 -17.53
C HIS B 165 -17.11 20.08 -17.45
N VAL B 166 -16.78 19.27 -18.44
CA VAL B 166 -15.52 18.54 -18.48
C VAL B 166 -14.66 19.12 -19.58
N ASN B 167 -13.41 19.43 -19.25
CA ASN B 167 -12.44 19.93 -20.21
C ASN B 167 -11.06 19.63 -19.65
N GLU B 168 -10.33 18.75 -20.31
CA GLU B 168 -9.10 18.23 -19.71
C GLU B 168 -7.99 19.27 -19.62
N VAL B 169 -8.08 20.36 -20.38
CA VAL B 169 -7.11 21.43 -20.20
C VAL B 169 -7.48 22.29 -19.01
N LEU B 170 -8.76 22.60 -18.85
CA LEU B 170 -9.21 23.29 -17.66
C LEU B 170 -8.95 22.47 -16.41
N PHE B 171 -9.04 21.16 -16.52
CA PHE B 171 -8.69 20.31 -15.38
C PHE B 171 -7.24 20.49 -14.99
N ILE B 172 -6.34 20.57 -15.96
CA ILE B 172 -4.94 20.68 -15.60
C ILE B 172 -4.60 22.07 -15.15
N ILE B 173 -5.35 23.09 -15.60
CA ILE B 173 -5.16 24.43 -15.07
C ILE B 173 -5.59 24.48 -13.61
N VAL B 174 -6.77 23.95 -13.33
CA VAL B 174 -7.28 23.93 -11.96
C VAL B 174 -6.38 23.12 -11.05
N PHE B 175 -5.94 21.96 -11.54
CA PHE B 175 -5.11 21.08 -10.73
C PHE B 175 -3.69 21.60 -10.64
N GLY B 176 -3.16 22.15 -11.74
CA GLY B 176 -1.84 22.74 -11.68
C GLY B 176 -1.80 23.98 -10.81
N GLU B 177 -2.81 24.83 -10.93
CA GLU B 177 -2.84 26.05 -10.14
C GLU B 177 -3.03 25.76 -8.66
N SER B 178 -3.85 24.76 -8.33
CA SER B 178 -4.03 24.37 -6.95
C SER B 178 -2.71 23.99 -6.30
N LEU B 179 -1.84 23.37 -7.07
CA LEU B 179 -0.60 22.80 -6.55
C LEU B 179 0.54 23.80 -6.62
N LEU B 180 0.69 24.48 -7.75
CA LEU B 180 1.80 25.40 -7.91
C LEU B 180 1.60 26.71 -7.19
N ASN B 181 0.38 27.07 -6.81
CA ASN B 181 0.25 28.31 -6.06
C ASN B 181 0.38 28.08 -4.56
N ASP B 182 0.25 26.85 -4.10
CA ASP B 182 0.71 26.55 -2.75
C ASP B 182 2.18 26.89 -2.62
N ALA B 183 2.96 26.52 -3.63
CA ALA B 183 4.37 26.88 -3.65
C ALA B 183 4.55 28.39 -3.69
N VAL B 184 3.87 29.05 -4.62
CA VAL B 184 4.07 30.48 -4.81
C VAL B 184 3.53 31.26 -3.63
N THR B 185 2.42 30.80 -3.04
CA THR B 185 1.92 31.46 -1.85
C THR B 185 2.88 31.31 -0.68
N VAL B 186 3.43 30.11 -0.49
CA VAL B 186 4.36 29.90 0.60
C VAL B 186 5.65 30.68 0.35
N VAL B 187 6.05 30.82 -0.91
CA VAL B 187 7.20 31.66 -1.22
C VAL B 187 6.93 33.10 -0.84
N LEU B 188 5.79 33.62 -1.29
CA LEU B 188 5.41 34.99 -0.94
C LEU B 188 5.21 35.12 0.56
N TYR B 189 4.63 34.11 1.18
CA TYR B 189 4.44 34.12 2.62
C TYR B 189 5.77 34.27 3.34
N ASN B 190 6.76 33.48 2.94
CA ASN B 190 8.07 33.55 3.58
C ASN B 190 8.74 34.89 3.31
N VAL B 191 8.64 35.40 2.09
CA VAL B 191 9.27 36.69 1.78
C VAL B 191 8.67 37.79 2.63
N PHE B 192 7.35 37.90 2.65
CA PHE B 192 6.73 38.97 3.40
C PHE B 192 6.81 38.75 4.90
N GLU B 193 6.98 37.51 5.36
CA GLU B 193 7.19 37.31 6.78
C GLU B 193 8.60 37.69 7.20
N SER B 194 9.57 37.47 6.32
CA SER B 194 10.90 38.03 6.56
C SER B 194 10.87 39.54 6.58
N PHE B 195 10.08 40.15 5.69
CA PHE B 195 9.94 41.60 5.71
C PHE B 195 9.28 42.06 7.01
N VAL B 196 8.27 41.35 7.48
CA VAL B 196 7.62 41.69 8.73
C VAL B 196 8.59 41.57 9.89
N ALA B 197 9.54 40.64 9.80
CA ALA B 197 10.59 40.57 10.82
C ALA B 197 11.41 41.86 10.83
N LEU B 198 11.79 42.35 9.66
CA LEU B 198 12.57 43.59 9.59
C LEU B 198 11.75 44.79 9.99
N GLY B 199 10.55 44.93 9.43
CA GLY B 199 9.68 46.04 9.75
C GLY B 199 9.53 46.99 8.59
N GLY B 200 8.48 47.82 8.65
CA GLY B 200 8.14 48.73 7.58
C GLY B 200 9.14 49.84 7.36
N ASP B 201 10.07 50.02 8.28
CA ASP B 201 11.15 50.99 8.12
C ASP B 201 12.50 50.36 7.81
N ASN B 202 12.73 49.13 8.26
CA ASN B 202 13.99 48.46 7.97
C ASN B 202 14.08 48.01 6.52
N VAL B 203 12.94 47.78 5.86
CA VAL B 203 12.98 47.33 4.47
C VAL B 203 13.39 48.49 3.58
N THR B 204 14.51 48.33 2.89
CA THR B 204 15.01 49.34 1.99
C THR B 204 14.74 48.90 0.55
N GLY B 205 15.21 49.70 -0.41
CA GLY B 205 15.05 49.32 -1.80
C GLY B 205 15.80 48.05 -2.15
N VAL B 206 17.03 47.92 -1.64
CA VAL B 206 17.80 46.72 -1.92
C VAL B 206 17.18 45.51 -1.23
N ASP B 207 16.51 45.73 -0.09
CA ASP B 207 15.80 44.62 0.54
C ASP B 207 14.66 44.12 -0.34
N CYS B 208 13.94 45.04 -0.98
CA CYS B 208 12.85 44.61 -1.87
C CYS B 208 13.40 43.97 -3.14
N VAL B 209 14.52 44.49 -3.67
CA VAL B 209 15.11 43.85 -4.83
C VAL B 209 15.59 42.45 -4.50
N LYS B 210 16.17 42.27 -3.31
CA LYS B 210 16.51 40.93 -2.86
C LYS B 210 15.26 40.10 -2.63
N GLY B 211 14.14 40.72 -2.27
CA GLY B 211 12.90 39.98 -2.17
C GLY B 211 12.48 39.40 -3.50
N ILE B 212 12.54 40.21 -4.55
CA ILE B 212 12.18 39.73 -5.89
C ILE B 212 13.15 38.66 -6.36
N VAL B 213 14.45 38.91 -6.18
CA VAL B 213 15.45 37.92 -6.54
C VAL B 213 15.24 36.63 -5.76
N SER B 214 14.87 36.75 -4.49
CA SER B 214 14.60 35.60 -3.65
C SER B 214 13.41 34.82 -4.14
N PHE B 215 12.36 35.51 -4.58
CA PHE B 215 11.22 34.81 -5.15
C PHE B 215 11.68 33.88 -6.26
N PHE B 216 12.43 34.43 -7.22
CA PHE B 216 12.82 33.61 -8.37
C PHE B 216 13.84 32.55 -8.01
N VAL B 217 14.83 32.90 -7.20
CA VAL B 217 15.87 31.94 -6.81
C VAL B 217 15.25 30.80 -6.03
N VAL B 218 14.36 31.12 -5.09
CA VAL B 218 13.72 30.10 -4.27
C VAL B 218 12.89 29.17 -5.13
N SER B 219 12.04 29.74 -6.00
CA SER B 219 11.20 28.90 -6.83
C SER B 219 12.02 27.99 -7.73
N LEU B 220 12.97 28.56 -8.46
CA LEU B 220 13.73 27.77 -9.43
C LEU B 220 14.66 26.78 -8.73
N GLY B 221 15.26 27.16 -7.61
CA GLY B 221 16.12 26.24 -6.90
C GLY B 221 15.35 25.08 -6.30
N GLY B 222 14.14 25.35 -5.79
CA GLY B 222 13.32 24.25 -5.33
C GLY B 222 12.94 23.33 -6.45
N THR B 223 12.59 23.87 -7.61
CA THR B 223 12.28 23.01 -8.74
C THR B 223 13.48 22.16 -9.14
N LEU B 224 14.66 22.75 -9.14
CA LEU B 224 15.85 22.02 -9.54
C LEU B 224 16.20 20.93 -8.52
N VAL B 225 16.07 21.23 -7.23
CA VAL B 225 16.29 20.20 -6.21
C VAL B 225 15.30 19.07 -6.40
N GLY B 226 14.05 19.41 -6.71
CA GLY B 226 13.06 18.38 -6.94
C GLY B 226 13.40 17.51 -8.12
N VAL B 227 13.89 18.11 -9.20
CA VAL B 227 14.26 17.33 -10.37
C VAL B 227 15.45 16.42 -10.08
N VAL B 228 16.44 16.93 -9.34
CA VAL B 228 17.58 16.10 -8.96
C VAL B 228 17.12 14.92 -8.11
N PHE B 229 16.24 15.17 -7.14
CA PHE B 229 15.80 14.08 -6.29
C PHE B 229 14.84 13.14 -6.99
N ALA B 230 14.13 13.61 -8.01
CA ALA B 230 13.33 12.69 -8.81
C ALA B 230 14.22 11.81 -9.66
N PHE B 231 15.34 12.35 -10.13
CA PHE B 231 16.34 11.50 -10.78
C PHE B 231 16.86 10.45 -9.80
N LEU B 232 17.19 10.86 -8.58
CA LEU B 232 17.74 9.92 -7.61
C LEU B 232 16.71 8.86 -7.21
N LEU B 233 15.45 9.26 -7.07
CA LEU B 233 14.39 8.31 -6.73
C LEU B 233 14.10 7.36 -7.87
N SER B 234 14.09 7.86 -9.10
CA SER B 234 13.93 6.99 -10.26
C SER B 234 15.10 6.03 -10.36
N LEU B 235 16.29 6.48 -9.99
CA LEU B 235 17.48 5.64 -10.08
C LEU B 235 17.48 4.54 -9.04
N VAL B 236 17.10 4.86 -7.80
CA VAL B 236 17.19 3.87 -6.74
C VAL B 236 16.16 2.77 -6.91
N THR B 237 15.01 3.06 -7.51
CA THR B 237 14.03 2.02 -7.76
C THR B 237 14.45 1.11 -8.90
N ARG B 238 15.44 1.51 -9.68
CA ARG B 238 15.97 0.64 -10.71
C ARG B 238 16.60 -0.60 -10.11
N PHE B 239 17.11 -0.50 -8.89
CA PHE B 239 17.90 -1.53 -8.25
C PHE B 239 17.10 -2.31 -7.22
N THR B 240 15.78 -2.18 -7.22
CA THR B 240 14.93 -2.86 -6.26
C THR B 240 14.11 -3.95 -6.91
N LYS B 241 14.66 -4.64 -7.91
CA LYS B 241 13.93 -5.74 -8.51
C LYS B 241 13.75 -6.89 -7.53
N HIS B 242 14.73 -7.09 -6.65
CA HIS B 242 14.68 -8.17 -5.68
C HIS B 242 14.00 -7.75 -4.38
N VAL B 243 14.47 -6.67 -3.78
CA VAL B 243 13.88 -6.19 -2.52
C VAL B 243 12.78 -5.21 -2.90
N ARG B 244 11.61 -5.77 -3.20
CA ARG B 244 10.48 -4.99 -3.68
C ARG B 244 9.67 -4.37 -2.56
N ILE B 245 9.95 -4.72 -1.31
CA ILE B 245 9.13 -4.24 -0.22
C ILE B 245 9.48 -2.80 0.15
N ILE B 246 10.72 -2.38 -0.12
CA ILE B 246 11.15 -1.05 0.30
C ILE B 246 10.89 0.01 -0.74
N GLU B 247 10.28 -0.34 -1.86
CA GLU B 247 10.02 0.62 -2.91
C GLU B 247 9.03 1.71 -2.50
N PRO B 248 7.88 1.40 -1.91
CA PRO B 248 7.05 2.50 -1.41
C PRO B 248 7.75 3.32 -0.36
N GLY B 249 8.63 2.72 0.44
CA GLY B 249 9.39 3.49 1.38
C GLY B 249 10.34 4.47 0.73
N PHE B 250 10.88 4.11 -0.44
CA PHE B 250 11.78 5.00 -1.15
C PHE B 250 11.04 6.19 -1.72
N VAL B 251 9.85 5.97 -2.26
CA VAL B 251 9.11 7.03 -2.91
C VAL B 251 8.77 8.12 -1.92
N PHE B 252 8.51 7.75 -0.67
CA PHE B 252 8.14 8.73 0.34
C PHE B 252 9.34 9.30 1.07
N ILE B 253 10.36 8.48 1.31
CA ILE B 253 11.54 8.97 2.02
C ILE B 253 12.34 9.90 1.13
N ILE B 254 12.49 9.57 -0.15
CA ILE B 254 13.32 10.41 -0.99
C ILE B 254 12.58 11.68 -1.41
N SER B 255 11.27 11.59 -1.61
CA SER B 255 10.48 12.81 -1.81
C SER B 255 10.55 13.71 -0.60
N TYR B 256 10.44 13.13 0.59
CA TYR B 256 10.57 13.90 1.81
C TYR B 256 11.96 14.51 1.93
N LEU B 257 12.98 13.78 1.53
CA LEU B 257 14.33 14.31 1.59
C LEU B 257 14.53 15.45 0.61
N SER B 258 13.88 15.40 -0.54
CA SER B 258 13.90 16.56 -1.44
C SER B 258 13.22 17.75 -0.78
N TYR B 259 12.09 17.52 -0.15
CA TYR B 259 11.40 18.60 0.55
C TYR B 259 12.31 19.23 1.59
N LEU B 260 12.93 18.42 2.43
CA LEU B 260 13.75 18.95 3.51
C LEU B 260 15.06 19.53 3.00
N THR B 261 15.60 19.00 1.91
CA THR B 261 16.81 19.56 1.33
C THR B 261 16.56 20.95 0.79
N SER B 262 15.41 21.17 0.16
CA SER B 262 15.07 22.53 -0.22
C SER B 262 14.80 23.40 1.01
N GLU B 263 14.11 22.86 2.00
CA GLU B 263 13.91 23.63 3.22
C GLU B 263 15.24 23.90 3.91
N MET B 264 16.23 23.03 3.70
CA MET B 264 17.55 23.25 4.27
C MET B 264 18.31 24.35 3.52
N LEU B 265 18.22 24.35 2.19
CA LEU B 265 18.83 25.38 1.38
C LEU B 265 17.97 26.63 1.27
N SER B 266 16.89 26.71 2.03
CA SER B 266 15.98 27.85 2.04
C SER B 266 15.30 28.04 0.69
N LEU B 267 15.24 26.99 -0.11
CA LEU B 267 14.58 27.05 -1.39
C LEU B 267 13.11 26.71 -1.21
N SER B 268 12.38 26.61 -2.31
CA SER B 268 10.98 26.25 -2.25
C SER B 268 10.88 24.77 -1.97
N ALA B 269 10.56 24.42 -0.73
CA ALA B 269 10.42 23.01 -0.40
C ALA B 269 9.21 22.40 -1.08
N ILE B 270 8.16 23.18 -1.28
CA ILE B 270 6.96 22.67 -1.93
C ILE B 270 7.24 22.32 -3.37
N LEU B 271 7.96 23.20 -4.08
CA LEU B 271 8.27 22.91 -5.47
C LEU B 271 9.22 21.73 -5.61
N ALA B 272 10.05 21.48 -4.61
CA ALA B 272 10.93 20.33 -4.66
C ALA B 272 10.15 19.03 -4.60
N ILE B 273 9.25 18.91 -3.62
CA ILE B 273 8.48 17.68 -3.52
C ILE B 273 7.35 17.65 -4.55
N THR B 274 6.96 18.81 -5.09
CA THR B 274 6.07 18.82 -6.24
C THR B 274 6.73 18.16 -7.43
N PHE B 275 7.94 18.60 -7.77
CA PHE B 275 8.61 18.08 -8.94
C PHE B 275 9.36 16.79 -8.67
N CYS B 276 9.59 16.44 -7.40
CA CYS B 276 10.03 15.08 -7.12
C CYS B 276 8.94 14.07 -7.39
N GLY B 277 7.69 14.52 -7.50
CA GLY B 277 6.60 13.63 -7.80
C GLY B 277 6.22 13.71 -9.25
N ILE B 278 6.25 14.91 -9.81
CA ILE B 278 5.93 15.08 -11.22
C ILE B 278 6.96 14.38 -12.08
N CYS B 279 8.24 14.50 -11.73
CA CYS B 279 9.28 13.95 -12.58
C CYS B 279 9.57 12.48 -12.29
N CYS B 280 9.42 12.03 -11.04
CA CYS B 280 9.65 10.62 -10.77
C CYS B 280 8.56 9.74 -11.33
N GLN B 281 7.49 10.35 -11.84
CA GLN B 281 6.28 9.60 -12.14
C GLN B 281 6.52 8.54 -13.20
N LYS B 282 7.31 8.84 -14.22
CA LYS B 282 7.45 7.92 -15.33
C LYS B 282 8.28 6.70 -14.96
N TYR B 283 9.40 6.92 -14.27
CA TYR B 283 10.35 5.83 -14.09
C TYR B 283 10.12 5.08 -12.79
N VAL B 284 9.90 5.79 -11.69
CA VAL B 284 9.15 5.18 -10.60
C VAL B 284 7.83 4.74 -11.20
N LYS B 285 7.27 3.64 -10.72
CA LYS B 285 6.06 3.02 -11.24
C LYS B 285 6.28 2.43 -12.63
N ALA B 286 7.50 2.53 -13.15
CA ALA B 286 7.95 1.64 -14.21
C ALA B 286 8.90 0.59 -13.66
N ASN B 287 9.74 0.98 -12.70
CA ASN B 287 10.63 0.07 -12.00
C ASN B 287 9.96 -0.59 -10.81
N ILE B 288 9.09 0.12 -10.11
CA ILE B 288 8.31 -0.46 -9.04
C ILE B 288 7.38 -1.53 -9.57
N SER B 289 7.14 -2.56 -8.76
CA SER B 289 6.21 -3.60 -9.12
C SER B 289 4.78 -3.09 -9.09
N GLU B 290 3.89 -3.87 -9.70
CA GLU B 290 2.47 -3.52 -9.66
C GLU B 290 1.96 -3.51 -8.23
N GLN B 291 2.37 -4.50 -7.42
CA GLN B 291 1.91 -4.58 -6.05
C GLN B 291 2.47 -3.46 -5.19
N SER B 292 3.67 -3.02 -5.48
CA SER B 292 4.30 -1.96 -4.71
C SER B 292 3.91 -0.59 -5.20
N ALA B 293 3.26 -0.49 -6.35
CA ALA B 293 2.80 0.80 -6.85
C ALA B 293 1.42 1.14 -6.34
N THR B 294 0.61 0.13 -5.99
CA THR B 294 -0.65 0.41 -5.33
C THR B 294 -0.43 0.88 -3.90
N THR B 295 0.61 0.37 -3.25
CA THR B 295 0.97 0.87 -1.94
C THR B 295 1.38 2.32 -2.01
N VAL B 296 2.14 2.70 -3.03
CA VAL B 296 2.62 4.07 -3.15
C VAL B 296 1.45 5.01 -3.32
N ARG B 297 0.40 4.58 -4.01
CA ARG B 297 -0.68 5.49 -4.31
C ARG B 297 -1.85 5.35 -3.35
N TYR B 298 -1.98 4.22 -2.67
CA TYR B 298 -2.91 4.17 -1.55
C TYR B 298 -2.36 4.92 -0.34
N THR B 299 -1.05 4.88 -0.16
CA THR B 299 -0.44 5.59 0.96
C THR B 299 -0.39 7.09 0.72
N MET B 300 -0.37 7.52 -0.53
CA MET B 300 -0.35 8.95 -0.80
C MET B 300 -1.69 9.59 -0.52
N LYS B 301 -2.77 8.93 -0.88
CA LYS B 301 -4.08 9.42 -0.46
C LYS B 301 -4.27 9.20 1.03
N MET B 302 -3.62 8.19 1.60
CA MET B 302 -3.72 7.96 3.08
C MET B 302 -3.05 9.12 3.81
N LEU B 303 -1.85 9.50 3.38
CA LEU B 303 -1.09 10.57 4.08
C LEU B 303 -1.74 11.92 3.82
N ALA B 304 -2.12 12.21 2.57
CA ALA B 304 -2.69 13.54 2.23
C ALA B 304 -4.08 13.73 2.83
N SER B 305 -4.93 12.70 2.77
CA SER B 305 -6.27 12.81 3.40
C SER B 305 -6.09 13.10 4.89
N SER B 306 -5.24 12.34 5.57
CA SER B 306 -5.02 12.51 7.02
C SER B 306 -4.49 13.91 7.29
N ALA B 307 -3.48 14.35 6.53
CA ALA B 307 -2.88 15.69 6.73
C ALA B 307 -3.95 16.77 6.56
N GLU B 308 -4.68 16.75 5.45
CA GLU B 308 -5.73 17.76 5.19
C GLU B 308 -6.80 17.69 6.29
N THR B 309 -7.19 16.47 6.68
CA THR B 309 -8.16 16.29 7.80
C THR B 309 -7.64 17.05 9.02
N ILE B 310 -6.40 16.80 9.44
CA ILE B 310 -5.85 17.43 10.68
C ILE B 310 -5.93 18.96 10.58
N ILE B 311 -5.54 19.53 9.43
CA ILE B 311 -5.54 21.02 9.29
C ILE B 311 -6.99 21.53 9.32
N PHE B 312 -7.93 20.75 8.80
CA PHE B 312 -9.36 21.16 8.79
C PHE B 312 -9.96 20.97 10.18
N MET B 313 -9.43 20.05 10.99
CA MET B 313 -9.89 19.90 12.38
C MET B 313 -9.36 21.09 13.16
N PHE B 314 -8.15 21.55 12.83
CA PHE B 314 -7.56 22.74 13.48
C PHE B 314 -8.33 23.99 13.04
N LEU B 315 -8.83 23.99 11.80
CA LEU B 315 -9.66 25.13 11.34
C LEU B 315 -10.90 25.19 12.22
N GLY B 316 -11.53 24.04 12.47
CA GLY B 316 -12.71 24.00 13.35
C GLY B 316 -12.36 24.41 14.77
N ILE B 317 -11.21 23.97 15.28
CA ILE B 317 -10.78 24.29 16.68
C ILE B 317 -10.58 25.82 16.81
N SER B 318 -10.10 26.46 15.74
CA SER B 318 -9.91 27.94 15.77
C SER B 318 -11.24 28.63 15.48
N ALA B 319 -12.11 28.01 14.68
CA ALA B 319 -13.39 28.64 14.30
C ALA B 319 -14.36 28.59 15.47
N VAL B 320 -13.98 27.93 16.57
CA VAL B 320 -14.86 27.93 17.78
C VAL B 320 -14.14 28.61 18.94
N ASN B 321 -12.85 28.93 18.76
CA ASN B 321 -12.08 29.65 19.82
C ASN B 321 -12.65 31.06 19.95
N PRO B 322 -13.31 31.43 21.07
CA PRO B 322 -13.94 32.75 21.18
C PRO B 322 -12.95 33.86 21.53
N PHE B 323 -11.65 33.54 21.59
CA PHE B 323 -10.63 34.53 21.99
C PHE B 323 -9.87 35.01 20.74
N ILE B 324 -10.04 34.32 19.61
CA ILE B 324 -9.40 34.81 18.36
C ILE B 324 -10.45 35.52 17.50
N TRP B 325 -11.73 35.38 17.84
CA TRP B 325 -12.80 35.95 16.98
C TRP B 325 -12.77 37.48 17.00
N THR B 326 -12.14 38.09 16.00
CA THR B 326 -12.11 39.57 15.89
C THR B 326 -12.82 39.94 14.58
N TRP B 327 -13.99 40.58 14.67
CA TRP B 327 -14.76 40.85 13.43
C TRP B 327 -14.72 42.33 13.06
N ASN B 328 -14.01 42.68 11.99
CA ASN B 328 -14.03 44.09 11.49
C ASN B 328 -14.94 44.10 10.27
N THR B 329 -16.07 44.80 10.36
CA THR B 329 -17.06 44.84 9.23
C THR B 329 -16.34 45.08 7.91
N ALA B 330 -15.65 46.21 7.77
CA ALA B 330 -14.97 46.54 6.50
C ALA B 330 -13.99 45.43 6.13
N PHE B 331 -13.01 45.13 6.98
CA PHE B 331 -11.97 44.12 6.63
C PHE B 331 -12.61 42.85 6.09
N VAL B 332 -13.54 42.23 6.82
CA VAL B 332 -14.09 40.94 6.41
C VAL B 332 -14.88 41.09 5.10
N LEU B 333 -15.78 42.07 5.05
CA LEU B 333 -16.64 42.18 3.88
C LEU B 333 -15.90 42.73 2.67
N LEU B 334 -14.70 43.27 2.86
CA LEU B 334 -13.93 43.68 1.69
C LEU B 334 -12.90 42.64 1.31
N THR B 335 -12.44 41.83 2.26
CA THR B 335 -11.66 40.67 1.88
C THR B 335 -12.49 39.73 1.05
N LEU B 336 -13.75 39.52 1.42
CA LEU B 336 -14.62 38.67 0.61
C LEU B 336 -14.83 39.27 -0.77
N VAL B 337 -15.02 40.58 -0.84
CA VAL B 337 -15.25 41.24 -2.12
C VAL B 337 -13.98 41.27 -2.96
N PHE B 338 -12.85 41.62 -2.35
CA PHE B 338 -11.62 41.80 -3.11
C PHE B 338 -11.11 40.48 -3.65
N ILE B 339 -11.04 39.44 -2.80
CA ILE B 339 -10.54 38.17 -3.28
C ILE B 339 -11.44 37.57 -4.34
N SER B 340 -12.67 38.04 -4.45
CA SER B 340 -13.59 37.51 -5.46
C SER B 340 -13.58 38.34 -6.73
N VAL B 341 -13.54 39.66 -6.59
CA VAL B 341 -13.48 40.52 -7.76
C VAL B 341 -12.12 40.43 -8.44
N TYR B 342 -11.04 40.49 -7.64
CA TYR B 342 -9.72 40.47 -8.24
C TYR B 342 -9.37 39.11 -8.81
N ARG B 343 -9.86 38.04 -8.19
CA ARG B 343 -9.73 36.72 -8.78
C ARG B 343 -10.44 36.65 -10.12
N ALA B 344 -11.63 37.25 -10.20
CA ALA B 344 -12.40 37.21 -11.43
C ALA B 344 -11.71 37.97 -12.54
N ILE B 345 -11.27 39.19 -12.27
CA ILE B 345 -10.64 39.97 -13.34
C ILE B 345 -9.20 39.57 -13.55
N GLY B 346 -8.58 38.93 -12.57
CA GLY B 346 -7.27 38.34 -12.82
C GLY B 346 -7.35 37.18 -13.79
N VAL B 347 -8.36 36.33 -13.63
CA VAL B 347 -8.55 35.23 -14.57
C VAL B 347 -8.96 35.75 -15.93
N VAL B 348 -9.85 36.75 -15.97
CA VAL B 348 -10.30 37.30 -17.22
C VAL B 348 -9.14 37.91 -18.00
N LEU B 349 -8.25 38.60 -17.30
CA LEU B 349 -7.11 39.23 -17.96
C LEU B 349 -6.08 38.19 -18.42
N GLN B 350 -5.75 37.23 -17.56
CA GLN B 350 -4.80 36.20 -17.95
C GLN B 350 -5.34 35.33 -19.07
N THR B 351 -6.63 34.98 -19.00
CA THR B 351 -7.19 34.16 -20.07
C THR B 351 -7.21 34.90 -21.38
N TRP B 352 -7.46 36.21 -21.35
CA TRP B 352 -7.40 36.99 -22.57
C TRP B 352 -5.99 36.97 -23.14
N LEU B 353 -4.99 37.07 -22.28
CA LEU B 353 -3.61 37.07 -22.74
C LEU B 353 -3.21 35.72 -23.29
N LEU B 354 -3.63 34.63 -22.63
CA LEU B 354 -3.28 33.31 -23.11
C LEU B 354 -3.99 32.99 -24.41
N ASN B 355 -5.26 33.41 -24.53
CA ASN B 355 -6.04 33.09 -25.71
C ASN B 355 -5.46 33.72 -26.98
N ARG B 356 -4.62 34.73 -26.82
CA ARG B 356 -3.95 35.32 -27.98
C ARG B 356 -2.94 34.38 -28.61
N TYR B 357 -2.52 33.33 -27.91
CA TYR B 357 -1.45 32.46 -28.37
C TYR B 357 -1.83 31.00 -28.18
N ARG B 358 -3.10 30.69 -28.36
CA ARG B 358 -3.59 29.34 -28.14
C ARG B 358 -4.31 28.84 -29.37
N MET B 359 -4.31 27.53 -29.54
CA MET B 359 -5.08 26.88 -30.59
C MET B 359 -6.48 26.53 -30.12
N VAL B 360 -6.63 26.12 -28.85
CA VAL B 360 -7.97 25.93 -28.27
C VAL B 360 -8.16 27.05 -27.26
N GLN B 361 -9.10 27.94 -27.53
CA GLN B 361 -9.34 29.04 -26.61
C GLN B 361 -9.92 28.51 -25.31
N LEU B 362 -9.65 29.23 -24.23
CA LEU B 362 -10.31 28.96 -22.96
C LEU B 362 -11.64 29.73 -22.96
N GLU B 363 -12.73 29.00 -23.12
CA GLU B 363 -14.02 29.62 -23.28
C GLU B 363 -14.44 30.31 -21.99
N PRO B 364 -15.39 31.29 -21.98
CA PRO B 364 -15.74 31.99 -20.73
C PRO B 364 -16.20 31.04 -19.62
N ILE B 365 -16.69 29.85 -19.99
CA ILE B 365 -17.16 28.87 -18.98
C ILE B 365 -15.94 28.34 -18.21
N ASP B 366 -14.80 28.16 -18.89
CA ASP B 366 -13.55 27.73 -18.20
C ASP B 366 -13.15 28.84 -17.23
N GLN B 367 -13.17 30.08 -17.68
CA GLN B 367 -12.79 31.24 -16.82
C GLN B 367 -13.74 31.33 -15.63
N VAL B 368 -15.02 30.98 -15.82
CA VAL B 368 -16.01 31.04 -14.71
C VAL B 368 -15.58 30.07 -13.61
N VAL B 369 -15.24 28.82 -13.93
CA VAL B 369 -14.91 27.84 -12.85
C VAL B 369 -13.57 28.24 -12.21
N LEU B 370 -12.73 29.00 -12.92
CA LEU B 370 -11.46 29.49 -12.32
C LEU B 370 -11.78 30.64 -11.36
N SER B 371 -12.59 31.60 -11.79
CA SER B 371 -12.96 32.77 -10.95
C SER B 371 -13.76 32.31 -9.72
N TYR B 372 -14.71 31.39 -9.90
CA TYR B 372 -15.56 30.90 -8.79
C TYR B 372 -14.85 29.77 -8.05
N GLY B 373 -13.66 29.38 -8.52
CA GLY B 373 -12.89 28.31 -7.87
C GLY B 373 -11.89 28.87 -6.87
N GLY B 374 -12.32 29.82 -6.03
CA GLY B 374 -11.42 30.28 -4.96
C GLY B 374 -11.17 29.11 -4.03
N LEU B 375 -12.21 28.67 -3.32
CA LEU B 375 -12.09 27.46 -2.46
C LEU B 375 -10.83 27.54 -1.60
N ARG B 376 -10.55 28.70 -0.99
CA ARG B 376 -9.39 28.82 -0.06
C ARG B 376 -9.56 27.77 1.03
N GLY B 377 -8.53 26.96 1.31
CA GLY B 377 -8.72 25.86 2.25
C GLY B 377 -7.59 25.65 3.24
N ALA B 378 -7.03 24.44 3.30
CA ALA B 378 -6.00 24.08 4.30
C ALA B 378 -4.81 25.04 4.28
N VAL B 379 -4.05 25.09 3.18
CA VAL B 379 -2.82 25.93 3.12
C VAL B 379 -3.13 27.36 3.58
N ALA B 380 -4.11 28.02 2.93
CA ALA B 380 -4.50 29.40 3.31
C ALA B 380 -4.66 29.50 4.82
N PHE B 381 -5.57 28.72 5.39
CA PHE B 381 -5.85 28.78 6.85
C PHE B 381 -4.56 28.54 7.64
N ALA B 382 -3.81 27.49 7.31
CA ALA B 382 -2.66 27.16 8.14
C ALA B 382 -1.66 28.30 8.17
N LEU B 383 -1.41 28.91 7.02
CA LEU B 383 -0.47 30.02 6.96
C LEU B 383 -0.92 31.19 7.82
N VAL B 384 -2.19 31.28 8.18
CA VAL B 384 -2.62 32.39 9.02
C VAL B 384 -2.39 32.09 10.49
N VAL B 385 -2.76 30.89 10.94
CA VAL B 385 -2.50 30.56 12.33
C VAL B 385 -1.03 30.40 12.61
N LEU B 386 -0.20 30.20 11.59
CA LEU B 386 1.23 30.15 11.85
C LEU B 386 1.85 31.54 11.91
N LEU B 387 1.09 32.60 11.70
CA LEU B 387 1.63 33.94 11.78
C LEU B 387 2.17 34.20 13.17
N ASP B 388 3.17 35.06 13.26
CA ASP B 388 3.68 35.46 14.55
C ASP B 388 2.72 36.43 15.22
N GLY B 389 2.20 36.05 16.38
CA GLY B 389 1.14 36.81 17.02
C GLY B 389 1.55 38.19 17.49
N ASP B 390 2.84 38.41 17.69
CA ASP B 390 3.34 39.71 18.12
C ASP B 390 4.00 40.50 17.01
N LYS B 391 4.55 39.83 16.00
CA LYS B 391 5.08 40.57 14.85
C LYS B 391 3.95 41.08 13.97
N VAL B 392 2.82 40.38 13.93
CA VAL B 392 1.63 40.83 13.23
C VAL B 392 0.62 41.20 14.31
N LYS B 393 0.42 42.49 14.53
CA LYS B 393 -0.42 42.93 15.64
C LYS B 393 -1.85 42.46 15.48
N GLU B 394 -2.42 42.62 14.29
CA GLU B 394 -3.79 42.20 14.05
C GLU B 394 -3.86 40.79 13.49
N LYS B 395 -3.23 39.83 14.16
CA LYS B 395 -3.26 38.46 13.68
C LYS B 395 -4.62 37.82 13.91
N ASN B 396 -5.28 38.13 15.02
CA ASN B 396 -6.58 37.52 15.29
C ASN B 396 -7.60 37.93 14.25
N LEU B 397 -7.54 39.17 13.79
CA LEU B 397 -8.43 39.60 12.72
C LEU B 397 -8.12 38.86 11.42
N PHE B 398 -6.84 38.63 11.14
CA PHE B 398 -6.48 37.84 9.96
C PHE B 398 -7.02 36.43 10.07
N VAL B 399 -6.88 35.80 11.24
CA VAL B 399 -7.37 34.44 11.41
C VAL B 399 -8.88 34.39 11.26
N SER B 400 -9.58 35.37 11.83
CA SER B 400 -11.03 35.38 11.73
C SER B 400 -11.48 35.57 10.29
N THR B 401 -10.86 36.51 9.58
CA THR B 401 -11.23 36.74 8.20
C THR B 401 -10.89 35.53 7.33
N THR B 402 -9.76 34.89 7.58
CA THR B 402 -9.40 33.71 6.81
C THR B 402 -10.34 32.56 7.08
N ILE B 403 -10.76 32.38 8.33
CA ILE B 403 -11.75 31.34 8.62
C ILE B 403 -13.05 31.66 7.90
N ILE B 404 -13.48 32.92 7.96
CA ILE B 404 -14.73 33.30 7.30
C ILE B 404 -14.62 33.08 5.80
N VAL B 405 -13.48 33.40 5.21
CA VAL B 405 -13.30 33.23 3.77
C VAL B 405 -13.21 31.75 3.41
N VAL B 406 -12.54 30.95 4.23
CA VAL B 406 -12.48 29.52 3.98
C VAL B 406 -13.89 28.95 3.96
N PHE B 407 -14.70 29.33 4.94
CA PHE B 407 -16.07 28.84 4.97
C PHE B 407 -16.89 29.36 3.80
N PHE B 408 -16.78 30.65 3.50
CA PHE B 408 -17.55 31.21 2.40
C PHE B 408 -17.18 30.55 1.08
N THR B 409 -15.90 30.47 0.78
CA THR B 409 -15.48 29.88 -0.48
C THR B 409 -15.83 28.40 -0.54
N VAL B 410 -15.44 27.61 0.46
CA VAL B 410 -15.61 26.18 0.33
C VAL B 410 -17.09 25.79 0.39
N ILE B 411 -17.87 26.43 1.25
CA ILE B 411 -19.25 26.01 1.42
C ILE B 411 -20.18 26.75 0.47
N PHE B 412 -20.06 28.07 0.36
CA PHE B 412 -20.95 28.77 -0.56
C PHE B 412 -20.51 28.61 -2.00
N GLN B 413 -19.25 28.90 -2.31
CA GLN B 413 -18.82 28.75 -3.69
C GLN B 413 -18.61 27.30 -4.07
N GLY B 414 -18.15 26.47 -3.14
CA GLY B 414 -17.95 25.07 -3.45
C GLY B 414 -19.25 24.33 -3.73
N LEU B 415 -20.35 24.79 -3.14
CA LEU B 415 -21.63 24.12 -3.33
C LEU B 415 -22.42 24.70 -4.49
N THR B 416 -22.24 25.98 -4.79
CA THR B 416 -23.01 26.65 -5.83
C THR B 416 -22.23 26.80 -7.13
N ILE B 417 -21.07 26.16 -7.26
CA ILE B 417 -20.39 26.20 -8.55
C ILE B 417 -20.99 25.22 -9.53
N LYS B 418 -21.65 24.18 -9.04
CA LYS B 418 -22.28 23.23 -9.95
C LYS B 418 -23.59 23.81 -10.48
N PRO B 419 -24.47 24.36 -9.63
CA PRO B 419 -25.63 25.05 -10.19
C PRO B 419 -25.28 26.21 -11.08
N LEU B 420 -24.25 26.99 -10.73
CA LEU B 420 -23.89 28.16 -11.51
C LEU B 420 -23.39 27.77 -12.89
N VAL B 421 -22.43 26.85 -12.96
CA VAL B 421 -21.90 26.44 -14.25
C VAL B 421 -23.00 25.81 -15.09
N GLN B 422 -23.80 24.93 -14.48
CA GLN B 422 -24.89 24.31 -15.20
C GLN B 422 -25.94 25.33 -15.62
N TRP B 423 -26.05 26.45 -14.92
CA TRP B 423 -26.94 27.50 -15.37
C TRP B 423 -26.34 28.28 -16.52
N LEU B 424 -25.03 28.47 -16.52
CA LEU B 424 -24.41 29.30 -17.56
C LEU B 424 -24.35 28.57 -18.88
N LYS B 425 -24.16 27.26 -18.88
CA LYS B 425 -24.22 26.50 -20.12
C LYS B 425 -25.61 25.93 -20.36
N VAL B 426 -26.61 26.81 -20.30
CA VAL B 426 -27.98 26.50 -20.69
C VAL B 426 -28.57 27.71 -21.38
N ARG B 435 -32.64 15.51 -33.06
CA ARG B 435 -31.59 15.77 -32.09
C ARG B 435 -30.58 14.63 -32.08
N LEU B 436 -31.03 13.44 -32.47
CA LEU B 436 -30.11 12.30 -32.59
C LEU B 436 -29.03 12.58 -33.61
N ASN B 437 -29.42 13.02 -34.81
CA ASN B 437 -28.44 13.39 -35.81
C ASN B 437 -27.59 14.56 -35.35
N GLU B 438 -28.22 15.51 -34.66
CA GLU B 438 -27.48 16.64 -34.09
C GLU B 438 -26.32 16.15 -33.23
N LYS B 439 -26.61 15.23 -32.31
CA LYS B 439 -25.56 14.78 -31.40
C LYS B 439 -24.53 13.92 -32.10
N LEU B 440 -24.95 13.02 -33.00
CA LEU B 440 -24.00 12.19 -33.69
C LEU B 440 -23.04 13.02 -34.53
N HIS B 441 -23.56 13.98 -35.28
CA HIS B 441 -22.68 14.78 -36.10
C HIS B 441 -21.89 15.79 -35.28
N GLY B 442 -22.40 16.22 -34.13
CA GLY B 442 -21.60 17.04 -33.24
C GLY B 442 -20.40 16.29 -32.70
N ARG B 443 -20.61 15.03 -32.31
CA ARG B 443 -19.49 14.22 -31.86
C ARG B 443 -18.51 13.96 -32.99
N ALA B 444 -19.01 13.77 -34.21
CA ALA B 444 -18.11 13.65 -35.36
C ALA B 444 -17.30 14.91 -35.56
N PHE B 445 -17.94 16.07 -35.42
CA PHE B 445 -17.21 17.34 -35.56
C PHE B 445 -16.12 17.43 -34.50
N ASP B 446 -16.44 17.05 -33.27
CA ASP B 446 -15.45 17.08 -32.20
C ASP B 446 -14.29 16.16 -32.50
N HIS B 447 -14.57 14.97 -33.02
CA HIS B 447 -13.49 14.03 -33.33
C HIS B 447 -12.65 14.51 -34.50
N ILE B 448 -13.26 15.19 -35.46
CA ILE B 448 -12.50 15.77 -36.56
C ILE B 448 -11.55 16.84 -36.05
N LEU B 449 -12.06 17.72 -35.18
CA LEU B 449 -11.24 18.81 -34.68
C LEU B 449 -10.05 18.29 -33.89
N SER B 450 -10.28 17.33 -33.00
CA SER B 450 -9.18 16.80 -32.20
C SER B 450 -8.16 16.05 -33.05
N ALA B 451 -8.48 15.77 -34.30
CA ALA B 451 -7.50 15.26 -35.24
C ALA B 451 -6.76 16.39 -35.94
N ILE B 452 -7.48 17.44 -36.34
CA ILE B 452 -6.84 18.57 -36.99
C ILE B 452 -5.96 19.33 -36.00
N GLU B 453 -6.45 19.53 -34.78
CA GLU B 453 -5.63 20.09 -33.72
C GLU B 453 -4.40 19.24 -33.45
N ASP B 454 -4.47 17.94 -33.76
CA ASP B 454 -3.38 17.01 -33.56
C ASP B 454 -2.43 16.95 -34.75
N ILE B 455 -2.98 16.90 -35.96
CA ILE B 455 -2.14 16.85 -37.15
C ILE B 455 -1.25 18.08 -37.21
N SER B 456 -1.84 19.26 -37.02
CA SER B 456 -1.08 20.50 -37.06
C SER B 456 -0.09 20.62 -35.92
N GLY B 457 -0.25 19.83 -34.87
CA GLY B 457 0.77 19.73 -33.84
C GLY B 457 1.09 21.04 -33.16
N GLN B 458 0.07 21.86 -32.92
CA GLN B 458 0.26 23.11 -32.18
C GLN B 458 -0.41 23.06 -30.82
N ILE B 459 -0.95 21.92 -30.41
CA ILE B 459 -1.65 21.85 -29.14
C ILE B 459 -0.64 21.69 -28.02
N GLY B 460 0.03 20.55 -27.96
CA GLY B 460 0.96 20.38 -26.89
C GLY B 460 2.19 21.24 -27.11
N HIS B 461 3.22 20.97 -26.31
CA HIS B 461 4.56 21.39 -26.68
C HIS B 461 5.18 20.26 -27.49
N ASN B 462 4.67 20.11 -28.70
CA ASN B 462 4.96 18.92 -29.49
C ASN B 462 6.43 18.82 -29.86
N TYR B 463 7.05 19.94 -30.21
CA TYR B 463 8.47 19.93 -30.53
C TYR B 463 9.30 19.53 -29.33
N LEU B 464 8.95 20.04 -28.15
CA LEU B 464 9.68 19.68 -26.95
C LEU B 464 9.30 18.29 -26.44
N ARG B 465 8.06 17.86 -26.65
CA ARG B 465 7.70 16.48 -26.36
C ARG B 465 8.48 15.53 -27.24
N ASP B 466 8.62 15.85 -28.52
CA ASP B 466 9.42 15.03 -29.42
C ASP B 466 10.87 15.03 -28.96
N LYS B 467 11.42 16.20 -28.65
CA LYS B 467 12.81 16.28 -28.22
C LYS B 467 13.02 15.50 -26.93
N TRP B 468 12.10 15.61 -25.98
CA TRP B 468 12.23 14.87 -24.74
C TRP B 468 12.14 13.38 -25.00
N SER B 469 11.16 12.94 -25.79
CA SER B 469 10.99 11.52 -26.03
C SER B 469 12.21 10.91 -26.70
N HIS B 470 12.84 11.65 -27.61
CA HIS B 470 14.13 11.22 -28.13
C HIS B 470 15.17 11.13 -27.02
N PHE B 471 15.27 12.15 -26.19
CA PHE B 471 16.26 12.13 -25.12
C PHE B 471 15.90 11.10 -24.06
N ASP B 472 14.61 10.92 -23.80
CA ASP B 472 14.20 9.94 -22.79
C ASP B 472 14.51 8.52 -23.24
N ARG B 473 14.19 8.19 -24.50
CA ARG B 473 14.33 6.83 -24.95
C ARG B 473 15.78 6.45 -25.21
N LYS B 474 16.62 7.41 -25.58
CA LYS B 474 17.99 7.08 -25.95
C LYS B 474 18.95 7.22 -24.79
N PHE B 475 18.77 8.23 -23.94
CA PHE B 475 19.72 8.52 -22.88
C PHE B 475 19.15 8.28 -21.50
N LEU B 476 18.03 8.91 -21.15
CA LEU B 476 17.55 8.83 -19.77
C LEU B 476 17.12 7.42 -19.42
N SER B 477 16.44 6.74 -20.33
CA SER B 477 15.98 5.38 -20.02
C SER B 477 17.14 4.42 -19.86
N ARG B 478 18.31 4.75 -20.38
CA ARG B 478 19.46 3.87 -20.21
C ARG B 478 19.97 3.85 -18.78
N VAL B 479 19.70 4.89 -18.00
CA VAL B 479 20.20 4.96 -16.64
C VAL B 479 19.10 4.83 -15.60
N LEU B 480 17.85 5.11 -15.95
CA LEU B 480 16.77 5.09 -14.98
C LEU B 480 15.88 3.87 -15.09
N MET B 481 16.03 3.07 -16.13
CA MET B 481 15.22 1.88 -16.32
C MET B 481 16.14 0.66 -16.38
N ARG B 482 15.65 -0.46 -15.89
CA ARG B 482 16.47 -1.66 -15.82
C ARG B 482 16.82 -2.16 -17.22
N ARG B 483 17.95 -2.86 -17.33
CA ARG B 483 18.43 -3.32 -18.63
C ARG B 483 17.39 -4.17 -19.32
N SER B 484 16.89 -5.21 -18.63
CA SER B 484 15.87 -6.06 -19.23
C SER B 484 14.62 -5.28 -19.56
N ALA B 485 14.31 -4.26 -18.76
CA ALA B 485 13.20 -3.38 -19.10
C ALA B 485 13.51 -2.58 -20.35
N GLN B 486 14.76 -2.14 -20.51
CA GLN B 486 15.15 -1.45 -21.74
C GLN B 486 15.01 -2.38 -22.94
N LYS B 487 15.46 -3.63 -22.81
CA LYS B 487 15.34 -4.58 -23.91
C LYS B 487 13.88 -4.85 -24.26
N SER B 488 13.03 -5.05 -23.24
CA SER B 488 11.62 -5.26 -23.50
C SER B 488 10.98 -4.04 -24.13
N ARG B 489 11.33 -2.84 -23.66
CA ARG B 489 10.77 -1.61 -24.21
C ARG B 489 11.16 -1.44 -25.67
N ASP B 490 12.43 -1.70 -25.99
CA ASP B 490 12.85 -1.55 -27.38
C ASP B 490 12.26 -2.65 -28.27
N ARG B 491 12.06 -3.85 -27.74
CA ARG B 491 11.38 -4.88 -28.52
C ARG B 491 9.94 -4.47 -28.82
N ILE B 492 9.25 -3.92 -27.82
CA ILE B 492 7.87 -3.46 -28.02
C ILE B 492 7.83 -2.33 -29.04
N LEU B 493 8.76 -1.38 -28.92
CA LEU B 493 8.81 -0.28 -29.88
C LEU B 493 9.13 -0.78 -31.29
N ASN B 494 9.96 -1.83 -31.41
CA ASN B 494 10.25 -2.39 -32.71
C ASN B 494 9.03 -3.08 -33.31
N VAL B 495 8.31 -3.87 -32.52
CA VAL B 495 7.14 -4.56 -33.07
C VAL B 495 5.99 -3.59 -33.33
N PHE B 496 5.97 -2.43 -32.67
CA PHE B 496 4.94 -1.45 -32.97
C PHE B 496 5.40 -0.41 -33.98
N HIS B 497 6.68 -0.43 -34.36
CA HIS B 497 7.16 0.50 -35.37
C HIS B 497 6.75 0.07 -36.77
N GLU B 498 6.67 -1.24 -37.02
CA GLU B 498 6.16 -1.71 -38.30
C GLU B 498 4.72 -1.25 -38.50
N LEU B 499 3.96 -1.17 -37.42
CA LEU B 499 2.60 -0.63 -37.45
C LEU B 499 2.60 0.84 -37.10
N HIS B 578 -32.16 9.58 -27.04
CA HIS B 578 -31.12 10.58 -27.23
C HIS B 578 -30.00 10.42 -26.21
N HIS B 579 -30.37 10.39 -24.93
CA HIS B 579 -29.36 10.19 -23.89
C HIS B 579 -28.70 8.84 -23.99
N THR B 580 -29.41 7.83 -24.52
CA THR B 580 -28.78 6.55 -24.79
C THR B 580 -27.59 6.71 -25.72
N LEU B 581 -27.81 7.39 -26.85
CA LEU B 581 -26.73 7.72 -27.77
C LEU B 581 -25.60 8.46 -27.05
N GLN B 582 -25.95 9.40 -26.19
CA GLN B 582 -24.92 10.12 -25.45
C GLN B 582 -24.05 9.18 -24.63
N GLN B 583 -24.66 8.22 -23.94
CA GLN B 583 -23.87 7.28 -23.17
C GLN B 583 -23.15 6.26 -24.04
N TYR B 584 -23.47 6.19 -25.33
CA TYR B 584 -22.80 5.23 -26.20
C TYR B 584 -21.58 5.80 -26.92
N LEU B 585 -21.61 7.08 -27.33
CA LEU B 585 -20.54 7.62 -28.15
C LEU B 585 -19.21 7.69 -27.41
N TYR B 586 -18.14 7.59 -28.19
CA TYR B 586 -16.80 7.83 -27.67
C TYR B 586 -16.66 9.28 -27.24
N LYS B 587 -15.95 9.49 -26.22
CA LYS B 587 -15.81 10.90 -25.93
C LYS B 587 -14.57 11.45 -26.61
N PRO B 588 -14.59 12.71 -27.04
CA PRO B 588 -13.38 13.28 -27.62
C PRO B 588 -12.30 13.43 -26.57
N ARG B 589 -11.05 13.37 -27.03
CA ARG B 589 -9.91 13.40 -26.11
C ARG B 589 -9.95 14.63 -25.23
N GLN B 590 -10.53 15.73 -25.71
CA GLN B 590 -10.58 16.97 -24.97
C GLN B 590 -11.54 16.91 -23.78
N GLU B 591 -12.41 15.91 -23.74
CA GLU B 591 -13.49 15.87 -22.77
C GLU B 591 -13.37 14.72 -21.79
N TYR B 592 -12.16 14.17 -21.62
CA TYR B 592 -11.97 13.12 -20.64
C TYR B 592 -12.17 13.67 -19.24
N LYS B 593 -12.87 12.90 -18.41
CA LYS B 593 -13.21 13.34 -17.06
C LYS B 593 -12.08 12.92 -16.12
N HIS B 594 -11.05 13.75 -16.09
CA HIS B 594 -9.96 13.58 -15.14
C HIS B 594 -10.42 14.04 -13.76
N LEU B 595 -10.03 13.32 -12.73
CA LEU B 595 -10.36 13.73 -11.38
C LEU B 595 -9.13 13.59 -10.50
N TYR B 596 -8.96 14.54 -9.58
CA TYR B 596 -8.02 14.44 -8.49
C TYR B 596 -8.77 14.78 -7.22
N SER B 597 -8.67 13.92 -6.21
CA SER B 597 -9.49 14.10 -5.03
C SER B 597 -8.71 14.38 -3.76
N ARG B 598 -7.52 13.82 -3.61
CA ARG B 598 -6.71 13.91 -2.39
C ARG B 598 -7.30 13.05 -1.29
N HIS B 599 -8.50 12.53 -1.51
CA HIS B 599 -9.19 11.72 -0.53
C HIS B 599 -9.62 10.38 -1.07
N GLU B 600 -9.59 10.18 -2.39
CA GLU B 600 -9.87 8.89 -2.97
C GLU B 600 -9.09 8.75 -4.26
N LEU B 601 -8.88 7.52 -4.66
CA LEU B 601 -8.21 7.24 -5.92
C LEU B 601 -9.24 7.33 -7.03
N THR B 602 -8.97 8.18 -8.02
CA THR B 602 -9.89 8.44 -9.12
C THR B 602 -9.14 8.23 -10.42
N PRO B 603 -8.94 6.97 -10.83
CA PRO B 603 -8.32 6.72 -12.13
C PRO B 603 -9.25 7.17 -13.25
N THR B 604 -8.68 7.86 -14.23
CA THR B 604 -9.45 8.32 -15.37
C THR B 604 -10.08 7.13 -16.07
N GLU B 605 -11.40 7.02 -16.00
CA GLU B 605 -12.08 5.88 -16.59
C GLU B 605 -12.33 6.06 -18.09
N ASP B 606 -11.95 7.19 -18.65
CA ASP B 606 -12.05 7.39 -20.09
C ASP B 606 -10.79 6.98 -20.83
N GLU B 607 -9.70 6.67 -20.12
CA GLU B 607 -8.54 6.11 -20.80
C GLU B 607 -8.81 4.71 -21.32
N LYS B 608 -9.89 4.07 -20.86
CA LYS B 608 -10.29 2.80 -21.45
C LYS B 608 -10.69 2.97 -22.90
N GLN B 609 -11.37 4.08 -23.21
CA GLN B 609 -11.66 4.42 -24.59
C GLN B 609 -10.40 4.48 -25.44
N ASP B 610 -9.34 5.10 -24.93
CA ASP B 610 -8.11 5.22 -25.71
C ASP B 610 -7.59 3.85 -26.07
N ARG B 611 -7.52 2.94 -25.10
CA ARG B 611 -6.98 1.62 -25.36
C ARG B 611 -7.87 0.82 -26.29
N GLU B 612 -9.19 0.95 -26.14
CA GLU B 612 -10.10 0.24 -27.03
C GLU B 612 -9.91 0.68 -28.47
N ILE B 613 -9.88 1.99 -28.71
CA ILE B 613 -9.72 2.47 -30.08
C ILE B 613 -8.33 2.15 -30.60
N PHE B 614 -7.31 2.18 -29.74
CA PHE B 614 -5.97 1.83 -30.19
C PHE B 614 -5.95 0.40 -30.67
N HIS B 615 -6.61 -0.50 -29.93
CA HIS B 615 -6.67 -1.89 -30.36
C HIS B 615 -7.42 -2.01 -31.68
N ARG B 616 -8.52 -1.27 -31.84
CA ARG B 616 -9.29 -1.35 -33.07
C ARG B 616 -8.48 -0.88 -34.27
N THR B 617 -7.72 0.21 -34.11
CA THR B 617 -6.92 0.68 -35.23
C THR B 617 -5.73 -0.24 -35.49
N MET B 618 -5.14 -0.81 -34.45
CA MET B 618 -4.04 -1.74 -34.66
C MET B 618 -4.51 -3.00 -35.36
N ARG B 619 -5.68 -3.51 -34.98
CA ARG B 619 -6.31 -4.58 -35.74
C ARG B 619 -6.61 -4.13 -37.16
N LYS B 620 -6.89 -2.84 -37.36
CA LYS B 620 -6.95 -2.30 -38.71
C LYS B 620 -5.56 -2.09 -39.31
N ARG B 621 -4.54 -1.90 -38.47
CA ARG B 621 -3.18 -1.79 -38.98
C ARG B 621 -2.60 -3.14 -39.34
N LEU B 622 -3.20 -4.23 -38.87
CA LEU B 622 -2.80 -5.56 -39.33
C LEU B 622 -3.41 -5.90 -40.68
N GLU B 623 -4.38 -5.12 -41.15
CA GLU B 623 -4.97 -5.38 -42.45
C GLU B 623 -3.95 -5.24 -43.57
N SER B 624 -3.00 -4.33 -43.42
CA SER B 624 -1.91 -4.24 -44.37
C SER B 624 -0.99 -5.45 -44.30
N PHE B 625 -1.05 -6.20 -43.19
CA PHE B 625 -0.19 -7.37 -42.96
C PHE B 625 1.28 -6.96 -42.88
N LYS B 626 1.54 -5.90 -42.13
CA LYS B 626 2.91 -5.39 -42.01
C LYS B 626 3.45 -5.62 -40.60
N ASP C 1 -16.31 -51.15 31.95
CA ASP C 1 -14.86 -51.04 31.82
C ASP C 1 -14.30 -52.20 31.02
N GLU C 2 -15.14 -53.21 30.79
CA GLU C 2 -14.72 -54.35 29.99
C GLU C 2 -14.46 -53.96 28.55
N GLU C 3 -15.29 -53.07 27.99
CA GLU C 3 -15.16 -52.74 26.58
C GLU C 3 -13.82 -52.06 26.31
N LEU C 4 -13.38 -51.18 27.19
CA LEU C 4 -12.08 -50.54 27.13
C LEU C 4 -10.93 -51.46 27.53
N GLU C 5 -11.21 -52.76 27.70
CA GLU C 5 -10.18 -53.70 28.12
C GLU C 5 -9.81 -54.69 27.03
N GLU C 6 -10.80 -55.16 26.26
CA GLU C 6 -10.50 -55.93 25.06
C GLU C 6 -9.72 -55.09 24.06
N ILE C 7 -10.09 -53.82 23.93
CA ILE C 7 -9.33 -52.92 23.06
C ILE C 7 -7.91 -52.75 23.59
N LYS C 8 -7.77 -52.63 24.91
CA LYS C 8 -6.44 -52.48 25.47
C LYS C 8 -5.57 -53.69 25.19
N LYS C 9 -6.12 -54.90 25.32
CA LYS C 9 -5.33 -56.09 25.04
C LYS C 9 -5.03 -56.21 23.55
N GLU C 10 -6.03 -56.01 22.70
CA GLU C 10 -5.84 -56.20 21.27
C GLU C 10 -4.86 -55.19 20.70
N THR C 11 -4.98 -53.94 21.12
CA THR C 11 -4.13 -52.87 20.60
C THR C 11 -2.89 -52.66 21.45
N GLY C 12 -3.09 -52.35 22.73
CA GLY C 12 -2.00 -52.00 23.61
C GLY C 12 -2.15 -50.64 24.25
N PHE C 13 -3.22 -49.91 23.95
CA PHE C 13 -3.43 -48.58 24.46
C PHE C 13 -3.65 -48.61 25.97
N SER C 14 -3.82 -47.43 26.55
CA SER C 14 -4.29 -47.29 27.91
C SER C 14 -5.78 -47.01 27.91
N HIS C 15 -6.39 -47.09 29.09
CA HIS C 15 -7.82 -46.81 29.17
C HIS C 15 -8.11 -45.37 28.79
N SER C 16 -7.30 -44.42 29.27
CA SER C 16 -7.55 -43.02 28.98
C SER C 16 -7.29 -42.71 27.51
N GLN C 17 -6.28 -43.33 26.92
CA GLN C 17 -6.06 -43.17 25.49
C GLN C 17 -7.24 -43.67 24.69
N ILE C 18 -7.78 -44.83 25.06
CA ILE C 18 -8.94 -45.37 24.37
C ILE C 18 -10.14 -44.46 24.56
N THR C 19 -10.31 -43.90 25.75
CA THR C 19 -11.45 -43.01 25.98
C THR C 19 -11.35 -41.75 25.13
N ARG C 20 -10.17 -41.15 25.07
CA ARG C 20 -10.00 -39.95 24.25
C ARG C 20 -10.19 -40.26 22.78
N LEU C 21 -9.67 -41.39 22.31
CA LEU C 21 -9.86 -41.75 20.91
C LEU C 21 -11.31 -42.11 20.62
N TYR C 22 -12.03 -42.64 21.60
CA TYR C 22 -13.46 -42.89 21.40
C TYR C 22 -14.22 -41.58 21.30
N SER C 23 -13.83 -40.58 22.10
CA SER C 23 -14.46 -39.27 21.99
C SER C 23 -14.20 -38.67 20.62
N ARG C 24 -12.98 -38.81 20.12
CA ARG C 24 -12.68 -38.36 18.77
C ARG C 24 -13.50 -39.11 17.73
N PHE C 25 -13.67 -40.42 17.93
CA PHE C 25 -14.45 -41.23 17.00
C PHE C 25 -15.90 -40.77 16.94
N THR C 26 -16.53 -40.67 18.11
CA THR C 26 -17.92 -40.23 18.15
C THR C 26 -18.08 -38.78 17.71
N SER C 27 -17.03 -37.98 17.79
CA SER C 27 -17.09 -36.66 17.17
C SER C 27 -17.00 -36.76 15.66
N LEU C 28 -16.16 -37.67 15.15
CA LEU C 28 -16.04 -37.92 13.73
C LEU C 28 -17.28 -38.56 13.15
N ASP C 29 -18.19 -39.03 13.99
CA ASP C 29 -19.36 -39.77 13.53
C ASP C 29 -20.56 -38.86 13.30
N LYS C 30 -20.33 -37.65 12.78
CA LYS C 30 -21.42 -36.79 12.37
C LYS C 30 -22.37 -37.58 11.48
N GLY C 31 -23.58 -37.80 11.97
CA GLY C 31 -24.50 -38.77 11.42
C GLY C 31 -24.88 -39.86 12.40
N GLU C 32 -24.03 -40.13 13.39
CA GLU C 32 -24.34 -40.99 14.52
C GLU C 32 -24.84 -42.36 14.04
N ASN C 33 -24.00 -43.01 13.25
CA ASN C 33 -24.30 -44.32 12.68
C ASN C 33 -23.72 -45.46 13.50
N GLY C 34 -23.10 -45.16 14.65
CA GLY C 34 -22.37 -46.16 15.41
C GLY C 34 -21.10 -46.65 14.75
N THR C 35 -20.85 -46.27 13.51
CA THR C 35 -19.68 -46.67 12.75
C THR C 35 -19.21 -45.46 11.96
N LEU C 36 -18.30 -45.66 11.02
CA LEU C 36 -17.69 -44.53 10.34
C LEU C 36 -17.36 -44.91 8.91
N SER C 37 -17.65 -44.00 7.98
CA SER C 37 -17.57 -44.29 6.55
C SER C 37 -16.42 -43.54 5.90
N ARG C 38 -16.27 -43.75 4.59
CA ARG C 38 -15.20 -43.08 3.85
C ARG C 38 -15.37 -41.56 3.91
N GLU C 39 -16.59 -41.09 3.69
CA GLU C 39 -16.84 -39.65 3.65
C GLU C 39 -16.73 -39.01 5.02
N ASP C 40 -16.94 -39.78 6.10
CA ASP C 40 -16.72 -39.23 7.43
C ASP C 40 -15.25 -38.90 7.65
N PHE C 41 -14.36 -39.76 7.18
CA PHE C 41 -12.94 -39.42 7.20
C PHE C 41 -12.65 -38.28 6.23
N GLN C 42 -13.22 -38.33 5.04
CA GLN C 42 -13.00 -37.29 4.05
C GLN C 42 -13.44 -35.93 4.55
N ARG C 43 -14.38 -35.90 5.48
CA ARG C 43 -14.88 -34.65 6.02
C ARG C 43 -13.84 -33.93 6.87
N ILE C 44 -12.77 -34.63 7.26
CA ILE C 44 -11.69 -34.00 8.04
C ILE C 44 -11.03 -32.93 7.18
N PRO C 45 -10.88 -31.70 7.66
CA PRO C 45 -10.48 -30.60 6.77
C PRO C 45 -9.14 -30.77 6.10
N GLU C 46 -8.15 -31.36 6.77
CA GLU C 46 -6.80 -31.39 6.23
C GLU C 46 -6.33 -32.79 5.88
N LEU C 47 -7.26 -33.72 5.68
CA LEU C 47 -6.91 -34.96 5.01
C LEU C 47 -6.95 -34.80 3.51
N ALA C 48 -7.85 -33.95 2.99
CA ALA C 48 -7.88 -33.64 1.58
C ALA C 48 -6.62 -32.90 1.14
N ILE C 49 -5.91 -32.27 2.09
CA ILE C 49 -4.63 -31.65 1.80
C ILE C 49 -3.51 -32.69 1.76
N ASN C 50 -3.67 -33.81 2.43
CA ASN C 50 -2.62 -34.81 2.46
C ASN C 50 -2.50 -35.48 1.11
N PRO C 51 -1.30 -35.53 0.53
CA PRO C 51 -1.14 -36.26 -0.74
C PRO C 51 -1.50 -37.73 -0.63
N LEU C 52 -1.24 -38.35 0.50
CA LEU C 52 -1.56 -39.75 0.72
C LEU C 52 -2.82 -39.95 1.54
N GLY C 53 -3.66 -38.91 1.68
CA GLY C 53 -4.78 -38.99 2.59
C GLY C 53 -5.78 -40.08 2.22
N ASP C 54 -6.07 -40.22 0.92
CA ASP C 54 -7.05 -41.20 0.49
C ASP C 54 -6.58 -42.62 0.76
N ARG C 55 -5.30 -42.89 0.56
CA ARG C 55 -4.78 -44.21 0.87
C ARG C 55 -4.87 -44.49 2.37
N ILE C 56 -4.60 -43.48 3.20
CA ILE C 56 -4.75 -43.64 4.64
C ILE C 56 -6.18 -44.01 4.98
N ILE C 57 -7.14 -43.25 4.45
CA ILE C 57 -8.54 -43.49 4.73
C ILE C 57 -8.92 -44.90 4.31
N ASN C 58 -8.52 -45.31 3.11
CA ASN C 58 -8.84 -46.65 2.65
C ASN C 58 -8.22 -47.69 3.56
N ALA C 59 -6.99 -47.46 4.01
CA ALA C 59 -6.34 -48.40 4.92
C ALA C 59 -7.07 -48.53 6.23
N PHE C 60 -7.84 -47.51 6.63
CA PHE C 60 -8.60 -47.62 7.87
C PHE C 60 -9.70 -48.68 7.77
N PHE C 61 -10.17 -48.95 6.59
CA PHE C 61 -11.26 -49.89 6.41
C PHE C 61 -10.73 -51.25 5.96
N PRO C 62 -11.41 -52.33 6.33
CA PRO C 62 -10.99 -53.65 5.84
C PRO C 62 -11.33 -53.82 4.37
N GLU C 63 -10.54 -54.66 3.70
CA GLU C 63 -10.79 -54.96 2.30
C GLU C 63 -12.18 -55.54 2.13
N GLY C 64 -12.92 -55.03 1.17
CA GLY C 64 -14.30 -55.46 0.96
C GLY C 64 -15.33 -54.62 1.66
N GLU C 65 -15.18 -54.45 2.98
CA GLU C 65 -16.12 -53.63 3.72
C GLU C 65 -15.97 -52.16 3.33
N ASP C 66 -17.02 -51.39 3.63
CA ASP C 66 -17.02 -49.96 3.35
C ASP C 66 -17.33 -49.15 4.61
N GLN C 67 -17.11 -49.73 5.78
CA GLN C 67 -17.34 -49.04 7.04
C GLN C 67 -16.38 -49.60 8.09
N VAL C 68 -16.17 -48.83 9.14
CA VAL C 68 -15.32 -49.23 10.25
C VAL C 68 -15.98 -48.82 11.56
N ASN C 69 -15.89 -49.68 12.56
CA ASN C 69 -16.40 -49.37 13.88
C ASN C 69 -15.23 -48.94 14.76
N PHE C 70 -15.51 -48.71 16.04
CA PHE C 70 -14.48 -48.21 16.92
C PHE C 70 -13.34 -49.21 17.09
N ARG C 71 -13.66 -50.50 17.14
CA ARG C 71 -12.60 -51.49 17.28
C ARG C 71 -11.67 -51.49 16.08
N GLY C 72 -12.22 -51.37 14.87
CA GLY C 72 -11.37 -51.26 13.70
C GLY C 72 -10.58 -49.97 13.67
N PHE C 73 -11.21 -48.87 14.06
CA PHE C 73 -10.53 -47.60 14.22
C PHE C 73 -9.29 -47.77 15.09
N MET C 74 -9.46 -48.40 16.25
CA MET C 74 -8.36 -48.57 17.18
C MET C 74 -7.32 -49.56 16.65
N ARG C 75 -7.77 -50.61 15.96
CA ARG C 75 -6.82 -51.57 15.42
C ARG C 75 -5.90 -50.91 14.41
N THR C 76 -6.47 -50.21 13.44
CA THR C 76 -5.66 -49.54 12.43
C THR C 76 -4.96 -48.31 12.99
N LEU C 77 -5.36 -47.82 14.15
CA LEU C 77 -4.74 -46.66 14.75
C LEU C 77 -3.66 -47.02 15.75
N ALA C 78 -3.59 -48.28 16.16
CA ALA C 78 -2.61 -48.72 17.14
C ALA C 78 -1.26 -49.06 16.52
N HIS C 79 -1.16 -49.12 15.20
CA HIS C 79 0.14 -49.34 14.59
C HIS C 79 1.10 -48.20 14.85
N PHE C 80 0.60 -47.04 15.26
CA PHE C 80 1.40 -45.85 15.39
C PHE C 80 1.74 -45.54 16.84
N ARG C 81 1.46 -46.46 17.75
CA ARG C 81 1.99 -46.34 19.09
C ARG C 81 3.49 -46.55 19.06
N PRO C 82 4.24 -45.81 19.87
CA PRO C 82 5.67 -46.09 19.99
C PRO C 82 5.88 -47.37 20.78
N ILE C 83 7.05 -47.98 20.57
CA ILE C 83 7.46 -49.14 21.34
C ILE C 83 8.40 -48.70 22.45
N GLU C 84 8.16 -49.19 23.66
CA GLU C 84 9.04 -48.97 24.79
C GLU C 84 9.95 -50.19 24.96
N ASP C 85 11.26 -49.93 25.09
CA ASP C 85 12.24 -51.02 25.09
C ASP C 85 12.09 -51.90 26.33
N ASN C 86 11.93 -51.30 27.50
CA ASN C 86 11.82 -52.08 28.73
C ASN C 86 10.58 -52.96 28.74
N GLU C 87 9.54 -52.60 27.97
CA GLU C 87 8.37 -53.45 27.88
C GLU C 87 8.67 -54.77 27.17
N LYS C 88 9.32 -54.70 26.00
CA LYS C 88 9.62 -55.91 25.25
C LYS C 88 10.79 -56.67 25.87
N SER C 89 11.62 -56.02 26.68
CA SER C 89 12.70 -56.70 27.37
C SER C 89 12.24 -57.43 28.62
N LYS C 90 10.98 -57.23 29.04
CA LYS C 90 10.48 -57.75 30.31
C LYS C 90 9.75 -59.09 30.14
N ASP C 91 8.67 -59.10 29.36
CA ASP C 91 7.86 -60.29 29.13
C ASP C 91 8.00 -60.67 27.66
N VAL C 92 8.99 -61.53 27.37
CA VAL C 92 9.24 -61.99 26.01
C VAL C 92 8.39 -63.22 25.77
N ASN C 93 7.29 -63.05 25.05
CA ASN C 93 6.44 -64.16 24.65
C ASN C 93 6.30 -64.28 23.14
N GLY C 94 6.04 -63.18 22.44
CA GLY C 94 5.89 -63.23 21.00
C GLY C 94 5.86 -61.85 20.35
N PRO C 95 6.08 -61.81 19.01
CA PRO C 95 6.06 -60.55 18.26
C PRO C 95 4.66 -60.15 17.79
N GLU C 96 3.70 -60.19 18.69
CA GLU C 96 2.32 -59.84 18.40
C GLU C 96 2.01 -58.36 18.20
N PRO C 97 2.71 -57.41 18.83
CA PRO C 97 2.17 -56.05 18.92
C PRO C 97 1.85 -55.46 17.55
N LEU C 98 0.67 -54.85 17.45
CA LEU C 98 0.27 -54.14 16.25
C LEU C 98 1.10 -52.90 15.99
N ASN C 99 1.88 -52.45 16.99
CA ASN C 99 2.75 -51.30 16.82
C ASN C 99 4.21 -51.71 16.60
N SER C 100 4.46 -52.96 16.20
CA SER C 100 5.82 -53.38 15.96
C SER C 100 6.35 -52.72 14.68
N ARG C 101 7.67 -52.71 14.55
CA ARG C 101 8.27 -52.04 13.40
C ARG C 101 7.79 -52.64 12.09
N SER C 102 7.73 -53.97 12.02
CA SER C 102 7.23 -54.62 10.81
C SER C 102 5.79 -54.24 10.53
N ASN C 103 5.01 -53.93 11.57
CA ASN C 103 3.62 -53.60 11.35
C ASN C 103 3.45 -52.19 10.76
N LYS C 104 4.25 -51.23 11.23
CA LYS C 104 4.24 -49.92 10.58
C LYS C 104 4.73 -50.03 9.14
N LEU C 105 5.79 -50.82 8.93
CA LEU C 105 6.27 -51.04 7.58
C LEU C 105 5.18 -51.64 6.70
N HIS C 106 4.42 -52.60 7.25
CA HIS C 106 3.36 -53.23 6.50
C HIS C 106 2.21 -52.27 6.23
N PHE C 107 1.95 -51.34 7.14
CA PHE C 107 0.92 -50.34 6.90
C PHE C 107 1.28 -49.48 5.70
N ALA C 108 2.50 -48.93 5.71
CA ALA C 108 2.94 -48.14 4.56
C ALA C 108 2.95 -48.98 3.29
N PHE C 109 3.34 -50.25 3.42
CA PHE C 109 3.35 -51.15 2.27
C PHE C 109 1.96 -51.30 1.68
N ARG C 110 0.98 -51.62 2.50
CA ARG C 110 -0.39 -51.75 2.03
C ARG C 110 -0.90 -50.46 1.44
N LEU C 111 -0.36 -49.32 1.84
CA LEU C 111 -0.62 -48.10 1.09
C LEU C 111 -0.04 -48.17 -0.30
N TYR C 112 1.21 -48.63 -0.42
CA TYR C 112 1.80 -48.74 -1.75
C TYR C 112 1.09 -49.78 -2.59
N ASP C 113 0.74 -50.91 -1.98
CA ASP C 113 0.10 -52.03 -2.67
C ASP C 113 -1.41 -51.83 -2.63
N LEU C 114 -1.94 -51.13 -3.62
CA LEU C 114 -3.39 -50.93 -3.67
C LEU C 114 -4.13 -52.22 -3.97
N ASP C 115 -3.46 -53.21 -4.55
CA ASP C 115 -4.05 -54.51 -4.82
C ASP C 115 -3.97 -55.45 -3.62
N LYS C 116 -3.20 -55.11 -2.60
CA LYS C 116 -2.92 -56.00 -1.47
C LYS C 116 -2.30 -57.31 -1.95
N ASP C 117 -1.51 -57.21 -3.01
CA ASP C 117 -0.87 -58.37 -3.64
C ASP C 117 0.21 -58.96 -2.74
N GLU C 118 0.71 -58.19 -1.78
CA GLU C 118 1.89 -58.45 -0.94
C GLU C 118 3.15 -58.09 -1.73
N LYS C 119 3.01 -57.67 -2.99
CA LYS C 119 4.13 -57.21 -3.80
C LYS C 119 3.74 -55.92 -4.50
N ILE C 120 4.67 -54.98 -4.57
CA ILE C 120 4.45 -53.70 -5.24
C ILE C 120 5.02 -53.78 -6.64
N SER C 121 4.16 -53.65 -7.64
CA SER C 121 4.62 -53.64 -9.01
C SER C 121 5.14 -52.25 -9.37
N ARG C 122 5.68 -52.14 -10.59
CA ARG C 122 6.09 -50.83 -11.07
C ARG C 122 4.90 -49.90 -11.21
N ASP C 123 3.75 -50.43 -11.62
CA ASP C 123 2.57 -49.60 -11.79
C ASP C 123 2.09 -49.03 -10.46
N GLU C 124 2.07 -49.86 -9.41
CA GLU C 124 1.61 -49.38 -8.10
C GLU C 124 2.56 -48.32 -7.55
N LEU C 125 3.86 -48.57 -7.64
CA LEU C 125 4.83 -47.59 -7.17
C LEU C 125 4.74 -46.30 -7.95
N LEU C 126 4.56 -46.39 -9.27
CA LEU C 126 4.43 -45.19 -10.08
C LEU C 126 3.16 -44.43 -9.73
N GLN C 127 2.09 -45.16 -9.43
CA GLN C 127 0.83 -44.52 -9.06
C GLN C 127 0.99 -43.73 -7.77
N VAL C 128 1.64 -44.33 -6.78
CA VAL C 128 1.82 -43.63 -5.50
C VAL C 128 2.81 -42.49 -5.66
N LEU C 129 3.85 -42.67 -6.47
CA LEU C 129 4.79 -41.58 -6.74
C LEU C 129 4.08 -40.40 -7.39
N ARG C 130 3.20 -40.67 -8.34
CA ARG C 130 2.41 -39.60 -8.93
C ARG C 130 1.55 -38.93 -7.87
N MET C 131 0.94 -39.74 -7.01
CA MET C 131 0.00 -39.18 -6.04
C MET C 131 0.69 -38.28 -5.02
N MET C 132 2.01 -38.40 -4.87
CA MET C 132 2.73 -37.70 -3.82
C MET C 132 3.92 -36.90 -4.36
N VAL C 133 3.87 -36.51 -5.62
CA VAL C 133 4.90 -35.66 -6.22
C VAL C 133 4.21 -34.58 -7.04
N GLY C 134 4.77 -33.37 -7.00
CA GLY C 134 4.13 -32.24 -7.64
C GLY C 134 3.88 -32.47 -9.11
N VAL C 135 2.76 -31.91 -9.60
CA VAL C 135 2.32 -32.14 -10.96
C VAL C 135 3.32 -31.60 -11.98
N ASN C 136 4.14 -30.63 -11.59
CA ASN C 136 5.03 -29.99 -12.56
C ASN C 136 6.03 -30.98 -13.14
N ILE C 137 6.34 -32.05 -12.42
CA ILE C 137 7.37 -32.98 -12.86
C ILE C 137 6.91 -33.74 -14.09
N SER C 138 7.84 -34.01 -15.00
CA SER C 138 7.55 -34.80 -16.18
C SER C 138 7.37 -36.27 -15.79
N ASP C 139 6.38 -36.91 -16.41
CA ASP C 139 6.15 -38.32 -16.11
C ASP C 139 7.32 -39.19 -16.55
N GLU C 140 8.18 -38.71 -17.44
CA GLU C 140 9.40 -39.44 -17.77
C GLU C 140 10.32 -39.50 -16.56
N GLN C 141 10.53 -38.37 -15.89
CA GLN C 141 11.33 -38.36 -14.68
C GLN C 141 10.70 -39.24 -13.62
N LEU C 142 9.39 -39.23 -13.52
CA LEU C 142 8.68 -40.03 -12.53
C LEU C 142 8.85 -41.51 -12.80
N GLY C 143 8.77 -41.92 -14.06
CA GLY C 143 9.01 -43.32 -14.40
C GLY C 143 10.45 -43.72 -14.16
N SER C 144 11.39 -42.81 -14.44
CA SER C 144 12.79 -43.07 -14.11
C SER C 144 12.96 -43.29 -12.61
N ILE C 145 12.30 -42.46 -11.80
CA ILE C 145 12.37 -42.61 -10.36
C ILE C 145 11.79 -43.95 -9.93
N ALA C 146 10.64 -44.31 -10.49
CA ALA C 146 9.98 -45.55 -10.09
C ALA C 146 10.84 -46.76 -10.42
N ASP C 147 11.35 -46.83 -11.65
CA ASP C 147 12.12 -48.00 -12.05
C ASP C 147 13.47 -48.04 -11.36
N ARG C 148 14.11 -46.89 -11.15
CA ARG C 148 15.34 -46.87 -10.37
C ARG C 148 15.08 -47.34 -8.94
N THR C 149 13.95 -46.93 -8.37
CA THR C 149 13.59 -47.35 -7.01
C THR C 149 13.45 -48.87 -6.94
N ILE C 150 12.70 -49.44 -7.87
CA ILE C 150 12.52 -50.90 -7.85
C ILE C 150 13.85 -51.59 -8.04
N GLN C 151 14.67 -51.11 -8.99
CA GLN C 151 15.94 -51.76 -9.27
C GLN C 151 16.85 -51.71 -8.04
N GLU C 152 16.88 -50.57 -7.34
CA GLU C 152 17.75 -50.45 -6.17
C GLU C 152 17.19 -51.15 -4.95
N ALA C 153 15.90 -51.49 -4.96
CA ALA C 153 15.29 -52.23 -3.86
C ALA C 153 15.12 -53.70 -4.17
N ASP C 154 14.57 -54.03 -5.33
CA ASP C 154 14.37 -55.42 -5.72
C ASP C 154 15.75 -56.00 -6.05
N GLN C 155 16.48 -56.37 -5.00
CA GLN C 155 17.73 -57.07 -5.21
C GLN C 155 17.51 -58.48 -5.75
N ASP C 156 16.29 -58.98 -5.73
CA ASP C 156 15.90 -60.14 -6.51
C ASP C 156 15.71 -59.72 -7.96
N GLY C 157 15.32 -60.67 -8.80
CA GLY C 157 15.16 -60.44 -10.22
C GLY C 157 13.73 -60.27 -10.71
N ASP C 158 12.78 -60.05 -9.82
CA ASP C 158 11.37 -60.07 -10.19
C ASP C 158 10.81 -58.70 -10.56
N SER C 159 11.63 -57.65 -10.52
CA SER C 159 11.22 -56.29 -10.89
C SER C 159 10.02 -55.83 -10.09
N ILE C 160 9.94 -56.27 -8.84
CA ILE C 160 8.84 -55.96 -7.94
C ILE C 160 9.41 -55.68 -6.56
N ALA C 161 8.90 -54.64 -5.91
CA ALA C 161 9.27 -54.35 -4.53
C ALA C 161 8.34 -55.17 -3.63
N SER C 162 8.71 -56.41 -3.40
CA SER C 162 7.95 -57.24 -2.49
C SER C 162 8.33 -56.92 -1.05
N PHE C 163 7.53 -57.43 -0.11
CA PHE C 163 7.57 -56.94 1.26
C PHE C 163 8.92 -57.14 1.91
N THR C 164 9.54 -58.31 1.76
CA THR C 164 10.82 -58.53 2.41
C THR C 164 11.88 -57.56 1.90
N GLU C 165 11.81 -57.18 0.62
CA GLU C 165 12.73 -56.19 0.10
C GLU C 165 12.45 -54.80 0.67
N PHE C 166 11.18 -54.52 0.98
CA PHE C 166 10.84 -53.24 1.60
C PHE C 166 11.54 -53.08 2.94
N VAL C 167 11.46 -54.10 3.79
CA VAL C 167 12.10 -54.02 5.10
C VAL C 167 13.61 -53.90 4.96
N LYS C 168 14.19 -54.65 4.02
CA LYS C 168 15.64 -54.60 3.83
C LYS C 168 16.08 -53.20 3.40
N VAL C 169 15.36 -52.58 2.46
CA VAL C 169 15.77 -51.26 2.02
C VAL C 169 15.49 -50.22 3.10
N LEU C 170 14.52 -50.47 3.98
CA LEU C 170 14.22 -49.55 5.07
C LEU C 170 14.99 -49.87 6.35
N GLU C 171 15.92 -50.82 6.30
CA GLU C 171 16.67 -51.18 7.49
C GLU C 171 17.46 -50.01 8.05
N LYS C 172 17.68 -48.97 7.25
CA LYS C 172 18.43 -47.82 7.71
C LYS C 172 17.56 -46.74 8.34
N VAL C 173 16.27 -46.71 8.00
CA VAL C 173 15.37 -45.65 8.45
C VAL C 173 14.78 -45.98 9.81
N ASP C 174 14.77 -45.00 10.70
CA ASP C 174 14.14 -45.13 12.01
C ASP C 174 12.63 -45.10 11.84
N VAL C 175 12.07 -46.22 11.38
CA VAL C 175 10.62 -46.36 11.30
C VAL C 175 10.02 -46.21 12.69
N GLU C 176 10.71 -46.71 13.71
CA GLU C 176 10.20 -46.70 15.07
C GLU C 176 9.95 -45.29 15.58
N GLN C 177 10.62 -44.30 15.04
CA GLN C 177 10.45 -42.92 15.49
C GLN C 177 9.65 -42.06 14.54
N LYS C 178 9.85 -42.20 13.23
CA LYS C 178 9.15 -41.31 12.30
C LYS C 178 7.76 -41.81 11.95
N MET C 179 7.34 -42.95 12.48
CA MET C 179 5.96 -43.40 12.43
C MET C 179 5.54 -43.91 13.79
N SER C 180 5.72 -43.08 14.80
CA SER C 180 5.22 -43.35 16.15
C SER C 180 4.59 -42.09 16.70
N ILE C 181 3.55 -42.27 17.50
CA ILE C 181 2.76 -41.14 17.99
C ILE C 181 2.50 -41.30 19.48
N ARG C 182 2.74 -40.23 20.23
CA ARG C 182 2.32 -40.15 21.63
C ARG C 182 0.84 -39.81 21.65
N PHE C 183 -0.01 -40.84 21.66
CA PHE C 183 -1.43 -40.60 21.84
C PHE C 183 -1.71 -40.10 23.25
N LEU C 184 -2.53 -39.06 23.35
CA LEU C 184 -2.73 -38.40 24.62
C LEU C 184 -3.60 -39.27 25.54
N HIS C 185 -3.47 -39.01 26.83
CA HIS C 185 -4.21 -39.76 27.84
C HIS C 185 -5.48 -39.04 28.25
N ASP D 1 8.89 34.88 -51.14
CA ASP D 1 7.65 35.24 -50.45
C ASP D 1 6.45 34.97 -51.32
N GLU D 2 6.71 34.70 -52.61
CA GLU D 2 5.63 34.38 -53.52
C GLU D 2 4.96 33.07 -53.16
N GLU D 3 5.74 32.07 -52.75
CA GLU D 3 5.17 30.76 -52.48
C GLU D 3 4.15 30.82 -51.34
N LEU D 4 4.46 31.59 -50.29
CA LEU D 4 3.57 31.83 -49.18
C LEU D 4 2.45 32.80 -49.52
N GLU D 5 2.28 33.16 -50.79
CA GLU D 5 1.26 34.11 -51.20
C GLU D 5 0.16 33.47 -52.02
N GLU D 6 0.51 32.53 -52.90
CA GLU D 6 -0.50 31.72 -53.56
C GLU D 6 -1.26 30.89 -52.54
N ILE D 7 -0.57 30.35 -51.55
CA ILE D 7 -1.25 29.62 -50.48
C ILE D 7 -2.17 30.55 -49.71
N LYS D 8 -1.71 31.78 -49.44
CA LYS D 8 -2.55 32.72 -48.72
C LYS D 8 -3.82 33.04 -49.49
N LYS D 9 -3.71 33.25 -50.80
CA LYS D 9 -4.92 33.53 -51.58
C LYS D 9 -5.83 32.31 -51.66
N GLU D 10 -5.25 31.15 -51.97
CA GLU D 10 -6.07 29.95 -52.16
C GLU D 10 -6.78 29.55 -50.87
N THR D 11 -6.07 29.60 -49.75
CA THR D 11 -6.61 29.17 -48.47
C THR D 11 -7.24 30.33 -47.71
N GLY D 12 -6.44 31.36 -47.41
CA GLY D 12 -6.87 32.46 -46.59
C GLY D 12 -6.01 32.69 -45.38
N PHE D 13 -4.98 31.86 -45.17
CA PHE D 13 -4.12 31.97 -44.00
C PHE D 13 -3.33 33.26 -44.03
N SER D 14 -2.53 33.47 -42.99
CA SER D 14 -1.54 34.52 -42.95
C SER D 14 -0.18 33.93 -43.32
N HIS D 15 0.79 34.81 -43.57
CA HIS D 15 2.13 34.31 -43.89
C HIS D 15 2.72 33.54 -42.72
N SER D 16 2.57 34.06 -41.50
CA SER D 16 3.15 33.37 -40.35
C SER D 16 2.44 32.06 -40.06
N GLN D 17 1.12 32.01 -40.25
CA GLN D 17 0.40 30.76 -40.11
C GLN D 17 0.90 29.73 -41.11
N ILE D 18 1.10 30.15 -42.36
CA ILE D 18 1.61 29.24 -43.38
C ILE D 18 3.01 28.78 -43.03
N THR D 19 3.85 29.68 -42.51
CA THR D 19 5.20 29.29 -42.15
C THR D 19 5.21 28.27 -41.03
N ARG D 20 4.40 28.49 -40.00
CA ARG D 20 4.35 27.53 -38.90
C ARG D 20 3.81 26.19 -39.37
N LEU D 21 2.77 26.20 -40.20
CA LEU D 21 2.24 24.94 -40.70
C LEU D 21 3.21 24.25 -41.64
N TYR D 22 4.04 25.01 -42.36
CA TYR D 22 5.06 24.40 -43.18
C TYR D 22 6.13 23.75 -42.31
N SER D 23 6.48 24.39 -41.20
CA SER D 23 7.43 23.77 -40.28
C SER D 23 6.86 22.47 -39.72
N ARG D 24 5.57 22.47 -39.38
CA ARG D 24 4.92 21.24 -38.93
C ARG D 24 4.92 20.19 -40.03
N PHE D 25 4.69 20.61 -41.28
CA PHE D 25 4.68 19.68 -42.40
C PHE D 25 6.04 19.02 -42.58
N THR D 26 7.09 19.84 -42.67
CA THR D 26 8.43 19.29 -42.84
C THR D 26 8.90 18.52 -41.62
N SER D 27 8.31 18.76 -40.45
CA SER D 27 8.58 17.87 -39.31
C SER D 27 7.86 16.55 -39.49
N LEU D 28 6.63 16.59 -39.99
CA LEU D 28 5.84 15.39 -40.27
C LEU D 28 6.43 14.58 -41.40
N ASP D 29 7.37 15.14 -42.15
CA ASP D 29 7.91 14.48 -43.33
C ASP D 29 9.14 13.65 -43.01
N LYS D 30 9.16 12.99 -41.86
CA LYS D 30 10.22 12.03 -41.55
C LYS D 30 10.38 11.08 -42.73
N GLY D 31 11.53 11.15 -43.38
CA GLY D 31 11.72 10.55 -44.69
C GLY D 31 12.07 11.56 -45.76
N GLU D 32 11.66 12.81 -45.59
CA GLU D 32 12.08 13.93 -46.42
C GLU D 32 11.83 13.64 -47.91
N ASN D 33 10.57 13.34 -48.20
CA ASN D 33 10.14 13.03 -49.55
C ASN D 33 9.58 14.23 -50.30
N GLY D 34 9.62 15.43 -49.69
CA GLY D 34 8.97 16.59 -50.25
C GLY D 34 7.47 16.54 -50.22
N THR D 35 6.88 15.41 -49.85
CA THR D 35 5.45 15.22 -49.79
C THR D 35 5.15 14.39 -48.55
N LEU D 36 3.93 13.90 -48.43
CA LEU D 36 3.53 13.25 -47.18
C LEU D 36 2.54 12.14 -47.50
N SER D 37 2.72 10.99 -46.85
CA SER D 37 1.97 9.78 -47.19
C SER D 37 0.99 9.43 -46.08
N ARG D 38 0.26 8.33 -46.29
CA ARG D 38 -0.70 7.86 -45.29
C ARG D 38 -0.02 7.51 -43.99
N GLU D 39 1.10 6.79 -44.07
CA GLU D 39 1.78 6.34 -42.87
C GLU D 39 2.49 7.48 -42.15
N ASP D 40 2.83 8.56 -42.85
CA ASP D 40 3.39 9.73 -42.17
C ASP D 40 2.35 10.37 -41.25
N PHE D 41 1.11 10.45 -41.70
CA PHE D 41 0.03 10.87 -40.81
C PHE D 41 -0.21 9.84 -39.72
N GLN D 42 -0.22 8.56 -40.08
CA GLN D 42 -0.45 7.50 -39.12
C GLN D 42 0.60 7.49 -38.02
N ARG D 43 1.79 8.01 -38.32
CA ARG D 43 2.86 8.04 -37.35
C ARG D 43 2.58 9.02 -36.22
N ILE D 44 1.60 9.90 -36.38
CA ILE D 44 1.24 10.84 -35.31
C ILE D 44 0.69 10.05 -34.13
N PRO D 45 1.20 10.26 -32.92
CA PRO D 45 0.88 9.34 -31.82
C PRO D 45 -0.58 9.24 -31.47
N GLU D 46 -1.34 10.32 -31.54
CA GLU D 46 -2.71 10.31 -31.04
C GLU D 46 -3.74 10.46 -32.15
N LEU D 47 -3.36 10.17 -33.38
CA LEU D 47 -4.37 9.97 -34.43
C LEU D 47 -4.90 8.54 -34.40
N ALA D 48 -4.06 7.58 -34.04
CA ALA D 48 -4.50 6.20 -33.86
C ALA D 48 -5.47 6.09 -32.70
N ILE D 49 -5.46 7.04 -31.78
CA ILE D 49 -6.44 7.09 -30.70
C ILE D 49 -7.77 7.67 -31.18
N ASN D 50 -7.75 8.48 -32.23
CA ASN D 50 -8.97 9.10 -32.70
C ASN D 50 -9.87 8.07 -33.35
N PRO D 51 -11.13 7.96 -32.94
CA PRO D 51 -12.03 7.03 -33.62
C PRO D 51 -12.20 7.33 -35.10
N LEU D 52 -12.18 8.61 -35.48
CA LEU D 52 -12.32 9.00 -36.87
C LEU D 52 -10.99 9.36 -37.51
N GLY D 53 -9.86 8.96 -36.90
CA GLY D 53 -8.58 9.42 -37.38
C GLY D 53 -8.27 8.98 -38.80
N ASP D 54 -8.60 7.73 -39.14
CA ASP D 54 -8.28 7.22 -40.47
C ASP D 54 -9.07 7.95 -41.54
N ARG D 55 -10.34 8.28 -41.27
CA ARG D 55 -11.11 9.05 -42.24
C ARG D 55 -10.52 10.43 -42.43
N ILE D 56 -10.05 11.05 -41.34
CA ILE D 56 -9.39 12.35 -41.45
C ILE D 56 -8.17 12.24 -42.36
N ILE D 57 -7.32 11.25 -42.09
CA ILE D 57 -6.11 11.08 -42.86
C ILE D 57 -6.45 10.89 -44.33
N ASN D 58 -7.43 10.02 -44.61
CA ASN D 58 -7.82 9.80 -46.00
C ASN D 58 -8.33 11.09 -46.63
N ALA D 59 -9.10 11.86 -45.88
CA ALA D 59 -9.61 13.13 -46.40
C ALA D 59 -8.49 14.10 -46.73
N PHE D 60 -7.33 13.96 -46.09
CA PHE D 60 -6.23 14.85 -46.43
C PHE D 60 -5.71 14.62 -47.84
N PHE D 61 -5.89 13.44 -48.37
CA PHE D 61 -5.37 13.11 -49.69
C PHE D 61 -6.48 13.20 -50.73
N PRO D 62 -6.14 13.54 -51.98
CA PRO D 62 -7.16 13.55 -53.03
C PRO D 62 -7.53 12.13 -53.42
N GLU D 63 -8.76 11.99 -53.91
CA GLU D 63 -9.23 10.69 -54.38
C GLU D 63 -8.33 10.18 -55.50
N GLY D 64 -7.92 8.94 -55.39
CA GLY D 64 -7.00 8.36 -56.36
C GLY D 64 -5.54 8.46 -55.98
N GLU D 65 -5.08 9.66 -55.68
CA GLU D 65 -3.69 9.84 -55.27
C GLU D 65 -3.46 9.20 -53.91
N ASP D 66 -2.19 8.92 -53.61
CA ASP D 66 -1.79 8.35 -52.33
C ASP D 66 -0.73 9.20 -51.65
N GLN D 67 -0.65 10.48 -52.00
CA GLN D 67 0.31 11.38 -51.37
C GLN D 67 -0.27 12.80 -51.41
N VAL D 68 0.26 13.65 -50.55
CA VAL D 68 -0.16 15.05 -50.49
C VAL D 68 1.08 15.91 -50.30
N ASN D 69 1.11 17.05 -50.97
CA ASN D 69 2.20 18.01 -50.81
C ASN D 69 1.72 19.11 -49.88
N PHE D 70 2.56 20.13 -49.69
CA PHE D 70 2.23 21.18 -48.75
C PHE D 70 0.99 21.95 -49.18
N ARG D 71 0.82 22.17 -50.48
CA ARG D 71 -0.36 22.90 -50.95
C ARG D 71 -1.63 22.13 -50.62
N GLY D 72 -1.62 20.82 -50.83
CA GLY D 72 -2.78 20.02 -50.48
C GLY D 72 -3.00 19.97 -48.98
N PHE D 73 -1.92 19.85 -48.21
CA PHE D 73 -2.00 19.95 -46.76
C PHE D 73 -2.73 21.21 -46.34
N MET D 74 -2.33 22.35 -46.91
CA MET D 74 -2.95 23.62 -46.54
C MET D 74 -4.37 23.72 -47.04
N ARG D 75 -4.66 23.18 -48.23
CA ARG D 75 -6.02 23.23 -48.76
C ARG D 75 -6.98 22.49 -47.85
N THR D 76 -6.64 21.24 -47.52
CA THR D 76 -7.51 20.47 -46.64
C THR D 76 -7.44 20.94 -45.20
N LEU D 77 -6.45 21.73 -44.84
CA LEU D 77 -6.32 22.23 -43.49
C LEU D 77 -6.94 23.60 -43.30
N ALA D 78 -7.28 24.29 -44.39
CA ALA D 78 -7.86 25.62 -44.31
C ALA D 78 -9.36 25.60 -44.11
N HIS D 79 -10.01 24.44 -44.21
CA HIS D 79 -11.44 24.39 -43.93
C HIS D 79 -11.74 24.70 -42.47
N PHE D 80 -10.74 24.63 -41.60
CA PHE D 80 -10.93 24.78 -40.17
C PHE D 80 -10.53 26.13 -39.65
N ARG D 81 -10.24 27.07 -40.54
CA ARG D 81 -10.09 28.44 -40.12
C ARG D 81 -11.45 29.00 -39.69
N PRO D 82 -11.50 29.82 -38.65
CA PRO D 82 -12.75 30.50 -38.31
C PRO D 82 -13.05 31.58 -39.34
N ILE D 83 -14.33 31.93 -39.42
CA ILE D 83 -14.77 33.04 -40.26
C ILE D 83 -14.96 34.27 -39.39
N GLU D 84 -14.43 35.40 -39.85
CA GLU D 84 -14.64 36.69 -39.21
C GLU D 84 -15.75 37.42 -39.93
N ASP D 85 -16.72 37.95 -39.16
CA ASP D 85 -17.91 38.54 -39.73
C ASP D 85 -17.61 39.81 -40.52
N ASN D 86 -16.78 40.68 -39.95
CA ASN D 86 -16.44 41.93 -40.61
C ASN D 86 -15.71 41.72 -41.93
N GLU D 87 -15.02 40.57 -42.08
CA GLU D 87 -14.37 40.27 -43.35
C GLU D 87 -15.38 40.04 -44.46
N LYS D 88 -16.37 39.17 -44.21
CA LYS D 88 -17.36 38.88 -45.23
C LYS D 88 -18.36 40.02 -45.40
N SER D 89 -18.50 40.89 -44.41
CA SER D 89 -19.37 42.05 -44.55
C SER D 89 -18.72 43.19 -45.32
N LYS D 90 -17.43 43.09 -45.62
CA LYS D 90 -16.67 44.20 -46.22
C LYS D 90 -16.58 44.09 -47.73
N ASP D 91 -15.99 43.01 -48.24
CA ASP D 91 -15.84 42.78 -49.69
C ASP D 91 -16.69 41.58 -50.07
N VAL D 92 -17.93 41.86 -50.47
CA VAL D 92 -18.87 40.82 -50.87
C VAL D 92 -18.68 40.58 -52.36
N ASN D 93 -17.99 39.50 -52.71
CA ASN D 93 -17.82 39.09 -54.10
C ASN D 93 -18.36 37.70 -54.37
N GLY D 94 -18.05 36.72 -53.52
CA GLY D 94 -18.52 35.37 -53.72
C GLY D 94 -18.29 34.47 -52.53
N PRO D 95 -19.00 33.30 -52.50
CA PRO D 95 -18.85 32.33 -51.41
C PRO D 95 -17.73 31.33 -51.66
N GLU D 96 -16.56 31.83 -52.03
CA GLU D 96 -15.40 31.01 -52.31
C GLU D 96 -14.70 30.38 -51.10
N PRO D 97 -14.70 30.98 -49.90
CA PRO D 97 -13.73 30.55 -48.88
C PRO D 97 -13.81 29.07 -48.57
N LEU D 98 -12.64 28.44 -48.51
CA LEU D 98 -12.55 27.04 -48.11
C LEU D 98 -12.91 26.82 -46.66
N ASN D 99 -13.00 27.88 -45.86
CA ASN D 99 -13.41 27.77 -44.47
C ASN D 99 -14.86 28.17 -44.25
N SER D 100 -15.67 28.19 -45.31
CA SER D 100 -17.08 28.52 -45.15
C SER D 100 -17.81 27.39 -44.43
N ARG D 101 -18.98 27.73 -43.88
CA ARG D 101 -19.72 26.75 -43.10
C ARG D 101 -20.06 25.53 -43.94
N SER D 102 -20.50 25.74 -45.18
CA SER D 102 -20.80 24.62 -46.05
C SER D 102 -19.57 23.78 -46.32
N ASN D 103 -18.39 24.38 -46.29
CA ASN D 103 -17.18 23.61 -46.58
C ASN D 103 -16.79 22.71 -45.41
N LYS D 104 -16.93 23.19 -44.18
CA LYS D 104 -16.74 22.30 -43.03
C LYS D 104 -17.77 21.19 -43.03
N LEU D 105 -19.02 21.54 -43.33
CA LEU D 105 -20.06 20.53 -43.43
C LEU D 105 -19.72 19.49 -44.48
N HIS D 106 -19.19 19.94 -45.62
CA HIS D 106 -18.82 19.03 -46.69
C HIS D 106 -17.64 18.17 -46.30
N PHE D 107 -16.70 18.70 -45.51
CA PHE D 107 -15.59 17.89 -45.05
C PHE D 107 -16.07 16.73 -44.19
N ALA D 108 -16.92 17.04 -43.20
CA ALA D 108 -17.46 15.97 -42.37
C ALA D 108 -18.30 15.01 -43.22
N PHE D 109 -19.02 15.54 -44.20
CA PHE D 109 -19.82 14.71 -45.09
C PHE D 109 -18.94 13.72 -45.84
N ARG D 110 -17.89 14.20 -46.48
CA ARG D 110 -16.97 13.33 -47.20
C ARG D 110 -16.33 12.32 -46.28
N LEU D 111 -16.22 12.62 -44.99
CA LEU D 111 -15.88 11.56 -44.04
C LEU D 111 -16.97 10.52 -43.96
N TYR D 112 -18.23 10.94 -43.87
CA TYR D 112 -19.31 9.97 -43.82
C TYR D 112 -19.42 9.19 -45.12
N ASP D 113 -19.27 9.88 -46.25
CA ASP D 113 -19.41 9.29 -47.58
C ASP D 113 -18.05 8.77 -48.01
N LEU D 114 -17.75 7.51 -47.67
CA LEU D 114 -16.50 6.91 -48.08
C LEU D 114 -16.44 6.67 -49.59
N ASP D 115 -17.59 6.61 -50.24
CA ASP D 115 -17.66 6.45 -51.68
C ASP D 115 -17.57 7.78 -52.43
N LYS D 116 -17.68 8.91 -51.71
CA LYS D 116 -17.76 10.23 -52.34
C LYS D 116 -18.94 10.30 -53.31
N ASP D 117 -20.01 9.59 -52.97
CA ASP D 117 -21.20 9.51 -53.80
C ASP D 117 -21.96 10.83 -53.83
N GLU D 118 -21.72 11.71 -52.86
CA GLU D 118 -22.46 12.94 -52.55
C GLU D 118 -23.71 12.57 -51.76
N LYS D 119 -23.98 11.29 -51.53
CA LYS D 119 -25.08 10.84 -50.70
C LYS D 119 -24.59 9.77 -49.73
N ILE D 120 -25.07 9.81 -48.50
CA ILE D 120 -24.70 8.84 -47.47
C ILE D 120 -25.79 7.79 -47.41
N SER D 121 -25.43 6.54 -47.72
CA SER D 121 -26.37 5.45 -47.62
C SER D 121 -26.47 5.00 -46.17
N ARG D 122 -27.39 4.05 -45.92
CA ARG D 122 -27.47 3.45 -44.60
C ARG D 122 -26.20 2.70 -44.25
N ASP D 123 -25.59 2.05 -45.24
CA ASP D 123 -24.37 1.30 -44.98
C ASP D 123 -23.22 2.21 -44.58
N GLU D 124 -23.06 3.35 -45.27
CA GLU D 124 -21.98 4.27 -44.92
C GLU D 124 -22.17 4.86 -43.53
N LEU D 125 -23.39 5.29 -43.23
CA LEU D 125 -23.68 5.82 -41.90
C LEU D 125 -23.47 4.79 -40.83
N LEU D 126 -23.89 3.55 -41.08
CA LEU D 126 -23.69 2.50 -40.09
C LEU D 126 -22.21 2.21 -39.90
N GLN D 127 -21.44 2.27 -40.99
CA GLN D 127 -20.00 2.02 -40.90
C GLN D 127 -19.34 3.07 -40.02
N VAL D 128 -19.68 4.34 -40.23
CA VAL D 128 -19.06 5.40 -39.43
C VAL D 128 -19.56 5.36 -37.99
N LEU D 129 -20.84 5.00 -37.79
CA LEU D 129 -21.35 4.85 -36.43
C LEU D 129 -20.61 3.73 -35.70
N ARG D 130 -20.36 2.62 -36.37
CA ARG D 130 -19.56 1.56 -35.77
C ARG D 130 -18.17 2.09 -35.44
N MET D 131 -17.57 2.85 -36.36
CA MET D 131 -16.19 3.27 -36.17
C MET D 131 -16.04 4.23 -35.01
N MET D 132 -17.14 4.85 -34.55
CA MET D 132 -17.07 5.91 -33.55
C MET D 132 -18.01 5.65 -32.37
N VAL D 133 -18.35 4.39 -32.13
CA VAL D 133 -19.17 4.01 -30.97
C VAL D 133 -18.55 2.77 -30.33
N GLY D 134 -18.57 2.73 -29.00
CA GLY D 134 -17.88 1.68 -28.28
C GLY D 134 -18.36 0.29 -28.70
N VAL D 135 -17.42 -0.65 -28.68
CA VAL D 135 -17.70 -2.01 -29.15
C VAL D 135 -18.76 -2.71 -28.34
N ASN D 136 -18.95 -2.29 -27.08
CA ASN D 136 -19.89 -3.00 -26.21
C ASN D 136 -21.31 -2.96 -26.73
N ILE D 137 -21.64 -1.95 -27.53
CA ILE D 137 -23.02 -1.78 -27.98
C ILE D 137 -23.40 -2.89 -28.94
N SER D 138 -24.66 -3.33 -28.86
CA SER D 138 -25.17 -4.32 -29.79
C SER D 138 -25.37 -3.70 -31.16
N ASP D 139 -25.01 -4.45 -32.20
CA ASP D 139 -25.20 -3.95 -33.56
C ASP D 139 -26.66 -3.74 -33.90
N GLU D 140 -27.58 -4.38 -33.17
CA GLU D 140 -29.00 -4.08 -33.35
C GLU D 140 -29.31 -2.64 -32.95
N GLN D 141 -28.81 -2.22 -31.79
CA GLN D 141 -28.99 -0.84 -31.36
C GLN D 141 -28.34 0.12 -32.35
N LEU D 142 -27.18 -0.27 -32.87
CA LEU D 142 -26.46 0.58 -33.82
C LEU D 142 -27.23 0.72 -35.12
N GLY D 143 -27.82 -0.37 -35.61
CA GLY D 143 -28.65 -0.27 -36.80
C GLY D 143 -29.91 0.54 -36.56
N SER D 144 -30.50 0.41 -35.36
CA SER D 144 -31.63 1.25 -35.00
C SER D 144 -31.24 2.71 -35.03
N ILE D 145 -30.07 3.04 -34.48
CA ILE D 145 -29.57 4.42 -34.49
C ILE D 145 -29.39 4.90 -35.91
N ALA D 146 -28.77 4.08 -36.76
CA ALA D 146 -28.50 4.49 -38.13
C ALA D 146 -29.78 4.77 -38.90
N ASP D 147 -30.73 3.85 -38.83
CA ASP D 147 -31.95 4.02 -39.61
C ASP D 147 -32.83 5.13 -39.04
N ARG D 148 -32.88 5.28 -37.72
CA ARG D 148 -33.58 6.41 -37.14
C ARG D 148 -32.94 7.72 -37.58
N THR D 149 -31.61 7.76 -37.64
CA THR D 149 -30.91 8.96 -38.07
C THR D 149 -31.28 9.32 -39.49
N ILE D 150 -31.23 8.34 -40.40
CA ILE D 150 -31.59 8.63 -41.78
C ILE D 150 -33.04 9.08 -41.89
N GLN D 151 -33.94 8.39 -41.19
CA GLN D 151 -35.35 8.73 -41.26
C GLN D 151 -35.60 10.15 -40.76
N GLU D 152 -34.95 10.55 -39.66
CA GLU D 152 -35.16 11.88 -39.12
C GLU D 152 -34.42 12.95 -39.89
N ALA D 153 -33.46 12.57 -40.73
CA ALA D 153 -32.76 13.53 -41.58
C ALA D 153 -33.26 13.52 -43.01
N ASP D 154 -33.39 12.34 -43.62
CA ASP D 154 -33.87 12.24 -44.99
C ASP D 154 -35.37 12.55 -44.97
N GLN D 155 -35.68 13.84 -44.93
CA GLN D 155 -37.07 14.25 -45.06
C GLN D 155 -37.61 14.01 -46.47
N ASP D 156 -36.73 13.71 -47.43
CA ASP D 156 -37.13 13.13 -48.70
C ASP D 156 -37.42 11.64 -48.50
N GLY D 157 -37.76 10.95 -49.59
CA GLY D 157 -38.13 9.56 -49.54
C GLY D 157 -37.08 8.58 -50.00
N ASP D 158 -35.83 9.00 -50.13
CA ASP D 158 -34.80 8.19 -50.77
C ASP D 158 -34.00 7.34 -49.77
N SER D 159 -34.31 7.42 -48.48
CA SER D 159 -33.64 6.64 -47.44
C SER D 159 -32.13 6.84 -47.46
N ILE D 160 -31.71 8.05 -47.81
CA ILE D 160 -30.31 8.41 -47.91
C ILE D 160 -30.12 9.80 -47.33
N ALA D 161 -29.06 9.99 -46.56
CA ALA D 161 -28.71 11.32 -46.04
C ALA D 161 -27.84 11.98 -47.10
N SER D 162 -28.50 12.61 -48.06
CA SER D 162 -27.77 13.36 -49.06
C SER D 162 -27.39 14.73 -48.51
N PHE D 163 -26.52 15.42 -49.25
CA PHE D 163 -25.81 16.58 -48.69
C PHE D 163 -26.76 17.68 -48.27
N THR D 164 -27.75 18.02 -49.09
CA THR D 164 -28.64 19.10 -48.71
C THR D 164 -29.39 18.79 -47.43
N GLU D 165 -29.73 17.53 -47.21
CA GLU D 165 -30.37 17.14 -45.95
C GLU D 165 -29.42 17.25 -44.78
N PHE D 166 -28.12 17.03 -45.02
CA PHE D 166 -27.13 17.17 -43.95
C PHE D 166 -27.12 18.61 -43.42
N VAL D 167 -27.06 19.58 -44.32
CA VAL D 167 -27.03 20.98 -43.90
C VAL D 167 -28.33 21.34 -43.18
N LYS D 168 -29.47 20.86 -43.69
CA LYS D 168 -30.75 21.18 -43.06
C LYS D 168 -30.80 20.63 -41.65
N VAL D 169 -30.35 19.39 -41.43
CA VAL D 169 -30.42 18.82 -40.09
C VAL D 169 -29.37 19.47 -39.19
N LEU D 170 -28.28 19.99 -39.76
CA LEU D 170 -27.26 20.67 -38.97
C LEU D 170 -27.50 22.18 -38.86
N GLU D 171 -28.64 22.66 -39.34
CA GLU D 171 -28.91 24.10 -39.28
C GLU D 171 -28.94 24.61 -37.85
N LYS D 172 -29.09 23.73 -36.87
CA LYS D 172 -29.13 24.14 -35.48
C LYS D 172 -27.75 24.17 -34.82
N VAL D 173 -26.80 23.40 -35.34
CA VAL D 173 -25.48 23.26 -34.71
C VAL D 173 -24.55 24.37 -35.17
N ASP D 174 -23.82 24.95 -34.22
CA ASP D 174 -22.81 25.97 -34.51
C ASP D 174 -21.59 25.26 -35.11
N VAL D 175 -21.71 24.91 -36.39
CA VAL D 175 -20.57 24.37 -37.12
C VAL D 175 -19.43 25.39 -37.13
N GLU D 176 -19.78 26.67 -37.25
CA GLU D 176 -18.78 27.73 -37.34
C GLU D 176 -17.86 27.79 -36.14
N GLN D 177 -18.31 27.29 -34.98
CA GLN D 177 -17.50 27.34 -33.77
C GLN D 177 -16.91 25.99 -33.40
N LYS D 178 -17.66 24.91 -33.53
CA LYS D 178 -17.15 23.63 -33.07
C LYS D 178 -16.30 22.93 -34.12
N MET D 179 -16.13 23.53 -35.29
CA MET D 179 -15.14 23.10 -36.27
C MET D 179 -14.40 24.31 -36.82
N SER D 180 -13.85 25.11 -35.92
CA SER D 180 -12.97 26.21 -36.28
C SER D 180 -11.78 26.20 -35.35
N ILE D 181 -10.64 26.62 -35.88
CA ILE D 181 -9.38 26.54 -35.16
C ILE D 181 -8.60 27.84 -35.30
N ARG D 182 -8.12 28.36 -34.18
CA ARG D 182 -7.17 29.47 -34.19
C ARG D 182 -5.79 28.91 -34.49
N PHE D 183 -5.43 28.85 -35.77
CA PHE D 183 -4.08 28.45 -36.13
C PHE D 183 -3.10 29.53 -35.68
N LEU D 184 -2.00 29.10 -35.07
CA LEU D 184 -1.07 30.04 -34.48
C LEU D 184 -0.28 30.77 -35.55
N HIS D 185 0.25 31.93 -35.17
CA HIS D 185 1.00 32.76 -36.09
C HIS D 185 2.50 32.52 -35.93
C2 85R E . -1.25 -30.24 23.07
C3 85R E . -1.26 -31.36 22.01
C4 85R E . -0.55 -31.07 20.66
C5 85R E . -0.34 -29.59 20.35
C6 85R E . -1.42 -28.77 21.04
CA1 85R E . 0.60 -28.41 29.41
CA2 85R E . 0.63 -28.93 30.85
CA3 85R E . -0.17 -28.07 31.82
CA4 85R E . 0.24 -26.59 31.75
CA5 85R E . 1.72 -26.38 32.08
CA6 85R E . 1.92 -25.13 32.95
CA7 85R E . 0.73 -24.90 33.91
CA8 85R E . 0.70 -23.49 34.51
CA9 85R E . 2.03 -22.74 34.37
CAA 85R E . 2.63 -22.35 35.72
CAB 85R E . 4.12 -22.66 35.80
CAC 85R E . 4.46 -24.06 35.28
CAD 85R E . 5.45 -24.79 36.18
CAE 85R E . 6.90 -24.52 35.78
CAF 85R E . 7.23 -25.03 34.37
CAG 85R E . 8.19 -26.20 34.38
OA1 85R E . -0.51 -28.69 28.59
OA2 85R E . 1.52 -27.80 29.00
CB1 85R E . -0.59 -24.71 28.69
CB2 85R E . 0.41 -23.71 29.25
CB3 85R E . -0.25 -22.71 30.19
CB4 85R E . 0.27 -21.31 29.94
CB5 85R E . 0.64 -20.60 31.23
CB6 85R E . 0.25 -19.12 31.17
CB7 85R E . 1.06 -18.28 32.16
CB8 85R E . 0.42 -18.27 33.55
CB9 85R E . 1.32 -18.92 34.60
CBA 85R E . 1.67 -17.96 35.74
CBB 85R E . 2.45 -16.75 35.25
CBC 85R E . 3.54 -16.34 36.23
CBD 85R E . 4.86 -17.06 35.95
CBE 85R E . 5.15 -18.17 36.97
CBF 85R E . 6.55 -18.08 37.57
CBG 85R E . 7.58 -18.91 36.80
OB1 85R E . -0.14 -25.76 27.88
OB2 85R E . -1.74 -24.60 28.95
P1 85R E . -1.35 -26.46 23.66
C1 85R E . -1.11 -28.82 22.52
O1 85R E . -1.95 -27.92 23.19
O2 85R E . -2.46 -30.31 23.77
O3 85R E . -2.59 -31.71 21.75
O4 85R E . 0.70 -31.72 20.71
O5 85R E . -0.43 -29.39 18.97
O6 85R E . -1.39 -27.45 20.60
C7 85R E . -1.76 -26.24 26.23
C8 85R E . -1.14 -26.67 27.55
C9 85R E . -0.49 -28.03 27.36
O11 85R E . -0.21 -26.05 22.79
O12 85R E . -2.42 -25.42 23.58
O13 85R E . -0.84 -26.56 25.22
C48 PGT F . 23.20 9.28 8.99
C47 PGT F . 22.98 10.34 10.06
C46 PGT F . 24.15 11.33 10.06
C45 PGT F . 23.92 12.32 11.19
C44 PGT F . 24.94 13.43 11.12
C43 PGT F . 24.99 14.14 12.47
C42 PGT F . 23.86 15.16 12.54
C41 PGT F . 23.00 14.88 13.76
C40 PGT F . 22.07 16.06 13.98
C39 PGT F . 21.15 15.76 15.16
C38 PGT F . 19.94 14.96 14.71
C37 PGT F . 18.86 15.04 15.79
C36 PGT F . 17.82 13.94 15.55
C35 PGT F . 17.20 13.52 16.87
C34 PGT F . 16.29 12.32 16.66
C11 PGT G . 9.24 8.08 12.90
C12 PGT G . 8.46 8.24 14.21
C13 PGT G . 9.44 8.30 15.38
C14 PGT G . 10.80 8.77 14.86
C15 PGT G . 11.76 8.91 16.03
C16 PGT G . 11.92 10.38 16.37
C17 PGT G . 12.96 10.55 17.47
C18 PGT G . 12.82 11.95 18.07
C19 PGT G . 13.26 11.94 19.53
C20 PGT G . 12.52 13.02 20.29
C48 PGT H . 0.25 0.41 13.88
C47 PGT H . 0.20 1.82 14.45
C46 PGT H . 0.10 2.83 13.31
C45 PGT H . 0.91 4.08 13.68
C44 PGT H . 2.15 3.65 14.47
C43 PGT H . 2.61 4.79 15.36
C42 PGT H . 2.78 6.05 14.51
C41 PGT H . 3.43 5.68 13.19
C40 PGT H . 4.90 6.06 13.20
C39 PGT H . 5.69 5.05 12.37
C38 PGT H . 7.06 4.83 12.99
C37 PGT H . 8.04 4.39 11.90
C36 PGT H . 8.46 5.60 11.08
C35 PGT H . 8.79 5.16 9.66
C34 PGT H . 7.81 5.80 8.68
C33 PGT H . 7.70 4.94 7.43
C32 PGT H . 8.40 5.64 6.26
C31 PGT H . 8.66 4.65 5.14
C11 PGT I . 4.75 8.98 13.37
C12 PGT I . 4.46 9.58 14.75
C13 PGT I . 4.98 11.01 14.81
C14 PGT I . 6.31 11.03 15.55
C15 PGT I . 6.18 11.95 16.77
C16 PGT I . 7.55 12.54 17.10
C17 PGT I . 7.76 12.51 18.61
C18 PGT I . 7.18 13.77 19.24
C19 PGT I . 7.16 13.62 20.76
C20 PGT I . 6.43 14.81 21.38
C48 PGT J . -0.13 5.34 9.59
C47 PGT J . -0.75 4.77 10.86
C46 PGT J . -1.48 5.88 11.61
C45 PGT J . -1.04 5.88 13.07
C44 PGT J . -0.57 7.28 13.46
C43 PGT J . -1.79 8.15 13.75
C42 PGT J . -1.32 9.57 14.08
C41 PGT J . -1.13 9.69 15.59
C40 PGT J . 0.30 10.15 15.87
C39 PGT J . 0.31 11.65 16.12
C38 PGT J . 1.69 12.07 16.59
C37 PGT J . 1.69 13.57 16.90
C36 PGT J . 1.08 13.79 18.28
C35 PGT J . 1.84 14.90 19.00
C34 PGT J . 3.31 14.52 19.10
C48 PGT K . 5.00 7.21 5.53
C47 PGT K . 6.43 7.26 4.99
C46 PGT K . 6.81 8.72 4.71
C45 PGT K . 8.19 9.00 5.31
C44 PGT K . 8.23 10.45 5.78
C43 PGT K . 8.41 10.47 7.30
C42 PGT K . 9.79 9.92 7.65
C41 PGT K . 10.09 10.20 9.12
C40 PGT K . 10.83 11.53 9.23
C39 PGT K . 10.04 12.46 10.15
C38 PGT K . 9.69 11.72 11.43
C37 PGT K . 9.45 12.72 12.55
C36 PGT K . 10.72 12.86 13.39
C35 PGT K . 10.85 14.31 13.85
C34 PGT K . 11.23 14.33 15.33
C33 PGT K . 10.26 15.24 16.09
C2 85R L . -0.02 27.30 -26.51
C3 85R L . -0.84 26.57 -27.60
C4 85R L . -1.89 25.53 -27.14
C5 85R L . -1.67 25.00 -25.72
C6 85R L . -0.20 25.08 -25.38
CA1 85R L . 1.66 33.32 -23.69
CA2 85R L . 2.03 34.75 -24.05
CA3 85R L . 3.41 35.17 -23.52
CA4 85R L . 3.55 34.91 -22.03
CA5 85R L . 2.52 35.69 -21.20
CA6 85R L . 3.14 36.28 -19.93
CA7 85R L . 4.61 36.68 -20.15
CA8 85R L . 5.38 36.90 -18.83
CA9 85R L . 4.46 37.08 -17.62
CAA 85R L . 4.65 38.43 -16.93
CAB 85R L . 3.30 39.09 -16.59
CAC 85R L . 2.32 39.04 -17.76
CAD 85R L . 1.60 40.37 -17.98
CAE 85R L . 0.30 40.47 -17.16
CAF 85R L . -0.71 39.39 -17.57
CAG 85R L . -1.93 40.01 -18.25
OA1 85R L . 2.16 32.25 -24.44
OA2 85R L . 0.94 33.12 -22.78
CB1 85R L . 3.66 31.42 -20.84
CB2 85R L . 3.39 32.06 -19.49
CB3 85R L . 4.69 32.46 -18.80
CB4 85R L . 4.64 32.11 -17.32
CB5 85R L . 5.10 33.26 -16.44
CB6 85R L . 5.91 32.74 -15.25
CB7 85R L . 5.93 33.73 -14.10
CB8 85R L . 7.04 34.77 -14.25
CB9 85R L . 6.49 36.19 -14.41
CBA 85R L . 6.99 37.13 -13.33
CBB 85R L . 6.57 36.70 -11.93
CBC 85R L . 6.18 37.88 -11.05
CBD 85R L . 4.71 38.25 -11.19
CBE 85R L . 4.49 39.52 -12.02
CBF 85R L . 3.59 40.54 -11.33
CBG 85R L . 2.11 40.39 -11.71
OB1 85R L . 2.59 31.08 -21.67
OB2 85R L . 4.77 31.23 -21.19
P1 85R L . 1.63 26.96 -23.07
C1 85R L . 0.13 26.54 -25.18
O1 85R L . 1.43 26.65 -24.68
O2 85R L . 1.26 27.53 -27.02
O3 85R L . 0.06 25.94 -28.48
O4 85R L . -3.14 26.16 -27.20
O5 85R L . -2.09 23.66 -25.66
O6 85R L . 0.06 24.38 -24.19
C7 85R L . 3.10 29.11 -22.87
C8 85R L . 2.97 30.62 -22.92
C9 85R L . 1.86 30.98 -23.91
O11 85R L . 0.45 26.48 -22.29
O12 85R L . 2.86 26.28 -22.55
O13 85R L . 1.81 28.59 -22.85
C15 PGT M . 2.90 19.49 18.19
C16 PGT M . 1.48 19.46 17.62
C17 PGT M . 1.08 18.01 17.35
C18 PGT M . 0.16 17.96 16.13
C19 PGT M . 0.31 16.60 15.47
C20 PGT M . 0.09 16.72 13.97
C21 PGT M . -0.20 15.35 13.38
C22 PGT M . 0.86 14.98 12.34
C23 PGT M . 0.86 13.47 12.16
C11 PGT N . 5.68 12.17 9.90
C12 PGT N . 4.79 12.17 11.15
C13 PGT N . 5.47 12.99 12.25
C14 PGT N . 4.41 13.51 13.20
C15 PGT N . 5.04 14.54 14.14
C16 PGT N . 3.96 15.49 14.66
C17 PGT N . 4.51 16.25 15.85
C18 PGT N . 6.03 16.19 15.83
C19 PGT N . 6.60 17.03 16.98
C20 PGT N . 7.52 18.11 16.41
C48 PGT O . -11.95 14.54 19.17
C47 PGT O . -12.44 14.90 20.56
C46 PGT O . -11.39 15.70 21.32
C45 PGT O . -11.70 15.63 22.81
C44 PGT O . -10.96 16.74 23.55
C43 PGT O . -9.49 16.38 23.66
C42 PGT O . -8.86 17.14 24.82
C41 PGT O . -7.34 16.98 24.83
C40 PGT O . -6.80 17.30 23.44
C39 PGT O . -5.28 17.49 23.45
C38 PGT O . -4.75 16.93 22.15
C37 PGT O . -3.57 17.74 21.63
C36 PGT O . -3.43 17.50 20.14
C35 PGT O . -2.12 18.09 19.62
C34 PGT O . -2.36 19.52 19.14
C48 PGT P . 6.23 13.25 2.01
C47 PGT P . 5.50 12.32 2.98
C46 PGT P . 6.35 12.11 4.23
C45 PGT P . 5.77 12.92 5.39
C44 PGT P . 4.92 11.99 6.25
C43 PGT P . 3.91 12.83 7.05
C42 PGT P . 2.81 11.92 7.61
C41 PGT P . 1.45 12.53 7.28
C40 PGT P . 0.66 12.77 8.56
C39 PGT P . -0.63 11.96 8.47
C38 PGT P . -0.72 10.98 9.65
C37 PGT P . -0.62 9.55 9.13
C36 PGT P . -1.97 8.85 9.28
C35 PGT P . -2.24 7.98 8.06
C34 PGT P . -3.44 7.08 8.33
#